data_8I9O
#
_entry.id   8I9O
#
_cell.length_a   1.00
_cell.length_b   1.00
_cell.length_c   1.00
_cell.angle_alpha   90.00
_cell.angle_beta   90.00
_cell.angle_gamma   90.00
#
_symmetry.space_group_name_H-M   'P 1'
#
loop_
_entity.id
_entity.type
_entity.pdbx_description
1 polymer 'CTP synthase'
2 non-polymer ADENINE
3 non-polymer 5-OXO-L-NORLEUCINE
4 non-polymer "CYTIDINE-5'-TRIPHOSPHATE"
5 non-polymer 'MAGNESIUM ION'
#
_entity_poly.entity_id   1
_entity_poly.type   'polypeptide(L)'
_entity_poly.pdbx_seq_one_letter_code
;MTTNYIFVTGGVVSSLGKGIAAASLAAILEARGLNVTIMKLDPYINVDPGTMSPIQHGEVFVTEDGAETDLDLGHYERFI
RTKMSRRNNFTTGRIYSDVLRKERRGDYLGATVQVIPHITNAIKERVLEGGEGHDVVLVEIGGTVGDIESLPFLEAIRQM
AVEIGREHTLFMHLTLVPYMAASGEVKTKPTQHSVKELLSIGIQPDILICRSDRAVPANERAKIALFCNVPEKAVISLKD
VDSIYKIPGLLKSQGLDDYICKRFSLNCPEANLSEWEQVIFEEANPVSEVTIGMVGKYIELPDAYKSVIEALKHGGLKNR
VSVNIKLIDSQDVETRGVEILKGLDAILVPGGFGYRGVEGMITTARFARENNIPYLGICLGMQVALIDYARHVANMENAN
STEFVPDCKYPVVALITEWRDENGNVEVRSEKSDLGGTMRLGAQQCQLVDDSLVRQLYNAPTIVERHRHRYEVNNMLLKQ
IEDAGLRVAGRSGDDQLVEIIEVPNHPWFVACQFHPEFTSTPRDGHPLFAGFVKAASEFQKRQA
;
_entity_poly.pdbx_strand_id   A,B,C,D
#
loop_
_chem_comp.id
_chem_comp.type
_chem_comp.name
_chem_comp.formula
ADE non-polymer ADENINE 'C5 H5 N5'
CTP non-polymer CYTIDINE-5'-TRIPHOSPHATE 'C9 H16 N3 O14 P3'
MG non-polymer 'MAGNESIUM ION' 'Mg 2'
#
# COMPACT_ATOMS: atom_id res chain seq x y z
N THR A 2 4.93 -36.05 -9.39
CA THR A 2 4.54 -34.96 -8.50
C THR A 2 3.70 -33.94 -9.28
N THR A 3 2.83 -33.23 -8.56
CA THR A 3 1.86 -32.33 -9.17
C THR A 3 2.39 -30.91 -9.17
N ASN A 4 2.33 -30.26 -10.32
CA ASN A 4 2.71 -28.87 -10.49
C ASN A 4 1.47 -27.99 -10.54
N TYR A 5 1.60 -26.78 -10.01
CA TYR A 5 0.47 -25.85 -9.91
C TYR A 5 0.82 -24.54 -10.59
N ILE A 6 -0.11 -24.06 -11.41
CA ILE A 6 -0.04 -22.72 -11.99
C ILE A 6 -1.26 -21.95 -11.49
N PHE A 7 -1.01 -20.79 -10.89
CA PHE A 7 -2.07 -19.93 -10.34
C PHE A 7 -2.22 -18.71 -11.24
N VAL A 8 -3.42 -18.49 -11.75
CA VAL A 8 -3.70 -17.45 -12.73
C VAL A 8 -4.57 -16.38 -12.09
N THR A 9 -4.09 -15.14 -12.10
CA THR A 9 -4.77 -14.01 -11.49
C THR A 9 -4.86 -12.87 -12.50
N GLY A 10 -5.71 -11.89 -12.20
CA GLY A 10 -5.90 -10.76 -13.07
C GLY A 10 -5.79 -9.44 -12.34
N GLY A 11 -5.41 -8.40 -13.08
CA GLY A 11 -5.21 -7.09 -12.49
C GLY A 11 -5.75 -6.00 -13.40
N VAL A 12 -5.74 -4.78 -12.86
CA VAL A 12 -6.21 -3.55 -13.49
C VAL A 12 -7.73 -3.59 -13.62
N VAL A 13 -8.24 -4.39 -14.54
CA VAL A 13 -9.68 -4.52 -14.75
C VAL A 13 -10.02 -6.00 -14.88
N SER A 14 -11.28 -6.31 -14.64
CA SER A 14 -11.80 -7.64 -14.92
C SER A 14 -12.21 -7.72 -16.39
N SER A 15 -12.85 -8.82 -16.77
CA SER A 15 -13.30 -9.03 -18.15
C SER A 15 -12.14 -9.03 -19.14
N LEU A 16 -10.95 -9.43 -18.68
CA LEU A 16 -9.81 -9.55 -19.58
C LEU A 16 -9.83 -10.81 -20.41
N GLY A 17 -10.62 -11.81 -20.02
CA GLY A 17 -10.63 -13.08 -20.72
C GLY A 17 -9.72 -14.09 -20.07
N LYS A 18 -9.81 -14.21 -18.75
CA LYS A 18 -8.88 -15.07 -18.00
C LYS A 18 -9.15 -16.54 -18.29
N GLY A 19 -10.43 -16.93 -18.33
CA GLY A 19 -10.75 -18.33 -18.56
C GLY A 19 -10.30 -18.80 -19.93
N ILE A 20 -10.43 -17.95 -20.95
CA ILE A 20 -10.00 -18.32 -22.29
C ILE A 20 -8.48 -18.53 -22.32
N ALA A 21 -7.73 -17.64 -21.68
CA ALA A 21 -6.28 -17.77 -21.67
C ALA A 21 -5.83 -19.02 -20.91
N ALA A 22 -6.46 -19.31 -19.77
CA ALA A 22 -6.14 -20.51 -19.03
C ALA A 22 -6.48 -21.76 -19.84
N ALA A 23 -7.62 -21.75 -20.54
CA ALA A 23 -8.00 -22.88 -21.37
C ALA A 23 -7.02 -23.08 -22.51
N SER A 24 -6.57 -21.99 -23.12
CA SER A 24 -5.60 -22.10 -24.21
C SER A 24 -4.27 -22.66 -23.72
N LEU A 25 -3.80 -22.19 -22.56
CA LEU A 25 -2.55 -22.72 -22.03
C LEU A 25 -2.68 -24.20 -21.69
N ALA A 26 -3.81 -24.59 -21.10
CA ALA A 26 -4.06 -26.00 -20.83
C ALA A 26 -4.12 -26.81 -22.12
N ALA A 27 -4.70 -26.24 -23.18
CA ALA A 27 -4.72 -26.92 -24.46
C ALA A 27 -3.31 -27.15 -25.00
N ILE A 28 -2.44 -26.14 -24.87
CA ILE A 28 -1.06 -26.30 -25.31
C ILE A 28 -0.37 -27.41 -24.52
N LEU A 29 -0.56 -27.40 -23.20
CA LEU A 29 0.08 -28.42 -22.38
C LEU A 29 -0.46 -29.82 -22.66
N GLU A 30 -1.76 -29.92 -22.94
CA GLU A 30 -2.35 -31.21 -23.29
C GLU A 30 -1.84 -31.69 -24.65
N ALA A 31 -1.57 -30.77 -25.57
CA ALA A 31 -0.99 -31.13 -26.85
C ALA A 31 0.42 -31.67 -26.74
N ARG A 32 1.08 -31.50 -25.60
CA ARG A 32 2.41 -32.05 -25.37
C ARG A 32 2.37 -33.36 -24.60
N GLY A 33 1.19 -33.96 -24.44
CA GLY A 33 1.07 -35.24 -23.78
C GLY A 33 0.93 -35.20 -22.28
N LEU A 34 0.69 -34.04 -21.69
CA LEU A 34 0.59 -33.93 -20.25
C LEU A 34 -0.86 -34.12 -19.78
N ASN A 35 -0.98 -34.51 -18.52
CA ASN A 35 -2.29 -34.71 -17.88
C ASN A 35 -2.61 -33.46 -17.07
N VAL A 36 -3.46 -32.60 -17.62
CA VAL A 36 -3.73 -31.30 -17.03
C VAL A 36 -5.18 -31.24 -16.59
N THR A 37 -5.46 -30.32 -15.66
CA THR A 37 -6.82 -30.01 -15.27
C THR A 37 -6.89 -28.53 -14.90
N ILE A 38 -8.11 -28.00 -14.86
CA ILE A 38 -8.35 -26.60 -14.53
C ILE A 38 -9.40 -26.53 -13.44
N MET A 39 -9.24 -25.59 -12.52
CA MET A 39 -10.25 -25.33 -11.49
C MET A 39 -10.47 -23.83 -11.34
N LYS A 40 -11.71 -23.47 -11.03
CA LYS A 40 -12.14 -22.08 -10.96
C LYS A 40 -12.55 -21.73 -9.53
N LEU A 41 -12.08 -20.59 -9.04
CA LEU A 41 -12.40 -20.11 -7.71
C LEU A 41 -13.19 -18.81 -7.83
N ASP A 42 -14.42 -18.81 -7.36
CA ASP A 42 -15.33 -17.67 -7.46
C ASP A 42 -15.46 -16.98 -6.12
N PRO A 43 -15.35 -15.66 -6.06
CA PRO A 43 -15.48 -14.93 -4.80
C PRO A 43 -16.93 -14.53 -4.51
N TYR A 44 -17.85 -15.46 -4.70
CA TYR A 44 -19.28 -15.21 -4.53
C TYR A 44 -19.77 -15.80 -3.21
N ILE A 45 -20.79 -15.16 -2.64
CA ILE A 45 -21.40 -15.71 -1.43
C ILE A 45 -22.42 -16.79 -1.77
N ASN A 46 -22.91 -16.82 -3.00
CA ASN A 46 -23.78 -17.90 -3.43
C ASN A 46 -23.09 -19.24 -3.29
N VAL A 47 -23.77 -20.20 -2.70
CA VAL A 47 -23.18 -21.52 -2.51
C VAL A 47 -23.02 -22.24 -3.85
N ASP A 48 -23.98 -22.07 -4.75
CA ASP A 48 -23.92 -22.64 -6.09
C ASP A 48 -24.73 -21.76 -7.02
N PRO A 49 -24.44 -21.79 -8.34
CA PRO A 49 -25.11 -20.86 -9.26
C PRO A 49 -26.54 -21.25 -9.61
N GLY A 50 -27.06 -22.31 -8.99
CA GLY A 50 -28.44 -22.69 -9.27
C GLY A 50 -29.44 -21.62 -8.89
N THR A 51 -29.15 -20.88 -7.82
CA THR A 51 -30.02 -19.79 -7.42
C THR A 51 -29.87 -18.58 -8.35
N MET A 52 -28.69 -18.40 -8.94
CA MET A 52 -28.45 -17.24 -9.78
C MET A 52 -29.28 -17.30 -11.05
N SER A 53 -29.65 -16.14 -11.55
CA SER A 53 -30.49 -16.00 -12.73
C SER A 53 -29.63 -15.83 -13.98
N PRO A 54 -30.14 -16.23 -15.15
CA PRO A 54 -29.31 -16.18 -16.37
C PRO A 54 -28.89 -14.78 -16.77
N ILE A 55 -29.60 -13.73 -16.36
CA ILE A 55 -29.36 -12.39 -16.84
C ILE A 55 -28.42 -11.63 -15.92
N GLN A 56 -27.68 -12.36 -15.08
CA GLN A 56 -26.66 -11.78 -14.22
C GLN A 56 -25.26 -12.24 -14.60
N HIS A 57 -25.02 -13.55 -14.65
CA HIS A 57 -23.72 -14.08 -15.01
C HIS A 57 -23.72 -14.89 -16.30
N GLY A 58 -24.84 -15.48 -16.68
CA GLY A 58 -24.91 -16.22 -17.91
C GLY A 58 -25.46 -17.61 -17.67
N GLU A 59 -25.25 -18.48 -18.64
CA GLU A 59 -25.81 -19.82 -18.59
C GLU A 59 -25.16 -20.65 -17.50
N VAL A 60 -25.93 -21.59 -16.96
CA VAL A 60 -25.46 -22.51 -15.93
C VAL A 60 -24.96 -23.77 -16.61
N PHE A 61 -23.73 -24.16 -16.30
CA PHE A 61 -23.11 -25.34 -16.89
C PHE A 61 -23.38 -26.55 -16.01
N VAL A 62 -23.68 -27.68 -16.65
CA VAL A 62 -24.01 -28.92 -15.96
C VAL A 62 -22.92 -29.93 -16.26
N THR A 63 -22.31 -30.47 -15.21
CA THR A 63 -21.26 -31.45 -15.38
C THR A 63 -21.86 -32.85 -15.52
N GLU A 64 -21.00 -33.84 -15.71
CA GLU A 64 -21.47 -35.22 -15.86
C GLU A 64 -22.14 -35.71 -14.60
N ASP A 65 -21.63 -35.32 -13.44
CA ASP A 65 -22.10 -35.81 -12.16
C ASP A 65 -23.24 -34.98 -11.57
N GLY A 66 -23.67 -33.94 -12.25
CA GLY A 66 -24.80 -33.15 -11.81
C GLY A 66 -24.50 -31.85 -11.11
N ALA A 67 -23.23 -31.44 -11.06
CA ALA A 67 -22.91 -30.16 -10.46
C ALA A 67 -23.33 -29.02 -11.38
N GLU A 68 -23.73 -27.91 -10.77
CA GLU A 68 -24.00 -26.67 -11.48
C GLU A 68 -22.85 -25.71 -11.24
N THR A 69 -22.30 -25.17 -12.32
CA THR A 69 -21.04 -24.43 -12.28
C THR A 69 -21.17 -23.17 -13.14
N ASP A 70 -20.03 -22.60 -13.48
CA ASP A 70 -19.96 -21.38 -14.28
C ASP A 70 -19.67 -21.69 -15.75
N LEU A 71 -19.78 -20.65 -16.57
CA LEU A 71 -19.48 -20.75 -17.99
C LEU A 71 -18.01 -21.08 -18.24
N ASP A 72 -17.14 -20.77 -17.28
CA ASP A 72 -15.72 -21.07 -17.43
C ASP A 72 -15.49 -22.56 -17.59
N LEU A 73 -16.24 -23.39 -16.87
CA LEU A 73 -16.09 -24.82 -17.02
C LEU A 73 -16.55 -25.28 -18.39
N GLY A 74 -17.53 -24.61 -18.98
CA GLY A 74 -17.86 -24.86 -20.37
C GLY A 74 -16.72 -24.55 -21.31
N HIS A 75 -16.07 -23.41 -21.09
CA HIS A 75 -14.86 -23.08 -21.86
C HIS A 75 -13.82 -24.19 -21.73
N TYR A 76 -13.56 -24.62 -20.50
CA TYR A 76 -12.52 -25.62 -20.26
C TYR A 76 -12.84 -26.93 -20.95
N GLU A 77 -14.09 -27.39 -20.83
CA GLU A 77 -14.48 -28.64 -21.50
C GLU A 77 -14.42 -28.49 -23.01
N ARG A 78 -14.62 -27.28 -23.54
CA ARG A 78 -14.45 -27.08 -24.97
C ARG A 78 -12.99 -27.11 -25.38
N PHE A 79 -12.08 -26.79 -24.47
CA PHE A 79 -10.67 -26.67 -24.83
C PHE A 79 -9.83 -27.91 -24.52
N ILE A 80 -10.12 -28.62 -23.43
CA ILE A 80 -9.36 -29.80 -23.07
C ILE A 80 -10.31 -30.99 -23.00
N ARG A 81 -9.73 -32.17 -22.87
CA ARG A 81 -10.49 -33.42 -22.86
C ARG A 81 -10.48 -34.07 -21.49
N THR A 82 -10.61 -33.25 -20.46
CA THR A 82 -10.73 -33.69 -19.07
C THR A 82 -12.13 -33.31 -18.60
N LYS A 83 -12.88 -34.29 -18.10
CA LYS A 83 -14.25 -34.02 -17.69
C LYS A 83 -14.27 -33.32 -16.34
N MET A 84 -15.02 -32.22 -16.26
CA MET A 84 -15.12 -31.46 -15.04
C MET A 84 -16.07 -32.13 -14.06
N SER A 85 -16.07 -31.63 -12.83
CA SER A 85 -16.93 -32.17 -11.78
C SER A 85 -17.12 -31.08 -10.75
N ARG A 86 -17.70 -31.45 -9.59
CA ARG A 86 -17.83 -30.52 -8.49
C ARG A 86 -16.48 -30.07 -7.94
N ARG A 87 -15.44 -30.89 -8.11
CA ARG A 87 -14.12 -30.54 -7.58
C ARG A 87 -13.42 -29.45 -8.38
N ASN A 88 -13.96 -29.05 -9.52
CA ASN A 88 -13.29 -28.08 -10.38
C ASN A 88 -13.83 -26.66 -10.23
N ASN A 89 -14.73 -26.43 -9.27
CA ASN A 89 -15.32 -25.11 -9.10
C ASN A 89 -15.93 -25.03 -7.71
N PHE A 90 -15.60 -23.97 -6.98
CA PHE A 90 -16.27 -23.68 -5.72
C PHE A 90 -16.15 -22.19 -5.44
N THR A 91 -16.98 -21.73 -4.51
CA THR A 91 -17.10 -20.32 -4.20
C THR A 91 -16.70 -20.04 -2.76
N THR A 92 -16.65 -18.75 -2.43
CA THR A 92 -16.42 -18.33 -1.06
C THR A 92 -17.55 -18.81 -0.15
N GLY A 93 -18.79 -18.71 -0.63
CA GLY A 93 -19.93 -19.13 0.16
C GLY A 93 -19.87 -20.60 0.52
N ARG A 94 -19.38 -21.44 -0.38
CA ARG A 94 -19.25 -22.86 -0.08
C ARG A 94 -18.26 -23.10 1.05
N ILE A 95 -17.11 -22.42 1.01
CA ILE A 95 -16.09 -22.58 2.05
C ILE A 95 -16.64 -22.12 3.38
N TYR A 96 -17.30 -20.96 3.40
CA TYR A 96 -17.84 -20.44 4.65
C TYR A 96 -18.94 -21.34 5.19
N SER A 97 -19.79 -21.89 4.33
CA SER A 97 -20.81 -22.82 4.77
C SER A 97 -20.21 -24.06 5.41
N ASP A 98 -19.17 -24.62 4.77
CA ASP A 98 -18.53 -25.80 5.33
C ASP A 98 -17.95 -25.52 6.70
N VAL A 99 -17.24 -24.41 6.83
CA VAL A 99 -16.59 -24.10 8.11
C VAL A 99 -17.64 -23.81 9.18
N LEU A 100 -18.72 -23.09 8.84
CA LEU A 100 -19.77 -22.81 9.81
C LEU A 100 -20.44 -24.10 10.27
N ARG A 101 -20.68 -25.02 9.33
CA ARG A 101 -21.27 -26.32 9.69
C ARG A 101 -20.37 -27.07 10.67
N LYS A 102 -19.06 -27.13 10.37
CA LYS A 102 -18.15 -27.83 11.26
C LYS A 102 -18.09 -27.17 12.62
N GLU A 103 -18.07 -25.84 12.67
CA GLU A 103 -17.97 -25.15 13.95
C GLU A 103 -19.21 -25.35 14.80
N ARG A 104 -20.39 -25.30 14.18
CA ARG A 104 -21.61 -25.61 14.93
C ARG A 104 -21.62 -27.05 15.41
N ARG A 105 -21.16 -27.98 14.56
CA ARG A 105 -21.08 -29.37 14.96
C ARG A 105 -20.07 -29.62 16.06
N GLY A 106 -19.10 -28.72 16.24
CA GLY A 106 -18.11 -28.88 17.28
C GLY A 106 -16.81 -29.53 16.85
N ASP A 107 -16.50 -29.56 15.56
CA ASP A 107 -15.30 -30.24 15.09
C ASP A 107 -14.02 -29.50 15.48
N TYR A 108 -14.11 -28.22 15.83
CA TYR A 108 -12.92 -27.45 16.12
C TYR A 108 -12.58 -27.43 17.61
N LEU A 109 -13.30 -28.20 18.42
CA LEU A 109 -12.92 -28.47 19.80
C LEU A 109 -12.79 -27.20 20.63
N GLY A 110 -13.72 -26.27 20.43
CA GLY A 110 -13.74 -25.08 21.27
C GLY A 110 -12.69 -24.05 20.96
N ALA A 111 -11.93 -24.22 19.89
CA ALA A 111 -10.98 -23.20 19.48
C ALA A 111 -11.69 -22.07 18.76
N THR A 112 -11.02 -20.93 18.69
CA THR A 112 -11.54 -19.79 17.94
C THR A 112 -11.30 -20.01 16.46
N VAL A 113 -12.35 -19.93 15.67
CA VAL A 113 -12.27 -20.14 14.24
C VAL A 113 -11.96 -18.80 13.58
N GLN A 114 -10.77 -18.70 13.00
CA GLN A 114 -10.28 -17.48 12.41
C GLN A 114 -10.18 -17.63 10.90
N VAL A 115 -9.94 -16.51 10.22
CA VAL A 115 -9.87 -16.56 8.77
C VAL A 115 -8.56 -17.21 8.31
N ILE A 116 -7.43 -16.65 8.75
CA ILE A 116 -6.15 -17.07 8.18
C ILE A 116 -5.85 -18.55 8.43
N PRO A 117 -5.93 -19.08 9.65
CA PRO A 117 -5.79 -20.54 9.76
C PRO A 117 -6.92 -21.29 9.08
N HIS A 118 -8.17 -21.07 9.48
CA HIS A 118 -9.20 -22.06 9.19
C HIS A 118 -9.80 -21.90 7.79
N ILE A 119 -10.12 -20.67 7.39
CA ILE A 119 -10.68 -20.46 6.06
C ILE A 119 -9.66 -20.85 5.00
N THR A 120 -8.41 -20.42 5.17
CA THR A 120 -7.39 -20.73 4.19
C THR A 120 -7.01 -22.21 4.21
N ASN A 121 -7.13 -22.87 5.36
CA ASN A 121 -6.94 -24.32 5.40
C ASN A 121 -8.02 -25.03 4.59
N ALA A 122 -9.27 -24.59 4.72
CA ALA A 122 -10.34 -25.19 3.93
C ALA A 122 -10.09 -24.97 2.43
N ILE A 123 -9.66 -23.77 2.06
CA ILE A 123 -9.38 -23.48 0.65
C ILE A 123 -8.25 -24.37 0.13
N LYS A 124 -7.16 -24.49 0.90
CA LYS A 124 -6.04 -25.31 0.47
C LYS A 124 -6.44 -26.77 0.34
N GLU A 125 -7.24 -27.28 1.28
CA GLU A 125 -7.69 -28.66 1.22
C GLU A 125 -8.49 -28.91 -0.06
N ARG A 126 -9.40 -27.99 -0.39
CA ARG A 126 -10.17 -28.17 -1.62
C ARG A 126 -9.29 -28.11 -2.85
N VAL A 127 -8.32 -27.19 -2.89
CA VAL A 127 -7.46 -27.09 -4.06
C VAL A 127 -6.64 -28.36 -4.24
N LEU A 128 -6.07 -28.87 -3.14
CA LEU A 128 -5.29 -30.10 -3.23
C LEU A 128 -6.14 -31.29 -3.66
N GLU A 129 -7.36 -31.40 -3.13
CA GLU A 129 -8.21 -32.51 -3.53
C GLU A 129 -8.63 -32.40 -4.99
N GLY A 130 -8.81 -31.17 -5.50
CA GLY A 130 -9.10 -31.01 -6.91
C GLY A 130 -7.92 -31.36 -7.80
N GLY A 131 -6.72 -30.97 -7.41
CA GLY A 131 -5.57 -31.20 -8.26
C GLY A 131 -4.91 -32.55 -8.16
N GLU A 132 -5.35 -33.41 -7.26
CA GLU A 132 -4.66 -34.68 -7.03
C GLU A 132 -4.74 -35.59 -8.25
N GLY A 133 -3.61 -36.15 -8.65
CA GLY A 133 -3.56 -37.11 -9.71
C GLY A 133 -3.29 -36.57 -11.11
N HIS A 134 -2.82 -35.33 -11.23
CA HIS A 134 -2.55 -34.74 -12.53
C HIS A 134 -1.13 -34.19 -12.55
N ASP A 135 -0.60 -34.05 -13.78
CA ASP A 135 0.75 -33.51 -13.94
C ASP A 135 0.78 -32.00 -13.67
N VAL A 136 -0.18 -31.27 -14.20
CA VAL A 136 -0.27 -29.83 -14.06
C VAL A 136 -1.70 -29.46 -13.70
N VAL A 137 -1.84 -28.51 -12.77
CA VAL A 137 -3.14 -27.99 -12.37
C VAL A 137 -3.14 -26.49 -12.58
N LEU A 138 -4.12 -26.01 -13.33
CA LEU A 138 -4.31 -24.58 -13.55
C LEU A 138 -5.44 -24.09 -12.64
N VAL A 139 -5.10 -23.23 -11.70
CA VAL A 139 -6.05 -22.70 -10.74
C VAL A 139 -6.28 -21.23 -11.08
N GLU A 140 -7.49 -20.91 -11.52
CA GLU A 140 -7.86 -19.55 -11.88
C GLU A 140 -8.61 -18.91 -10.72
N ILE A 141 -8.20 -17.70 -10.35
CA ILE A 141 -8.76 -17.00 -9.20
C ILE A 141 -9.58 -15.84 -9.70
N GLY A 142 -10.87 -15.85 -9.36
CA GLY A 142 -11.75 -14.78 -9.77
C GLY A 142 -11.57 -13.52 -8.95
N GLY A 143 -12.06 -12.42 -9.51
CA GLY A 143 -11.87 -11.12 -8.92
C GLY A 143 -10.55 -10.50 -9.33
N THR A 144 -10.45 -9.20 -9.11
CA THR A 144 -9.24 -8.45 -9.45
C THR A 144 -8.33 -8.40 -8.23
N VAL A 145 -7.03 -8.40 -8.48
CA VAL A 145 -6.06 -8.36 -7.40
C VAL A 145 -6.07 -6.97 -6.80
N GLY A 146 -6.40 -6.89 -5.52
CA GLY A 146 -6.54 -5.61 -4.86
C GLY A 146 -7.94 -5.35 -4.35
N ASP A 147 -8.74 -6.41 -4.25
CA ASP A 147 -10.11 -6.33 -3.79
C ASP A 147 -10.27 -7.11 -2.49
N ILE A 148 -11.23 -6.67 -1.68
CA ILE A 148 -11.49 -7.31 -0.39
C ILE A 148 -11.95 -8.74 -0.60
N GLU A 149 -12.71 -8.98 -1.66
CA GLU A 149 -13.39 -10.26 -1.82
C GLU A 149 -12.45 -11.42 -2.10
N SER A 150 -11.25 -11.16 -2.63
CA SER A 150 -10.39 -12.25 -3.07
C SER A 150 -9.13 -12.40 -2.23
N LEU A 151 -9.02 -11.65 -1.14
CA LEU A 151 -7.84 -11.75 -0.28
C LEU A 151 -7.66 -13.12 0.35
N PRO A 152 -8.70 -13.78 0.89
CA PRO A 152 -8.48 -15.13 1.43
C PRO A 152 -7.93 -16.10 0.40
N PHE A 153 -8.40 -16.04 -0.84
CA PHE A 153 -7.89 -16.94 -1.88
C PHE A 153 -6.41 -16.70 -2.16
N LEU A 154 -6.02 -15.44 -2.27
CA LEU A 154 -4.61 -15.12 -2.53
C LEU A 154 -3.72 -15.52 -1.37
N GLU A 155 -4.17 -15.28 -0.13
CA GLU A 155 -3.39 -15.71 1.02
C GLU A 155 -3.23 -17.23 1.05
N ALA A 156 -4.31 -17.95 0.77
CA ALA A 156 -4.25 -19.40 0.73
C ALA A 156 -3.28 -19.89 -0.32
N ILE A 157 -3.32 -19.31 -1.52
CA ILE A 157 -2.43 -19.82 -2.57
C ILE A 157 -0.98 -19.46 -2.28
N ARG A 158 -0.72 -18.32 -1.63
CA ARG A 158 0.65 -18.01 -1.23
C ARG A 158 1.18 -19.02 -0.21
N GLN A 159 0.37 -19.33 0.80
CA GLN A 159 0.78 -20.34 1.77
C GLN A 159 0.97 -21.69 1.11
N MET A 160 0.08 -22.06 0.18
CA MET A 160 0.21 -23.33 -0.52
C MET A 160 1.47 -23.38 -1.34
N ALA A 161 1.83 -22.29 -2.00
CA ALA A 161 3.06 -22.24 -2.78
C ALA A 161 4.27 -22.44 -1.88
N VAL A 162 4.27 -21.84 -0.70
CA VAL A 162 5.38 -22.04 0.23
C VAL A 162 5.46 -23.49 0.69
N GLU A 163 4.31 -24.07 1.05
CA GLU A 163 4.31 -25.45 1.58
C GLU A 163 4.73 -26.46 0.52
N ILE A 164 4.16 -26.34 -0.68
CA ILE A 164 4.44 -27.31 -1.74
C ILE A 164 5.87 -27.18 -2.23
N GLY A 165 6.35 -25.94 -2.39
CA GLY A 165 7.67 -25.70 -2.94
C GLY A 165 7.62 -24.86 -4.19
N ARG A 166 8.55 -23.94 -4.35
CA ARG A 166 8.51 -23.03 -5.48
C ARG A 166 9.05 -23.64 -6.76
N GLU A 167 9.56 -24.87 -6.70
CA GLU A 167 9.93 -25.59 -7.91
C GLU A 167 8.76 -26.39 -8.47
N HIS A 168 7.58 -26.30 -7.85
CA HIS A 168 6.37 -26.91 -8.37
C HIS A 168 5.21 -25.92 -8.45
N THR A 169 5.46 -24.63 -8.24
CA THR A 169 4.40 -23.64 -8.27
C THR A 169 4.81 -22.46 -9.13
N LEU A 170 3.91 -22.00 -9.97
CA LEU A 170 4.08 -20.81 -10.78
C LEU A 170 2.92 -19.86 -10.54
N PHE A 171 3.20 -18.57 -10.71
CA PHE A 171 2.18 -17.54 -10.62
C PHE A 171 2.12 -16.79 -11.95
N MET A 172 0.92 -16.64 -12.49
CA MET A 172 0.70 -15.99 -13.78
C MET A 172 -0.30 -14.86 -13.59
N HIS A 173 0.06 -13.67 -14.05
CA HIS A 173 -0.73 -12.47 -13.83
C HIS A 173 -1.18 -11.89 -15.17
N LEU A 174 -2.46 -11.58 -15.28
CA LEU A 174 -3.02 -10.94 -16.46
C LEU A 174 -3.26 -9.47 -16.18
N THR A 175 -2.93 -8.62 -17.15
CA THR A 175 -3.07 -7.18 -17.00
C THR A 175 -3.59 -6.60 -18.29
N LEU A 176 -4.04 -5.34 -18.22
CA LEU A 176 -4.46 -4.57 -19.37
C LEU A 176 -3.41 -3.54 -19.70
N VAL A 177 -2.98 -3.51 -20.96
CA VAL A 177 -2.09 -2.46 -21.46
C VAL A 177 -2.91 -1.51 -22.32
N PRO A 178 -3.39 -0.40 -21.77
CA PRO A 178 -4.26 0.47 -22.55
C PRO A 178 -3.52 1.20 -23.65
N TYR A 179 -4.26 1.60 -24.67
CA TYR A 179 -3.73 2.39 -25.77
C TYR A 179 -4.38 3.77 -25.74
N MET A 180 -3.55 4.81 -25.71
CA MET A 180 -4.02 6.19 -25.69
C MET A 180 -3.86 6.79 -27.08
N ALA A 181 -4.97 7.23 -27.67
CA ALA A 181 -4.92 7.78 -29.03
C ALA A 181 -4.24 9.14 -29.08
N ALA A 182 -4.17 9.85 -27.96
CA ALA A 182 -3.53 11.16 -27.94
C ALA A 182 -2.06 11.05 -28.31
N SER A 183 -1.27 10.35 -27.50
CA SER A 183 0.13 10.14 -27.81
C SER A 183 0.34 9.00 -28.80
N GLY A 184 -0.67 8.18 -29.04
CA GLY A 184 -0.51 7.04 -29.91
C GLY A 184 0.44 5.99 -29.38
N GLU A 185 0.49 5.80 -28.08
CA GLU A 185 1.35 4.81 -27.46
C GLU A 185 0.54 3.84 -26.62
N VAL A 186 1.21 2.78 -26.18
CA VAL A 186 0.66 1.83 -25.22
C VAL A 186 1.30 2.10 -23.87
N LYS A 187 0.49 2.14 -22.83
CA LYS A 187 0.92 2.57 -21.50
C LYS A 187 1.13 1.37 -20.60
N THR A 188 2.27 1.33 -19.92
CA THR A 188 2.62 0.21 -19.06
C THR A 188 2.46 0.51 -17.58
N LYS A 189 2.06 1.73 -17.21
CA LYS A 189 1.96 2.07 -15.80
C LYS A 189 0.92 1.25 -15.03
N PRO A 190 -0.30 1.01 -15.54
CA PRO A 190 -1.24 0.17 -14.77
C PRO A 190 -0.70 -1.21 -14.45
N THR A 191 0.04 -1.82 -15.38
CA THR A 191 0.66 -3.11 -15.11
C THR A 191 1.66 -3.02 -13.97
N GLN A 192 2.46 -1.95 -13.95
CA GLN A 192 3.41 -1.75 -12.87
C GLN A 192 2.71 -1.64 -11.53
N HIS A 193 1.62 -0.89 -11.46
CA HIS A 193 0.94 -0.73 -10.18
C HIS A 193 0.22 -2.01 -9.77
N SER A 194 -0.27 -2.79 -10.73
CA SER A 194 -0.90 -4.06 -10.40
C SER A 194 0.11 -5.06 -9.85
N VAL A 195 1.29 -5.10 -10.46
CA VAL A 195 2.34 -5.96 -9.93
C VAL A 195 2.74 -5.53 -8.54
N LYS A 196 2.78 -4.22 -8.30
CA LYS A 196 3.07 -3.73 -6.96
C LYS A 196 2.02 -4.18 -5.95
N GLU A 197 0.74 -4.14 -6.33
CA GLU A 197 -0.32 -4.59 -5.42
C GLU A 197 -0.21 -6.09 -5.12
N LEU A 198 0.03 -6.89 -6.16
CA LEU A 198 0.19 -8.32 -5.96
C LEU A 198 1.38 -8.62 -5.05
N LEU A 199 2.49 -7.87 -5.22
CA LEU A 199 3.64 -8.04 -4.35
C LEU A 199 3.30 -7.63 -2.92
N SER A 200 2.50 -6.59 -2.75
CA SER A 200 2.07 -6.19 -1.41
C SER A 200 1.28 -7.29 -0.74
N ILE A 201 0.50 -8.04 -1.52
CA ILE A 201 -0.20 -9.20 -0.95
C ILE A 201 0.81 -10.27 -0.52
N GLY A 202 1.88 -10.43 -1.28
CA GLY A 202 2.93 -11.36 -0.92
C GLY A 202 3.31 -12.35 -2.01
N ILE A 203 2.90 -12.09 -3.25
CA ILE A 203 3.13 -12.98 -4.37
C ILE A 203 4.00 -12.27 -5.40
N GLN A 204 5.06 -12.95 -5.84
CA GLN A 204 5.89 -12.46 -6.93
C GLN A 204 5.47 -13.14 -8.22
N PRO A 205 4.99 -12.41 -9.21
CA PRO A 205 4.64 -13.04 -10.49
C PRO A 205 5.85 -13.66 -11.17
N ASP A 206 5.61 -14.77 -11.84
CA ASP A 206 6.61 -15.42 -12.67
C ASP A 206 6.39 -15.17 -14.15
N ILE A 207 5.14 -14.95 -14.56
CA ILE A 207 4.78 -14.71 -15.95
C ILE A 207 3.82 -13.53 -15.97
N LEU A 208 4.02 -12.62 -16.91
CA LEU A 208 3.09 -11.52 -17.15
C LEU A 208 2.48 -11.69 -18.53
N ILE A 209 1.15 -11.76 -18.58
CA ILE A 209 0.40 -11.83 -19.82
C ILE A 209 -0.29 -10.49 -20.01
N CYS A 210 0.01 -9.83 -21.12
CA CYS A 210 -0.44 -8.47 -21.38
C CYS A 210 -1.56 -8.49 -22.42
N ARG A 211 -2.68 -7.89 -22.07
CA ARG A 211 -3.87 -7.85 -22.91
C ARG A 211 -4.03 -6.45 -23.48
N SER A 212 -4.18 -6.37 -24.80
CA SER A 212 -4.29 -5.09 -25.47
C SER A 212 -5.01 -5.30 -26.79
N ASP A 213 -5.44 -4.19 -27.39
CA ASP A 213 -6.03 -4.25 -28.72
C ASP A 213 -5.02 -4.77 -29.74
N ARG A 214 -3.78 -4.29 -29.66
CA ARG A 214 -2.73 -4.65 -30.57
C ARG A 214 -1.65 -5.43 -29.83
N ALA A 215 -0.59 -5.79 -30.56
CA ALA A 215 0.55 -6.44 -29.94
C ALA A 215 1.41 -5.44 -29.19
N VAL A 216 1.91 -5.85 -28.04
CA VAL A 216 2.75 -4.98 -27.21
C VAL A 216 4.15 -4.92 -27.81
N PRO A 217 4.70 -3.73 -28.03
CA PRO A 217 6.04 -3.63 -28.61
C PRO A 217 7.13 -4.14 -27.69
N ALA A 218 8.28 -4.44 -28.28
CA ALA A 218 9.38 -5.05 -27.54
C ALA A 218 9.94 -4.11 -26.47
N ASN A 219 10.02 -2.81 -26.78
CA ASN A 219 10.53 -1.85 -25.80
C ASN A 219 9.61 -1.77 -24.58
N GLU A 220 8.31 -1.79 -24.80
CA GLU A 220 7.36 -1.80 -23.68
C GLU A 220 7.53 -3.06 -22.84
N ARG A 221 7.70 -4.21 -23.48
CA ARG A 221 7.90 -5.45 -22.74
C ARG A 221 9.20 -5.42 -21.94
N ALA A 222 10.25 -4.84 -22.51
CA ALA A 222 11.49 -4.69 -21.77
C ALA A 222 11.30 -3.80 -20.56
N LYS A 223 10.54 -2.72 -20.72
CA LYS A 223 10.21 -1.86 -19.59
C LYS A 223 9.44 -2.61 -18.51
N ILE A 224 8.48 -3.45 -18.92
CA ILE A 224 7.70 -4.22 -17.95
C ILE A 224 8.61 -5.18 -17.20
N ALA A 225 9.48 -5.88 -17.93
CA ALA A 225 10.42 -6.79 -17.30
C ALA A 225 11.30 -6.05 -16.30
N LEU A 226 11.76 -4.86 -16.68
CA LEU A 226 12.62 -4.08 -15.78
C LEU A 226 11.89 -3.70 -14.50
N PHE A 227 10.63 -3.29 -14.62
CA PHE A 227 9.93 -2.76 -13.45
C PHE A 227 9.24 -3.83 -12.61
N CYS A 228 9.14 -5.08 -13.08
CA CYS A 228 8.31 -6.06 -12.39
C CYS A 228 9.07 -7.31 -11.92
N ASN A 229 10.40 -7.29 -11.93
CA ASN A 229 11.24 -8.42 -11.50
C ASN A 229 11.03 -9.68 -12.34
N VAL A 230 10.44 -9.55 -13.52
CA VAL A 230 10.15 -10.71 -14.36
C VAL A 230 11.16 -10.75 -15.50
N PRO A 231 11.66 -11.93 -15.89
CA PRO A 231 12.55 -12.00 -17.05
C PRO A 231 11.85 -11.53 -18.32
N GLU A 232 12.64 -10.99 -19.24
CA GLU A 232 12.07 -10.40 -20.45
C GLU A 232 11.37 -11.43 -21.32
N LYS A 233 11.80 -12.69 -21.27
CA LYS A 233 11.15 -13.73 -22.06
C LYS A 233 9.79 -14.12 -21.49
N ALA A 234 9.54 -13.83 -20.22
CA ALA A 234 8.31 -14.23 -19.56
C ALA A 234 7.23 -13.16 -19.60
N VAL A 235 7.46 -12.08 -20.35
CA VAL A 235 6.43 -11.07 -20.58
C VAL A 235 5.79 -11.41 -21.92
N ILE A 236 4.58 -11.94 -21.87
CA ILE A 236 3.91 -12.53 -23.03
C ILE A 236 2.80 -11.60 -23.48
N SER A 237 2.76 -11.33 -24.77
CA SER A 237 1.74 -10.47 -25.37
C SER A 237 0.60 -11.33 -25.90
N LEU A 238 -0.64 -10.96 -25.58
CA LEU A 238 -1.84 -11.61 -26.10
C LEU A 238 -2.80 -10.53 -26.59
N LYS A 239 -2.78 -10.27 -27.89
CA LYS A 239 -3.63 -9.25 -28.48
C LYS A 239 -5.05 -9.79 -28.68
N ASP A 240 -5.97 -8.89 -28.98
CA ASP A 240 -7.32 -9.28 -29.32
C ASP A 240 -7.33 -10.02 -30.64
N VAL A 241 -8.14 -11.08 -30.71
CA VAL A 241 -8.22 -11.94 -31.89
C VAL A 241 -9.68 -12.06 -32.31
N ASP A 242 -9.86 -12.41 -33.58
CA ASP A 242 -11.20 -12.70 -34.08
C ASP A 242 -11.70 -14.04 -33.59
N SER A 243 -10.83 -15.04 -33.53
CA SER A 243 -11.18 -16.39 -33.12
C SER A 243 -10.38 -16.77 -31.89
N ILE A 244 -11.05 -17.33 -30.89
CA ILE A 244 -10.35 -17.81 -29.70
C ILE A 244 -9.51 -19.03 -29.99
N TYR A 245 -9.65 -19.65 -31.17
CA TYR A 245 -8.88 -20.84 -31.50
C TYR A 245 -7.46 -20.51 -31.96
N LYS A 246 -7.18 -19.24 -32.25
CA LYS A 246 -5.81 -18.83 -32.56
C LYS A 246 -4.98 -18.58 -31.32
N ILE A 247 -5.62 -18.46 -30.16
CA ILE A 247 -4.88 -18.11 -28.94
C ILE A 247 -3.84 -19.16 -28.57
N PRO A 248 -4.13 -20.47 -28.59
CA PRO A 248 -3.07 -21.44 -28.33
C PRO A 248 -1.89 -21.31 -29.28
N GLY A 249 -2.14 -21.02 -30.56
CA GLY A 249 -1.04 -20.83 -31.49
C GLY A 249 -0.17 -19.63 -31.14
N LEU A 250 -0.81 -18.52 -30.76
CA LEU A 250 -0.06 -17.32 -30.37
C LEU A 250 0.79 -17.58 -29.14
N LEU A 251 0.18 -18.17 -28.11
CA LEU A 251 0.94 -18.45 -26.89
C LEU A 251 2.07 -19.43 -27.16
N LYS A 252 1.85 -20.39 -28.05
CA LYS A 252 2.90 -21.33 -28.40
C LYS A 252 4.04 -20.64 -29.14
N SER A 253 3.71 -19.72 -30.05
CA SER A 253 4.74 -19.01 -30.79
C SER A 253 5.56 -18.10 -29.89
N GLN A 254 4.96 -17.56 -28.83
CA GLN A 254 5.72 -16.69 -27.93
C GLN A 254 6.58 -17.48 -26.95
N GLY A 255 6.46 -18.80 -26.89
CA GLY A 255 7.32 -19.61 -26.05
C GLY A 255 6.88 -19.80 -24.62
N LEU A 256 5.59 -19.63 -24.33
CA LEU A 256 5.11 -19.81 -22.97
C LEU A 256 5.24 -21.27 -22.53
N ASP A 257 4.94 -22.20 -23.42
CA ASP A 257 5.01 -23.62 -23.08
C ASP A 257 6.44 -24.05 -22.75
N ASP A 258 7.40 -23.60 -23.54
CA ASP A 258 8.79 -23.97 -23.28
C ASP A 258 9.26 -23.43 -21.94
N TYR A 259 8.89 -22.19 -21.61
CA TYR A 259 9.28 -21.62 -20.32
C TYR A 259 8.65 -22.40 -19.17
N ILE A 260 7.36 -22.73 -19.29
CA ILE A 260 6.68 -23.47 -18.23
C ILE A 260 7.32 -24.85 -18.05
N CYS A 261 7.66 -25.50 -19.15
CA CYS A 261 8.26 -26.83 -19.07
C CYS A 261 9.68 -26.76 -18.53
N LYS A 262 10.41 -25.68 -18.80
CA LYS A 262 11.72 -25.51 -18.20
C LYS A 262 11.63 -25.32 -16.70
N ARG A 263 10.70 -24.48 -16.23
CA ARG A 263 10.57 -24.22 -14.81
C ARG A 263 10.15 -25.47 -14.05
N PHE A 264 9.27 -26.28 -14.63
CA PHE A 264 8.76 -27.48 -13.97
C PHE A 264 9.60 -28.70 -14.24
N SER A 265 10.69 -28.58 -14.99
CA SER A 265 11.60 -29.68 -15.27
C SER A 265 10.88 -30.85 -15.93
N LEU A 266 10.01 -30.53 -16.89
CA LEU A 266 9.25 -31.54 -17.62
C LEU A 266 9.89 -31.75 -18.98
N ASN A 267 10.03 -33.01 -19.36
CA ASN A 267 10.63 -33.37 -20.64
C ASN A 267 9.53 -34.01 -21.48
N CYS A 268 8.72 -33.16 -22.11
CA CYS A 268 7.61 -33.58 -22.93
C CYS A 268 7.87 -33.21 -24.38
N PRO A 269 7.40 -34.01 -25.33
CA PRO A 269 7.66 -33.74 -26.74
C PRO A 269 7.09 -32.40 -27.18
N GLU A 270 7.48 -31.99 -28.38
CA GLU A 270 7.04 -30.73 -28.94
C GLU A 270 5.52 -30.75 -29.16
N ALA A 271 4.90 -29.59 -29.01
CA ALA A 271 3.45 -29.50 -29.14
C ALA A 271 3.01 -29.79 -30.56
N ASN A 272 1.94 -30.56 -30.70
CA ASN A 272 1.29 -30.84 -31.97
C ASN A 272 -0.08 -30.19 -31.95
N LEU A 273 -0.20 -29.05 -32.64
CA LEU A 273 -1.44 -28.28 -32.68
C LEU A 273 -2.17 -28.46 -34.00
N SER A 274 -2.13 -29.68 -34.55
CA SER A 274 -2.72 -29.92 -35.86
C SER A 274 -4.24 -29.77 -35.84
N GLU A 275 -4.90 -30.25 -34.79
CA GLU A 275 -6.35 -30.17 -34.72
C GLU A 275 -6.82 -28.73 -34.65
N TRP A 276 -6.12 -27.90 -33.88
CA TRP A 276 -6.51 -26.50 -33.78
C TRP A 276 -6.30 -25.78 -35.11
N GLU A 277 -5.23 -26.11 -35.83
CA GLU A 277 -5.04 -25.56 -37.16
C GLU A 277 -6.16 -26.01 -38.09
N GLN A 278 -6.60 -27.25 -37.96
CA GLN A 278 -7.74 -27.73 -38.75
C GLN A 278 -8.99 -26.93 -38.44
N VAL A 279 -9.24 -26.64 -37.17
CA VAL A 279 -10.42 -25.87 -36.80
C VAL A 279 -10.33 -24.46 -37.39
N ILE A 280 -9.15 -23.85 -37.32
CA ILE A 280 -8.99 -22.51 -37.87
C ILE A 280 -9.22 -22.53 -39.38
N PHE A 281 -8.67 -23.52 -40.08
CA PHE A 281 -8.86 -23.63 -41.51
C PHE A 281 -10.33 -23.80 -41.86
N GLU A 282 -11.04 -24.67 -41.15
CA GLU A 282 -12.46 -24.86 -41.41
C GLU A 282 -13.24 -23.59 -41.17
N GLU A 283 -12.93 -22.87 -40.09
CA GLU A 283 -13.66 -21.64 -39.79
C GLU A 283 -13.41 -20.57 -40.82
N ALA A 284 -12.17 -20.45 -41.30
CA ALA A 284 -11.81 -19.35 -42.18
C ALA A 284 -12.40 -19.49 -43.58
N ASN A 285 -12.86 -20.68 -43.96
CA ASN A 285 -13.31 -20.96 -45.32
C ASN A 285 -14.71 -21.55 -45.32
N PRO A 286 -15.73 -20.72 -45.14
CA PRO A 286 -17.10 -21.19 -45.35
C PRO A 286 -17.44 -21.29 -46.82
N VAL A 287 -18.52 -22.01 -47.11
CA VAL A 287 -19.05 -22.10 -48.47
C VAL A 287 -20.49 -21.65 -48.56
N SER A 288 -21.15 -21.35 -47.44
CA SER A 288 -22.55 -20.96 -47.43
C SER A 288 -22.79 -19.97 -46.30
N GLU A 289 -24.05 -19.57 -46.14
CA GLU A 289 -24.41 -18.63 -45.08
C GLU A 289 -25.89 -18.81 -44.80
N VAL A 290 -26.22 -19.40 -43.64
CA VAL A 290 -27.60 -19.54 -43.21
C VAL A 290 -27.80 -18.66 -41.99
N THR A 291 -29.05 -18.28 -41.76
CA THR A 291 -29.44 -17.49 -40.60
C THR A 291 -30.39 -18.31 -39.74
N ILE A 292 -30.08 -18.38 -38.45
CA ILE A 292 -30.85 -19.16 -37.49
C ILE A 292 -31.52 -18.21 -36.52
N GLY A 293 -32.83 -18.36 -36.35
CA GLY A 293 -33.54 -17.58 -35.37
C GLY A 293 -33.63 -18.28 -34.04
N MET A 294 -33.00 -17.73 -33.01
CA MET A 294 -33.14 -18.24 -31.66
C MET A 294 -34.13 -17.35 -30.92
N VAL A 295 -35.20 -17.95 -30.42
CA VAL A 295 -36.25 -17.22 -29.71
C VAL A 295 -36.22 -17.64 -28.24
N GLY A 296 -36.05 -16.67 -27.36
CA GLY A 296 -35.97 -16.95 -25.94
C GLY A 296 -36.27 -15.72 -25.12
N LYS A 297 -36.21 -15.89 -23.80
CA LYS A 297 -36.61 -14.85 -22.88
C LYS A 297 -35.45 -14.05 -22.29
N TYR A 298 -34.23 -14.58 -22.32
CA TYR A 298 -33.06 -13.89 -21.77
C TYR A 298 -32.23 -13.24 -22.86
N ILE A 299 -32.88 -12.70 -23.90
CA ILE A 299 -32.18 -12.16 -25.06
C ILE A 299 -31.29 -10.97 -24.68
N GLU A 300 -31.64 -10.27 -23.61
CA GLU A 300 -30.89 -9.05 -23.25
C GLU A 300 -29.43 -9.36 -22.98
N LEU A 301 -29.15 -10.44 -22.26
CA LEU A 301 -27.77 -10.82 -21.97
C LEU A 301 -27.40 -12.01 -22.85
N PRO A 302 -26.53 -11.84 -23.85
CA PRO A 302 -26.19 -12.96 -24.73
C PRO A 302 -25.47 -14.11 -24.04
N ASP A 303 -24.84 -13.86 -22.88
CA ASP A 303 -24.17 -14.93 -22.16
C ASP A 303 -25.14 -15.94 -21.58
N ALA A 304 -26.44 -15.67 -21.59
CA ALA A 304 -27.42 -16.65 -21.19
C ALA A 304 -27.52 -17.82 -22.17
N TYR A 305 -26.93 -17.70 -23.36
CA TYR A 305 -26.98 -18.75 -24.37
C TYR A 305 -25.62 -19.00 -24.99
N LYS A 306 -24.56 -18.86 -24.20
CA LYS A 306 -23.20 -18.97 -24.73
C LYS A 306 -22.93 -20.37 -25.28
N SER A 307 -23.29 -21.39 -24.51
CA SER A 307 -23.06 -22.76 -24.97
C SER A 307 -23.86 -23.09 -26.22
N VAL A 308 -25.12 -22.65 -26.29
CA VAL A 308 -25.96 -22.93 -27.44
C VAL A 308 -25.41 -22.23 -28.68
N ILE A 309 -24.99 -20.98 -28.54
CA ILE A 309 -24.41 -20.24 -29.66
C ILE A 309 -23.15 -20.94 -30.15
N GLU A 310 -22.28 -21.35 -29.22
CA GLU A 310 -21.05 -22.02 -29.64
C GLU A 310 -21.34 -23.38 -30.28
N ALA A 311 -22.37 -24.08 -29.81
CA ALA A 311 -22.72 -25.36 -30.42
C ALA A 311 -23.24 -25.18 -31.85
N LEU A 312 -24.04 -24.13 -32.07
CA LEU A 312 -24.47 -23.82 -33.43
C LEU A 312 -23.27 -23.51 -34.32
N LYS A 313 -22.31 -22.73 -33.79
CA LYS A 313 -21.10 -22.44 -34.55
C LYS A 313 -20.31 -23.71 -34.86
N HIS A 314 -20.22 -24.62 -33.90
CA HIS A 314 -19.50 -25.87 -34.13
C HIS A 314 -20.17 -26.71 -35.21
N GLY A 315 -21.49 -26.79 -35.18
CA GLY A 315 -22.20 -27.49 -36.23
C GLY A 315 -21.95 -26.86 -37.58
N GLY A 316 -21.95 -25.54 -37.64
CA GLY A 316 -21.61 -24.86 -38.89
C GLY A 316 -20.20 -25.19 -39.36
N LEU A 317 -19.25 -25.25 -38.43
CA LEU A 317 -17.89 -25.62 -38.79
C LEU A 317 -17.83 -27.02 -39.39
N LYS A 318 -18.57 -27.96 -38.80
CA LYS A 318 -18.60 -29.31 -39.37
C LYS A 318 -19.26 -29.32 -40.74
N ASN A 319 -20.26 -28.46 -40.96
CA ASN A 319 -20.95 -28.39 -42.24
C ASN A 319 -20.36 -27.35 -43.18
N ARG A 320 -19.26 -26.71 -42.80
CA ARG A 320 -18.58 -25.71 -43.64
C ARG A 320 -19.53 -24.58 -44.04
N VAL A 321 -20.40 -24.20 -43.11
CA VAL A 321 -21.41 -23.17 -43.34
C VAL A 321 -21.25 -22.09 -42.28
N SER A 322 -21.23 -20.84 -42.71
CA SER A 322 -21.26 -19.73 -41.77
C SER A 322 -22.67 -19.60 -41.20
N VAL A 323 -22.75 -19.45 -39.88
CA VAL A 323 -24.02 -19.40 -39.17
C VAL A 323 -24.19 -18.01 -38.58
N ASN A 324 -25.33 -17.38 -38.87
CA ASN A 324 -25.65 -16.03 -38.40
C ASN A 324 -26.81 -16.12 -37.43
N ILE A 325 -26.53 -15.91 -36.16
CA ILE A 325 -27.54 -16.05 -35.11
C ILE A 325 -28.25 -14.72 -34.93
N LYS A 326 -29.57 -14.73 -35.08
CA LYS A 326 -30.40 -13.57 -34.79
C LYS A 326 -31.22 -13.87 -33.55
N LEU A 327 -31.22 -12.94 -32.60
CA LEU A 327 -31.90 -13.12 -31.33
C LEU A 327 -33.27 -12.45 -31.42
N ILE A 328 -34.32 -13.23 -31.13
CA ILE A 328 -35.69 -12.74 -31.19
C ILE A 328 -36.29 -12.86 -29.80
N ASP A 329 -36.85 -11.77 -29.31
CA ASP A 329 -37.50 -11.77 -28.00
C ASP A 329 -38.87 -12.41 -28.09
N SER A 330 -39.20 -13.24 -27.10
CA SER A 330 -40.46 -13.97 -27.13
C SER A 330 -41.65 -13.04 -26.99
N GLN A 331 -41.56 -12.04 -26.11
CA GLN A 331 -42.67 -11.11 -25.95
C GLN A 331 -42.90 -10.29 -27.21
N ASP A 332 -41.85 -10.09 -28.01
CA ASP A 332 -42.04 -9.45 -29.31
C ASP A 332 -42.96 -10.28 -30.20
N VAL A 333 -42.73 -11.59 -30.24
CA VAL A 333 -43.62 -12.46 -31.00
C VAL A 333 -45.01 -12.47 -30.39
N GLU A 334 -45.08 -12.38 -29.06
CA GLU A 334 -46.38 -12.38 -28.38
C GLU A 334 -47.20 -11.17 -28.77
N THR A 335 -46.57 -10.00 -28.84
CA THR A 335 -47.29 -8.76 -29.14
C THR A 335 -47.25 -8.42 -30.63
N ARG A 336 -46.05 -8.25 -31.19
CA ARG A 336 -45.93 -7.81 -32.57
C ARG A 336 -46.47 -8.87 -33.53
N GLY A 337 -46.19 -10.14 -33.26
CA GLY A 337 -46.76 -11.23 -34.04
C GLY A 337 -45.69 -12.09 -34.68
N VAL A 338 -46.06 -12.72 -35.80
CA VAL A 338 -45.18 -13.63 -36.50
C VAL A 338 -44.36 -12.92 -37.57
N GLU A 339 -44.40 -11.58 -37.59
CA GLU A 339 -43.67 -10.82 -38.60
C GLU A 339 -42.16 -10.96 -38.42
N ILE A 340 -41.70 -11.00 -37.18
CA ILE A 340 -40.26 -11.03 -36.90
C ILE A 340 -39.64 -12.33 -37.41
N LEU A 341 -40.37 -13.43 -37.31
CA LEU A 341 -39.84 -14.75 -37.68
C LEU A 341 -39.69 -14.94 -39.18
N LYS A 342 -39.84 -13.91 -40.02
CA LYS A 342 -39.71 -14.07 -41.46
C LYS A 342 -38.28 -13.81 -41.90
N GLY A 343 -37.80 -14.64 -42.84
CA GLY A 343 -36.44 -14.51 -43.33
C GLY A 343 -35.46 -15.30 -42.49
N LEU A 344 -35.88 -16.48 -42.06
CA LEU A 344 -35.08 -17.34 -41.20
C LEU A 344 -35.03 -18.73 -41.80
N ASP A 345 -33.83 -19.26 -41.95
CA ASP A 345 -33.66 -20.60 -42.49
C ASP A 345 -33.94 -21.69 -41.46
N ALA A 346 -33.85 -21.37 -40.17
CA ALA A 346 -34.13 -22.34 -39.12
C ALA A 346 -34.43 -21.58 -37.84
N ILE A 347 -35.08 -22.28 -36.91
CA ILE A 347 -35.53 -21.69 -35.65
C ILE A 347 -35.10 -22.59 -34.50
N LEU A 348 -34.52 -22.00 -33.46
CA LEU A 348 -34.10 -22.73 -32.27
C LEU A 348 -34.77 -22.11 -31.05
N VAL A 349 -35.33 -22.95 -30.19
CA VAL A 349 -35.91 -22.50 -28.93
C VAL A 349 -35.13 -23.13 -27.78
N PRO A 350 -34.31 -22.37 -27.07
CA PRO A 350 -33.55 -22.93 -25.95
C PRO A 350 -34.39 -22.94 -24.68
N GLY A 351 -33.78 -23.42 -23.59
CA GLY A 351 -34.48 -23.61 -22.34
C GLY A 351 -34.64 -22.33 -21.54
N GLY A 352 -35.42 -22.45 -20.47
CA GLY A 352 -35.65 -21.31 -19.59
C GLY A 352 -36.62 -21.70 -18.50
N PHE A 353 -36.83 -20.75 -17.57
CA PHE A 353 -37.75 -20.93 -16.46
C PHE A 353 -38.71 -19.75 -16.41
N GLY A 354 -39.95 -20.01 -16.04
CA GLY A 354 -40.97 -19.00 -15.92
C GLY A 354 -41.97 -19.05 -17.06
N TYR A 355 -43.05 -18.29 -16.89
CA TYR A 355 -44.11 -18.24 -17.88
C TYR A 355 -44.00 -17.06 -18.82
N ARG A 356 -43.17 -16.07 -18.49
CA ARG A 356 -43.03 -14.88 -19.30
C ARG A 356 -42.38 -15.24 -20.63
N GLY A 357 -43.11 -15.03 -21.72
CA GLY A 357 -42.63 -15.33 -23.04
C GLY A 357 -42.93 -16.72 -23.54
N VAL A 358 -43.57 -17.57 -22.73
CA VAL A 358 -43.84 -18.93 -23.15
C VAL A 358 -44.86 -18.95 -24.29
N GLU A 359 -45.83 -18.04 -24.25
CA GLU A 359 -46.82 -17.97 -25.32
C GLU A 359 -46.16 -17.62 -26.65
N GLY A 360 -45.19 -16.70 -26.63
CA GLY A 360 -44.44 -16.42 -27.84
C GLY A 360 -43.70 -17.62 -28.37
N MET A 361 -43.15 -18.44 -27.46
CA MET A 361 -42.48 -19.67 -27.86
C MET A 361 -43.47 -20.65 -28.49
N ILE A 362 -44.68 -20.73 -27.96
CA ILE A 362 -45.71 -21.59 -28.54
C ILE A 362 -46.08 -21.10 -29.93
N THR A 363 -46.20 -19.78 -30.10
CA THR A 363 -46.45 -19.21 -31.42
C THR A 363 -45.32 -19.56 -32.38
N THR A 364 -44.07 -19.47 -31.91
CA THR A 364 -42.93 -19.75 -32.77
C THR A 364 -42.90 -21.22 -33.19
N ALA A 365 -43.17 -22.13 -32.25
CA ALA A 365 -43.22 -23.54 -32.60
C ALA A 365 -44.34 -23.81 -33.59
N ARG A 366 -45.51 -23.18 -33.39
CA ARG A 366 -46.60 -23.31 -34.35
C ARG A 366 -46.17 -22.86 -35.74
N PHE A 367 -45.54 -21.69 -35.83
CA PHE A 367 -45.13 -21.15 -37.12
C PHE A 367 -44.13 -22.07 -37.80
N ALA A 368 -43.12 -22.53 -37.06
CA ALA A 368 -42.13 -23.43 -37.64
C ALA A 368 -42.76 -24.73 -38.12
N ARG A 369 -43.68 -25.30 -37.32
CA ARG A 369 -44.27 -26.58 -37.69
C ARG A 369 -45.18 -26.44 -38.90
N GLU A 370 -45.91 -25.33 -38.99
CA GLU A 370 -46.84 -25.15 -40.09
C GLU A 370 -46.19 -24.58 -41.35
N ASN A 371 -44.96 -24.09 -41.25
CA ASN A 371 -44.27 -23.54 -42.41
C ASN A 371 -43.10 -24.40 -42.87
N ASN A 372 -42.89 -25.57 -42.26
CA ASN A 372 -41.82 -26.49 -42.65
C ASN A 372 -40.45 -25.82 -42.58
N ILE A 373 -40.27 -24.95 -41.58
CA ILE A 373 -38.97 -24.35 -41.29
C ILE A 373 -38.28 -25.25 -40.27
N PRO A 374 -37.01 -25.59 -40.47
CA PRO A 374 -36.32 -26.48 -39.53
C PRO A 374 -36.36 -25.92 -38.11
N TYR A 375 -36.59 -26.81 -37.15
CA TYR A 375 -36.85 -26.45 -35.78
C TYR A 375 -36.05 -27.34 -34.84
N LEU A 376 -35.43 -26.73 -33.83
CA LEU A 376 -34.74 -27.46 -32.78
C LEU A 376 -35.26 -26.96 -31.44
N GLY A 377 -35.64 -27.89 -30.58
CA GLY A 377 -36.18 -27.53 -29.29
C GLY A 377 -35.41 -28.18 -28.15
N ILE A 378 -35.02 -27.39 -27.16
CA ILE A 378 -34.17 -27.85 -26.07
C ILE A 378 -34.86 -27.55 -24.75
N CYS A 379 -35.15 -28.59 -23.98
CA CYS A 379 -35.77 -28.49 -22.67
C CYS A 379 -37.12 -27.77 -22.73
N LEU A 380 -37.11 -26.46 -22.45
CA LEU A 380 -38.35 -25.70 -22.49
C LEU A 380 -38.94 -25.65 -23.90
N GLY A 381 -38.07 -25.59 -24.92
CA GLY A 381 -38.55 -25.63 -26.28
C GLY A 381 -39.27 -26.91 -26.62
N MET A 382 -38.78 -28.04 -26.10
CA MET A 382 -39.48 -29.30 -26.31
C MET A 382 -40.87 -29.27 -25.69
N GLN A 383 -40.97 -28.71 -24.49
CA GLN A 383 -42.27 -28.61 -23.83
C GLN A 383 -43.23 -27.73 -24.61
N VAL A 384 -42.77 -26.57 -25.08
CA VAL A 384 -43.67 -25.69 -25.81
C VAL A 384 -44.06 -26.31 -27.14
N ALA A 385 -43.15 -27.06 -27.78
CA ALA A 385 -43.50 -27.76 -29.01
C ALA A 385 -44.60 -28.79 -28.76
N LEU A 386 -44.47 -29.56 -27.68
CA LEU A 386 -45.51 -30.55 -27.36
C LEU A 386 -46.83 -29.86 -27.04
N ILE A 387 -46.78 -28.75 -26.30
CA ILE A 387 -48.00 -28.01 -25.97
C ILE A 387 -48.69 -27.52 -27.23
N ASP A 388 -47.90 -26.95 -28.15
CA ASP A 388 -48.47 -26.47 -29.40
C ASP A 388 -49.07 -27.60 -30.22
N TYR A 389 -48.37 -28.74 -30.30
CA TYR A 389 -48.89 -29.86 -31.06
C TYR A 389 -50.17 -30.40 -30.46
N ALA A 390 -50.23 -30.51 -29.13
CA ALA A 390 -51.43 -31.02 -28.48
C ALA A 390 -52.60 -30.06 -28.66
N ARG A 391 -52.34 -28.76 -28.58
CA ARG A 391 -53.43 -27.78 -28.62
C ARG A 391 -53.94 -27.58 -30.04
N HIS A 392 -53.05 -27.29 -30.98
CA HIS A 392 -53.45 -26.83 -32.30
C HIS A 392 -53.47 -27.96 -33.34
N VAL A 393 -53.16 -29.19 -32.95
CA VAL A 393 -53.24 -30.31 -33.88
C VAL A 393 -54.10 -31.42 -33.29
N ALA A 394 -54.11 -31.52 -31.96
CA ALA A 394 -54.91 -32.52 -31.27
C ALA A 394 -56.11 -31.93 -30.53
N ASN A 395 -56.25 -30.60 -30.53
CA ASN A 395 -57.43 -29.93 -29.98
C ASN A 395 -57.62 -30.27 -28.50
N MET A 396 -56.63 -29.88 -27.69
CA MET A 396 -56.67 -30.11 -26.26
C MET A 396 -57.22 -28.92 -25.48
N GLU A 397 -57.59 -27.83 -26.17
CA GLU A 397 -58.30 -26.71 -25.57
C GLU A 397 -57.50 -26.11 -24.40
N ASN A 398 -56.40 -25.47 -24.78
CA ASN A 398 -55.55 -24.72 -23.85
C ASN A 398 -54.80 -25.62 -22.88
N ALA A 399 -54.27 -26.73 -23.38
CA ALA A 399 -53.39 -27.56 -22.56
C ALA A 399 -52.10 -26.82 -22.25
N ASN A 400 -51.58 -27.01 -21.05
CA ASN A 400 -50.40 -26.26 -20.64
C ASN A 400 -49.58 -27.13 -19.70
N SER A 401 -48.63 -26.50 -19.01
CA SER A 401 -47.83 -27.14 -17.98
C SER A 401 -48.33 -26.73 -16.61
N THR A 402 -48.31 -27.66 -15.67
CA THR A 402 -48.63 -27.34 -14.28
C THR A 402 -47.61 -26.39 -13.67
N GLU A 403 -46.46 -26.19 -14.33
CA GLU A 403 -45.53 -25.16 -13.91
C GLU A 403 -46.15 -23.78 -13.97
N PHE A 404 -46.89 -23.49 -15.05
CA PHE A 404 -47.40 -22.14 -15.29
C PHE A 404 -48.79 -21.96 -14.70
N VAL A 405 -49.75 -22.76 -15.15
CA VAL A 405 -51.10 -22.78 -14.60
C VAL A 405 -51.24 -24.07 -13.78
N PRO A 406 -51.37 -23.97 -12.46
CA PRO A 406 -51.45 -25.20 -11.64
C PRO A 406 -52.61 -26.10 -12.01
N ASP A 407 -53.74 -25.54 -12.45
CA ASP A 407 -54.93 -26.31 -12.79
C ASP A 407 -55.47 -25.84 -14.13
N CYS A 408 -55.24 -26.64 -15.18
CA CYS A 408 -55.73 -26.31 -16.51
C CYS A 408 -56.55 -27.43 -17.14
N LYS A 409 -56.78 -28.53 -16.43
CA LYS A 409 -57.57 -29.69 -16.82
C LYS A 409 -56.89 -30.54 -17.88
N TYR A 410 -55.75 -30.11 -18.42
CA TYR A 410 -55.01 -30.89 -19.41
C TYR A 410 -53.52 -30.68 -19.19
N PRO A 411 -52.96 -31.33 -18.16
CA PRO A 411 -51.54 -31.17 -17.82
C PRO A 411 -50.63 -32.04 -18.69
N VAL A 412 -50.36 -31.56 -19.90
CA VAL A 412 -49.47 -32.29 -20.80
C VAL A 412 -48.07 -32.33 -20.23
N VAL A 413 -47.64 -31.27 -19.54
CA VAL A 413 -46.36 -31.22 -18.85
C VAL A 413 -46.65 -31.05 -17.36
N ALA A 414 -46.08 -31.93 -16.54
CA ALA A 414 -46.34 -31.90 -15.12
C ALA A 414 -45.21 -32.62 -14.39
N LEU A 415 -45.16 -32.42 -13.08
CA LEU A 415 -44.26 -33.22 -12.25
C LEU A 415 -44.69 -34.68 -12.30
N ILE A 416 -43.72 -35.57 -12.08
CA ILE A 416 -44.01 -36.99 -12.14
C ILE A 416 -45.02 -37.40 -11.08
N THR A 417 -45.14 -36.63 -10.00
CA THR A 417 -46.17 -36.88 -9.00
C THR A 417 -47.55 -36.50 -9.52
N GLU A 418 -47.64 -35.40 -10.26
CA GLU A 418 -48.91 -34.81 -10.65
C GLU A 418 -49.54 -35.45 -11.87
N TRP A 419 -49.14 -36.68 -12.22
CA TRP A 419 -49.66 -37.32 -13.42
C TRP A 419 -51.11 -37.73 -13.19
N ARG A 420 -52.02 -37.04 -13.87
CA ARG A 420 -53.45 -37.32 -13.73
C ARG A 420 -54.05 -37.74 -15.06
N THR A 438 -37.97 -31.80 -6.89
CA THR A 438 -36.63 -32.29 -7.18
C THR A 438 -36.30 -32.17 -8.66
N MET A 439 -35.09 -31.73 -8.94
CA MET A 439 -34.64 -31.47 -10.31
C MET A 439 -33.72 -32.58 -10.78
N ARG A 440 -33.95 -33.09 -11.99
CA ARG A 440 -33.05 -34.05 -12.59
C ARG A 440 -31.77 -33.35 -13.01
N LEU A 441 -30.63 -33.85 -12.53
CA LEU A 441 -29.33 -33.25 -12.78
C LEU A 441 -28.33 -34.32 -13.17
N GLY A 442 -27.49 -34.01 -14.14
CA GLY A 442 -26.39 -34.88 -14.51
C GLY A 442 -26.67 -35.63 -15.79
N ALA A 443 -25.73 -36.52 -16.11
CA ALA A 443 -25.80 -37.34 -17.31
C ALA A 443 -26.66 -38.57 -17.05
N GLN A 444 -27.61 -38.83 -17.95
CA GLN A 444 -28.46 -40.01 -17.90
C GLN A 444 -28.38 -40.72 -19.24
N GLN A 445 -28.71 -42.00 -19.23
CA GLN A 445 -28.72 -42.79 -20.45
C GLN A 445 -30.12 -42.79 -21.07
N CYS A 446 -30.16 -42.78 -22.39
CA CYS A 446 -31.41 -42.74 -23.14
C CYS A 446 -31.35 -43.74 -24.28
N GLN A 447 -32.51 -44.32 -24.62
CA GLN A 447 -32.62 -45.32 -25.65
C GLN A 447 -33.28 -44.72 -26.88
N LEU A 448 -32.66 -44.90 -28.05
CA LEU A 448 -33.15 -44.34 -29.29
C LEU A 448 -33.96 -45.37 -30.07
N VAL A 449 -35.07 -44.92 -30.63
CA VAL A 449 -35.93 -45.77 -31.45
C VAL A 449 -35.32 -45.90 -32.83
N ASP A 450 -35.42 -47.10 -33.41
CA ASP A 450 -34.67 -47.43 -34.62
C ASP A 450 -35.20 -46.74 -35.87
N ASP A 451 -36.45 -46.28 -35.87
CA ASP A 451 -37.06 -45.74 -37.08
C ASP A 451 -37.00 -44.22 -37.15
N SER A 452 -36.31 -43.56 -36.22
CA SER A 452 -36.38 -42.13 -36.09
C SER A 452 -35.14 -41.45 -36.66
N LEU A 453 -35.22 -40.13 -36.76
CA LEU A 453 -34.12 -39.33 -37.30
C LEU A 453 -32.90 -39.39 -36.39
N VAL A 454 -33.12 -39.30 -35.08
CA VAL A 454 -32.00 -39.20 -34.14
C VAL A 454 -31.18 -40.48 -34.14
N ARG A 455 -31.79 -41.62 -34.48
CA ARG A 455 -31.02 -42.86 -34.56
C ARG A 455 -29.99 -42.78 -35.67
N GLN A 456 -30.38 -42.29 -36.85
CA GLN A 456 -29.42 -42.12 -37.92
C GLN A 456 -28.47 -40.96 -37.67
N LEU A 457 -28.86 -39.99 -36.84
CA LEU A 457 -27.95 -38.91 -36.52
C LEU A 457 -26.85 -39.37 -35.58
N TYR A 458 -27.23 -39.94 -34.43
CA TYR A 458 -26.23 -40.41 -33.47
C TYR A 458 -25.52 -41.66 -33.97
N ASN A 459 -26.19 -42.50 -34.75
CA ASN A 459 -25.63 -43.76 -35.23
C ASN A 459 -25.16 -44.63 -34.05
N ALA A 460 -26.05 -44.78 -33.07
CA ALA A 460 -25.78 -45.59 -31.90
C ALA A 460 -27.11 -46.02 -31.30
N PRO A 461 -27.19 -47.21 -30.70
CA PRO A 461 -28.45 -47.60 -30.05
C PRO A 461 -28.83 -46.71 -28.89
N THR A 462 -27.87 -46.18 -28.15
CA THR A 462 -28.15 -45.40 -26.96
C THR A 462 -27.18 -44.23 -26.85
N ILE A 463 -27.62 -43.18 -26.16
CA ILE A 463 -26.84 -41.96 -25.98
C ILE A 463 -26.88 -41.56 -24.51
N VAL A 464 -25.95 -40.69 -24.14
CA VAL A 464 -25.85 -40.16 -22.78
C VAL A 464 -25.79 -38.64 -22.86
N GLU A 465 -26.70 -37.97 -22.15
CA GLU A 465 -26.78 -36.52 -22.16
C GLU A 465 -27.13 -36.02 -20.77
N ARG A 466 -27.12 -34.70 -20.60
CA ARG A 466 -27.26 -34.08 -19.29
C ARG A 466 -28.57 -33.31 -19.17
N HIS A 467 -29.15 -33.35 -17.97
CA HIS A 467 -30.47 -32.80 -17.69
C HIS A 467 -30.39 -31.72 -16.62
N ARG A 468 -31.23 -30.70 -16.74
CA ARG A 468 -31.40 -29.69 -15.70
C ARG A 468 -32.86 -29.26 -15.59
N HIS A 469 -33.78 -30.21 -15.55
CA HIS A 469 -35.19 -29.89 -15.58
C HIS A 469 -35.92 -30.49 -14.39
N ARG A 470 -37.12 -29.99 -14.13
CA ARG A 470 -38.01 -30.53 -13.11
C ARG A 470 -39.24 -31.20 -13.70
N TYR A 471 -39.97 -30.50 -14.57
CA TYR A 471 -41.22 -31.03 -15.10
C TYR A 471 -40.96 -31.96 -16.28
N GLU A 472 -41.76 -33.02 -16.37
CA GLU A 472 -41.63 -34.03 -17.40
C GLU A 472 -42.90 -34.07 -18.26
N VAL A 473 -42.89 -34.97 -19.23
CA VAL A 473 -44.04 -35.16 -20.11
C VAL A 473 -44.97 -36.20 -19.50
N ASN A 474 -46.25 -35.88 -19.41
CA ASN A 474 -47.24 -36.75 -18.79
C ASN A 474 -47.45 -37.99 -19.66
N ASN A 475 -47.17 -39.17 -19.09
CA ASN A 475 -47.36 -40.41 -19.83
C ASN A 475 -48.83 -40.76 -19.97
N MET A 476 -49.67 -40.33 -19.04
CA MET A 476 -51.09 -40.64 -19.10
C MET A 476 -51.73 -40.02 -20.35
N LEU A 477 -51.38 -38.78 -20.66
CA LEU A 477 -51.90 -38.09 -21.83
C LEU A 477 -51.03 -38.30 -23.07
N LEU A 478 -49.98 -39.11 -22.97
CA LEU A 478 -49.06 -39.25 -24.09
C LEU A 478 -49.64 -40.11 -25.21
N LYS A 479 -50.45 -41.10 -24.87
CA LYS A 479 -50.98 -42.02 -25.89
C LYS A 479 -51.85 -41.29 -26.90
N GLN A 480 -52.67 -40.34 -26.44
CA GLN A 480 -53.52 -39.58 -27.35
C GLN A 480 -52.69 -38.75 -28.32
N ILE A 481 -51.66 -38.08 -27.82
CA ILE A 481 -50.82 -37.25 -28.69
C ILE A 481 -50.03 -38.12 -29.66
N GLU A 482 -49.60 -39.30 -29.21
CA GLU A 482 -48.94 -40.25 -30.11
C GLU A 482 -49.88 -40.70 -31.22
N ASP A 483 -51.14 -40.97 -30.88
CA ASP A 483 -52.13 -41.30 -31.89
C ASP A 483 -52.35 -40.15 -32.85
N ALA A 484 -52.29 -38.91 -32.35
CA ALA A 484 -52.47 -37.75 -33.21
C ALA A 484 -51.37 -37.63 -34.27
N GLY A 485 -50.21 -38.25 -34.05
CA GLY A 485 -49.18 -38.26 -35.06
C GLY A 485 -47.78 -38.07 -34.53
N LEU A 486 -47.66 -37.42 -33.37
CA LEU A 486 -46.34 -37.16 -32.80
C LEU A 486 -45.67 -38.47 -32.38
N ARG A 487 -44.42 -38.63 -32.77
CA ARG A 487 -43.64 -39.80 -32.42
C ARG A 487 -42.68 -39.49 -31.28
N VAL A 488 -42.33 -40.52 -30.52
CA VAL A 488 -41.36 -40.44 -29.43
C VAL A 488 -40.09 -41.13 -29.86
N ALA A 489 -38.96 -40.43 -29.77
CA ALA A 489 -37.70 -40.93 -30.28
C ALA A 489 -36.74 -41.41 -29.21
N GLY A 490 -37.00 -41.10 -27.94
CA GLY A 490 -36.11 -41.52 -26.87
C GLY A 490 -36.87 -41.62 -25.57
N ARG A 491 -36.39 -42.52 -24.71
CA ARG A 491 -37.02 -42.74 -23.42
C ARG A 491 -35.95 -43.01 -22.37
N SER A 492 -36.35 -42.87 -21.11
CA SER A 492 -35.43 -43.05 -19.99
C SER A 492 -35.20 -44.55 -19.75
N GLY A 493 -34.64 -44.89 -18.60
CA GLY A 493 -34.30 -46.27 -18.32
C GLY A 493 -35.30 -47.02 -17.48
N ASP A 494 -35.89 -46.36 -16.47
CA ASP A 494 -36.73 -47.03 -15.50
C ASP A 494 -38.21 -46.74 -15.71
N ASP A 495 -38.59 -45.46 -15.77
CA ASP A 495 -39.99 -45.07 -15.90
C ASP A 495 -40.37 -44.73 -17.33
N GLN A 496 -39.46 -44.93 -18.28
CA GLN A 496 -39.71 -44.65 -19.70
C GLN A 496 -40.20 -43.22 -19.89
N LEU A 497 -39.55 -42.29 -19.20
CA LEU A 497 -39.84 -40.87 -19.41
C LEU A 497 -39.44 -40.46 -20.82
N VAL A 498 -40.28 -39.65 -21.44
CA VAL A 498 -40.02 -39.22 -22.81
C VAL A 498 -38.88 -38.21 -22.82
N GLU A 499 -37.89 -38.46 -23.67
CA GLU A 499 -36.74 -37.57 -23.80
C GLU A 499 -36.66 -36.88 -25.15
N ILE A 500 -37.01 -37.56 -26.23
CA ILE A 500 -36.93 -37.01 -27.58
C ILE A 500 -38.26 -37.23 -28.29
N ILE A 501 -38.75 -36.19 -28.97
CA ILE A 501 -39.93 -36.29 -29.81
C ILE A 501 -39.58 -35.78 -31.20
N GLU A 502 -40.45 -36.08 -32.15
CA GLU A 502 -40.22 -35.73 -33.54
C GLU A 502 -41.56 -35.61 -34.25
N VAL A 503 -41.64 -34.67 -35.19
CA VAL A 503 -42.77 -34.53 -36.09
C VAL A 503 -42.42 -35.30 -37.37
N PRO A 504 -43.25 -36.27 -37.79
CA PRO A 504 -42.89 -37.05 -38.99
C PRO A 504 -43.04 -36.28 -40.28
N ASN A 505 -44.14 -35.55 -40.45
CA ASN A 505 -44.41 -34.83 -41.69
C ASN A 505 -43.72 -33.47 -41.74
N HIS A 506 -42.42 -33.47 -41.50
CA HIS A 506 -41.61 -32.26 -41.45
C HIS A 506 -40.23 -32.57 -42.01
N PRO A 507 -39.61 -31.61 -42.71
CA PRO A 507 -38.23 -31.84 -43.14
C PRO A 507 -37.26 -32.08 -41.99
N TRP A 508 -37.36 -31.30 -40.92
CA TRP A 508 -36.50 -31.50 -39.75
C TRP A 508 -37.17 -30.84 -38.56
N PHE A 509 -37.63 -31.65 -37.60
CA PHE A 509 -38.35 -31.14 -36.43
C PHE A 509 -38.03 -32.07 -35.26
N VAL A 510 -37.01 -31.69 -34.49
CA VAL A 510 -36.51 -32.50 -33.39
C VAL A 510 -36.55 -31.65 -32.12
N ALA A 511 -37.07 -32.22 -31.04
CA ALA A 511 -37.08 -31.60 -29.73
C ALA A 511 -36.55 -32.60 -28.71
N CYS A 512 -35.75 -32.11 -27.77
CA CYS A 512 -35.10 -32.96 -26.79
C CYS A 512 -35.30 -32.37 -25.40
N GLN A 513 -35.38 -33.26 -24.41
CA GLN A 513 -35.56 -32.85 -23.03
C GLN A 513 -34.24 -32.47 -22.36
N PHE A 514 -33.11 -32.96 -22.86
CA PHE A 514 -31.82 -32.74 -22.24
C PHE A 514 -31.12 -31.52 -22.87
N HIS A 515 -29.84 -31.34 -22.52
CA HIS A 515 -29.03 -30.24 -23.04
C HIS A 515 -27.90 -30.78 -23.89
N PRO A 516 -28.01 -30.75 -25.22
CA PRO A 516 -26.90 -31.23 -26.05
C PRO A 516 -25.77 -30.21 -26.21
N GLU A 517 -25.98 -28.96 -25.84
CA GLU A 517 -24.94 -27.95 -26.02
C GLU A 517 -23.82 -28.09 -24.99
N PHE A 518 -24.03 -28.85 -23.92
CA PHE A 518 -23.00 -29.07 -22.92
C PHE A 518 -22.04 -30.19 -23.31
N THR A 519 -22.06 -30.65 -24.57
CA THR A 519 -21.16 -31.70 -25.00
C THR A 519 -20.58 -31.47 -26.38
N SER A 520 -20.80 -30.31 -26.99
CA SER A 520 -20.24 -30.02 -28.31
C SER A 520 -18.88 -29.37 -28.17
N THR A 521 -17.93 -29.81 -28.99
CA THR A 521 -16.58 -29.26 -28.99
C THR A 521 -16.16 -28.93 -30.41
N PRO A 522 -15.33 -27.89 -30.57
CA PRO A 522 -14.92 -27.49 -31.94
C PRO A 522 -14.11 -28.56 -32.66
N ARG A 523 -13.53 -29.51 -31.95
CA ARG A 523 -12.74 -30.55 -32.58
C ARG A 523 -13.53 -31.81 -32.88
N ASP A 524 -14.66 -32.02 -32.21
CA ASP A 524 -15.50 -33.17 -32.43
C ASP A 524 -16.90 -32.84 -32.90
N GLY A 525 -17.46 -31.71 -32.46
CA GLY A 525 -18.80 -31.33 -32.88
C GLY A 525 -19.88 -32.06 -32.10
N HIS A 526 -21.04 -32.15 -32.72
CA HIS A 526 -22.20 -32.82 -32.16
C HIS A 526 -23.15 -33.20 -33.28
N PRO A 527 -23.60 -34.45 -33.33
CA PRO A 527 -24.44 -34.87 -34.47
C PRO A 527 -25.73 -34.10 -34.60
N LEU A 528 -26.35 -33.74 -33.48
CA LEU A 528 -27.66 -33.08 -33.51
C LEU A 528 -27.56 -31.70 -34.15
N PHE A 529 -26.60 -30.89 -33.71
CA PHE A 529 -26.46 -29.55 -34.25
C PHE A 529 -25.93 -29.57 -35.68
N ALA A 530 -25.08 -30.54 -36.01
CA ALA A 530 -24.64 -30.67 -37.39
C ALA A 530 -25.81 -30.96 -38.32
N GLY A 531 -26.69 -31.89 -37.91
CA GLY A 531 -27.86 -32.17 -38.72
C GLY A 531 -28.80 -30.99 -38.80
N PHE A 532 -28.97 -30.26 -37.70
CA PHE A 532 -29.82 -29.08 -37.70
C PHE A 532 -29.30 -28.02 -38.67
N VAL A 533 -27.99 -27.75 -38.66
CA VAL A 533 -27.43 -26.75 -39.55
C VAL A 533 -27.49 -27.23 -41.00
N LYS A 534 -27.28 -28.52 -41.24
CA LYS A 534 -27.41 -29.05 -42.59
C LYS A 534 -28.83 -28.89 -43.10
N ALA A 535 -29.82 -29.14 -42.25
CA ALA A 535 -31.21 -28.93 -42.62
C ALA A 535 -31.47 -27.47 -42.95
N ALA A 536 -30.88 -26.56 -42.17
CA ALA A 536 -31.04 -25.15 -42.47
C ALA A 536 -30.48 -24.80 -43.85
N SER A 537 -29.30 -25.34 -44.16
CA SER A 537 -28.70 -25.08 -45.46
C SER A 537 -29.58 -25.62 -46.59
N GLU A 538 -30.10 -26.84 -46.42
CA GLU A 538 -30.96 -27.42 -47.44
C GLU A 538 -32.25 -26.61 -47.61
N PHE A 539 -32.80 -26.11 -46.50
CA PHE A 539 -33.99 -25.27 -46.59
C PHE A 539 -33.71 -23.99 -47.35
N GLN A 540 -32.57 -23.34 -47.08
CA GLN A 540 -32.27 -22.12 -47.81
C GLN A 540 -32.04 -22.39 -49.29
N LYS A 541 -31.35 -23.48 -49.62
CA LYS A 541 -31.20 -23.83 -51.02
C LYS A 541 -32.55 -24.06 -51.69
N ARG A 542 -33.46 -24.75 -50.99
CA ARG A 542 -34.81 -24.90 -51.49
C ARG A 542 -35.52 -23.56 -51.57
N GLN A 543 -35.39 -22.72 -50.53
CA GLN A 543 -36.05 -21.42 -50.50
C GLN A 543 -35.05 -20.35 -50.94
N ALA A 544 -34.89 -20.23 -52.25
CA ALA A 544 -33.96 -19.27 -52.83
C ALA A 544 -34.50 -18.70 -54.14
N THR B 2 -8.01 36.70 0.75
CA THR B 2 -7.22 35.52 1.03
C THR B 2 -7.10 34.66 -0.22
N THR B 3 -6.01 33.90 -0.31
CA THR B 3 -5.68 33.14 -1.52
C THR B 3 -6.16 31.71 -1.37
N ASN B 4 -6.87 31.22 -2.38
CA ASN B 4 -7.33 29.85 -2.46
C ASN B 4 -6.45 29.04 -3.40
N TYR B 5 -6.27 27.77 -3.08
CA TYR B 5 -5.38 26.89 -3.83
C TYR B 5 -6.14 25.67 -4.31
N ILE B 6 -5.97 25.34 -5.59
CA ILE B 6 -6.44 24.09 -6.16
C ILE B 6 -5.22 23.32 -6.64
N PHE B 7 -5.09 22.08 -6.19
CA PHE B 7 -3.97 21.21 -6.55
C PHE B 7 -4.47 20.13 -7.49
N VAL B 8 -3.88 20.03 -8.67
CA VAL B 8 -4.32 19.15 -9.74
C VAL B 8 -3.30 18.05 -9.93
N THR B 9 -3.74 16.81 -9.81
CA THR B 9 -2.88 15.63 -9.92
C THR B 9 -3.50 14.64 -10.90
N GLY B 10 -2.70 13.67 -11.34
CA GLY B 10 -3.16 12.68 -12.27
C GLY B 10 -2.84 11.27 -11.83
N GLY B 11 -3.66 10.33 -12.28
CA GLY B 11 -3.51 8.94 -11.89
C GLY B 11 -3.71 8.00 -13.07
N VAL B 12 -3.43 6.72 -12.81
CA VAL B 12 -3.52 5.62 -13.75
C VAL B 12 -2.43 5.74 -14.81
N VAL B 13 -2.57 6.68 -15.73
CA VAL B 13 -1.58 6.90 -16.78
C VAL B 13 -1.34 8.40 -16.89
N SER B 14 -0.19 8.74 -17.47
CA SER B 14 0.11 10.12 -17.83
C SER B 14 -0.50 10.41 -19.20
N SER B 15 -0.20 11.58 -19.75
CA SER B 15 -0.70 12.00 -21.06
C SER B 15 -2.23 12.07 -21.08
N LEU B 16 -2.85 12.35 -19.94
CA LEU B 16 -4.28 12.53 -19.88
C LEU B 16 -4.73 13.90 -20.36
N GLY B 17 -3.83 14.87 -20.44
CA GLY B 17 -4.20 16.23 -20.80
C GLY B 17 -4.45 17.09 -19.59
N LYS B 18 -3.54 17.03 -18.62
CA LYS B 18 -3.75 17.74 -17.35
C LYS B 18 -3.65 19.25 -17.54
N GLY B 19 -2.67 19.70 -18.33
CA GLY B 19 -2.50 21.13 -18.52
C GLY B 19 -3.69 21.76 -19.22
N ILE B 20 -4.26 21.07 -20.20
CA ILE B 20 -5.43 21.59 -20.90
C ILE B 20 -6.61 21.73 -19.94
N ALA B 21 -6.84 20.73 -19.09
CA ALA B 21 -7.95 20.78 -18.16
C ALA B 21 -7.76 21.90 -17.13
N ALA B 22 -6.54 22.06 -16.62
CA ALA B 22 -6.26 23.14 -15.69
C ALA B 22 -6.45 24.50 -16.35
N ALA B 23 -6.01 24.63 -17.60
CA ALA B 23 -6.18 25.88 -18.33
C ALA B 23 -7.65 26.19 -18.56
N SER B 24 -8.44 25.17 -18.88
CA SER B 24 -9.87 25.38 -19.09
C SER B 24 -10.57 25.80 -17.80
N LEU B 25 -10.22 25.16 -16.68
CA LEU B 25 -10.82 25.55 -15.42
C LEU B 25 -10.44 26.98 -15.04
N ALA B 26 -9.17 27.34 -15.25
CA ALA B 26 -8.75 28.72 -15.01
C ALA B 26 -9.47 29.69 -15.93
N ALA B 27 -9.73 29.28 -17.18
CA ALA B 27 -10.48 30.14 -18.09
C ALA B 27 -11.90 30.37 -17.58
N ILE B 28 -12.54 29.32 -17.06
CA ILE B 28 -13.88 29.47 -16.51
C ILE B 28 -13.87 30.42 -15.32
N LEU B 29 -12.89 30.25 -14.43
CA LEU B 29 -12.81 31.12 -13.26
C LEU B 29 -12.51 32.56 -13.64
N GLU B 30 -11.67 32.77 -14.65
CA GLU B 30 -11.37 34.12 -15.13
C GLU B 30 -12.59 34.76 -15.78
N ALA B 31 -13.43 33.95 -16.44
CA ALA B 31 -14.68 34.45 -17.00
C ALA B 31 -15.67 34.91 -15.95
N ARG B 32 -15.47 34.55 -14.68
CA ARG B 32 -16.33 35.00 -13.61
C ARG B 32 -15.76 36.21 -12.87
N GLY B 33 -14.71 36.82 -13.40
CA GLY B 33 -14.14 38.01 -12.81
C GLY B 33 -13.08 37.78 -11.75
N LEU B 34 -12.58 36.56 -11.60
CA LEU B 34 -11.60 36.26 -10.58
C LEU B 34 -10.18 36.46 -11.11
N ASN B 35 -9.26 36.69 -10.17
CA ASN B 35 -7.84 36.86 -10.47
C ASN B 35 -7.14 35.53 -10.23
N VAL B 36 -6.87 34.79 -11.30
CA VAL B 36 -6.35 33.44 -11.19
C VAL B 36 -4.95 33.39 -11.78
N THR B 37 -4.20 32.37 -11.37
CA THR B 37 -2.91 32.07 -11.97
C THR B 37 -2.70 30.56 -11.93
N ILE B 38 -1.75 30.08 -12.74
CA ILE B 38 -1.42 28.67 -12.82
C ILE B 38 0.08 28.51 -12.66
N MET B 39 0.49 27.44 -11.98
CA MET B 39 1.91 27.10 -11.86
C MET B 39 2.10 25.61 -12.09
N LYS B 40 3.24 25.27 -12.69
CA LYS B 40 3.55 23.90 -13.09
C LYS B 40 4.75 23.38 -12.30
N LEU B 41 4.64 22.17 -11.78
CA LEU B 41 5.71 21.53 -11.03
C LEU B 41 6.18 20.29 -11.80
N ASP B 42 7.43 20.30 -12.20
CA ASP B 42 8.02 19.22 -13.01
C ASP B 42 8.93 18.36 -12.16
N PRO B 43 8.82 17.04 -12.23
CA PRO B 43 9.68 16.16 -11.44
C PRO B 43 10.97 15.79 -12.18
N TYR B 44 11.61 16.78 -12.78
CA TYR B 44 12.81 16.58 -13.58
C TYR B 44 14.04 17.01 -12.81
N ILE B 45 15.17 16.35 -13.10
CA ILE B 45 16.43 16.76 -12.49
C ILE B 45 17.06 17.92 -13.24
N ASN B 46 16.66 18.15 -14.50
CA ASN B 46 17.12 19.32 -15.23
C ASN B 46 16.73 20.59 -14.50
N VAL B 47 17.69 21.50 -14.36
CA VAL B 47 17.41 22.75 -13.66
C VAL B 47 16.47 23.63 -14.49
N ASP B 48 16.64 23.63 -15.80
CA ASP B 48 15.77 24.36 -16.71
C ASP B 48 15.77 23.67 -18.05
N PRO B 49 14.72 23.85 -18.87
CA PRO B 49 14.62 23.09 -20.12
C PRO B 49 15.52 23.59 -21.24
N GLY B 50 16.36 24.58 -20.96
CA GLY B 50 17.27 25.06 -21.99
C GLY B 50 18.24 23.99 -22.47
N THR B 51 18.65 23.10 -21.57
CA THR B 51 19.52 22.01 -21.96
C THR B 51 18.77 20.93 -22.73
N MET B 52 17.47 20.78 -22.47
CA MET B 52 16.70 19.73 -23.11
C MET B 52 16.55 20.00 -24.60
N SER B 53 16.46 18.93 -25.37
CA SER B 53 16.36 19.00 -26.82
C SER B 53 14.90 18.94 -27.26
N PRO B 54 14.57 19.53 -28.42
CA PRO B 54 13.16 19.60 -28.83
C PRO B 54 12.51 18.25 -29.07
N ILE B 55 13.28 17.19 -29.33
CA ILE B 55 12.72 15.90 -29.73
C ILE B 55 12.53 14.99 -28.53
N GLN B 56 12.53 15.57 -27.33
CA GLN B 56 12.25 14.83 -26.11
C GLN B 56 10.96 15.27 -25.45
N HIS B 57 10.80 16.57 -25.16
CA HIS B 57 9.59 17.07 -24.54
C HIS B 57 8.82 18.04 -25.42
N GLY B 58 9.47 18.73 -26.34
CA GLY B 58 8.78 19.64 -27.23
C GLY B 58 9.43 21.00 -27.21
N GLU B 59 8.69 21.99 -27.70
CA GLU B 59 9.22 23.33 -27.85
C GLU B 59 9.45 23.98 -26.48
N VAL B 60 10.43 24.88 -26.44
CA VAL B 60 10.75 25.62 -25.23
C VAL B 60 10.00 26.94 -25.26
N PHE B 61 9.26 27.23 -24.19
CA PHE B 61 8.47 28.44 -24.10
C PHE B 61 9.29 29.54 -23.44
N VAL B 62 9.17 30.75 -23.97
CA VAL B 62 9.92 31.90 -23.48
C VAL B 62 8.93 32.90 -22.89
N THR B 63 9.15 33.26 -21.63
CA THR B 63 8.28 34.20 -20.96
C THR B 63 8.72 35.63 -21.26
N GLU B 64 7.98 36.60 -20.73
CA GLU B 64 8.31 38.01 -20.96
C GLU B 64 9.66 38.36 -20.35
N ASP B 65 9.97 37.79 -19.19
CA ASP B 65 11.17 38.12 -18.45
C ASP B 65 12.38 37.28 -18.83
N GLY B 66 12.24 36.35 -19.76
CA GLY B 66 13.36 35.57 -20.24
C GLY B 66 13.50 34.18 -19.68
N ALA B 67 12.53 33.71 -18.90
CA ALA B 67 12.60 32.35 -18.41
C ALA B 67 12.29 31.36 -19.53
N GLU B 68 12.93 30.19 -19.46
CA GLU B 68 12.64 29.08 -20.35
C GLU B 68 11.84 28.04 -19.57
N THR B 69 10.71 27.62 -20.12
CA THR B 69 9.73 26.83 -19.39
C THR B 69 9.24 25.71 -20.29
N ASP B 70 8.10 25.13 -19.92
CA ASP B 70 7.48 24.02 -20.65
C ASP B 70 6.34 24.51 -21.54
N LEU B 71 5.87 23.59 -22.39
CA LEU B 71 4.74 23.87 -23.27
C LEU B 71 3.46 24.16 -22.49
N ASP B 72 3.37 23.69 -21.25
CA ASP B 72 2.20 23.93 -20.43
C ASP B 72 1.99 25.43 -20.21
N LEU B 73 3.07 26.18 -20.01
CA LEU B 73 2.92 27.61 -19.84
C LEU B 73 2.43 28.28 -21.12
N GLY B 74 2.79 27.73 -22.28
CA GLY B 74 2.19 28.18 -23.52
C GLY B 74 0.69 27.94 -23.56
N HIS B 75 0.27 26.75 -23.13
CA HIS B 75 -1.17 26.47 -23.00
C HIS B 75 -1.84 27.51 -22.10
N TYR B 76 -1.24 27.76 -20.93
CA TYR B 76 -1.85 28.67 -19.96
C TYR B 76 -1.97 30.07 -20.52
N GLU B 77 -0.91 30.57 -21.16
CA GLU B 77 -0.98 31.90 -21.74
C GLU B 77 -1.98 31.97 -22.88
N ARG B 78 -2.21 30.85 -23.58
CA ARG B 78 -3.25 30.83 -24.59
C ARG B 78 -4.64 30.85 -23.97
N PHE B 79 -4.79 30.37 -22.74
CA PHE B 79 -6.12 30.23 -22.15
C PHE B 79 -6.51 31.37 -21.21
N ILE B 80 -5.57 31.94 -20.47
CA ILE B 80 -5.87 33.03 -19.56
C ILE B 80 -5.03 34.24 -19.94
N ARG B 81 -5.34 35.37 -19.33
CA ARG B 81 -4.69 36.64 -19.63
C ARG B 81 -3.80 37.10 -18.49
N THR B 82 -3.09 36.15 -17.89
CA THR B 82 -2.10 36.41 -16.85
C THR B 82 -0.73 36.04 -17.43
N LYS B 83 0.20 36.98 -17.38
CA LYS B 83 1.51 36.72 -17.97
C LYS B 83 2.34 35.85 -17.04
N MET B 84 2.92 34.79 -17.60
CA MET B 84 3.74 33.87 -16.83
C MET B 84 5.12 34.45 -16.60
N SER B 85 5.87 33.79 -15.71
CA SER B 85 7.22 34.23 -15.38
C SER B 85 7.98 33.02 -14.86
N ARG B 86 9.16 33.26 -14.30
CA ARG B 86 9.92 32.19 -13.66
C ARG B 86 9.20 31.61 -12.45
N ARG B 87 8.33 32.39 -11.81
CA ARG B 87 7.63 31.91 -10.62
C ARG B 87 6.53 30.91 -10.94
N ASN B 88 6.20 30.68 -12.20
CA ASN B 88 5.09 29.82 -12.56
C ASN B 88 5.54 28.42 -12.98
N ASN B 89 6.83 28.11 -12.84
CA ASN B 89 7.32 26.81 -13.25
C ASN B 89 8.68 26.57 -12.60
N PHE B 90 8.83 25.40 -11.97
CA PHE B 90 10.13 24.98 -11.47
C PHE B 90 10.15 23.47 -11.38
N THR B 91 11.35 22.93 -11.25
CA THR B 91 11.57 21.49 -11.28
C THR B 91 12.15 21.00 -9.96
N THR B 92 12.25 19.68 -9.85
CA THR B 92 12.93 19.07 -8.71
C THR B 92 14.40 19.48 -8.66
N GLY B 93 15.05 19.50 -9.83
CA GLY B 93 16.45 19.87 -9.89
C GLY B 93 16.71 21.27 -9.37
N ARG B 94 15.80 22.20 -9.65
CA ARG B 94 15.95 23.56 -9.14
C ARG B 94 15.91 23.59 -7.62
N ILE B 95 14.96 22.88 -7.02
CA ILE B 95 14.84 22.85 -5.56
C ILE B 95 16.08 22.24 -4.95
N TYR B 96 16.55 21.12 -5.51
CA TYR B 96 17.73 20.47 -4.97
C TYR B 96 18.97 21.33 -5.12
N SER B 97 19.10 22.03 -6.24
CA SER B 97 20.22 22.94 -6.43
C SER B 97 20.21 24.06 -5.39
N ASP B 98 19.03 24.64 -5.15
CA ASP B 98 18.95 25.72 -4.16
C ASP B 98 19.35 25.22 -2.78
N VAL B 99 18.83 24.06 -2.38
CA VAL B 99 19.12 23.56 -1.04
C VAL B 99 20.59 23.18 -0.92
N LEU B 100 21.17 22.56 -1.96
CA LEU B 100 22.59 22.21 -1.92
C LEU B 100 23.46 23.46 -1.81
N ARG B 101 23.10 24.51 -2.57
CA ARG B 101 23.84 25.76 -2.48
C ARG B 101 23.80 26.34 -1.07
N LYS B 102 22.60 26.38 -0.47
CA LYS B 102 22.49 26.91 0.88
C LYS B 102 23.27 26.07 1.88
N GLU B 103 23.22 24.75 1.75
CA GLU B 103 23.91 23.89 2.70
C GLU B 103 25.43 24.04 2.59
N ARG B 104 25.95 24.12 1.37
CA ARG B 104 27.38 24.38 1.21
C ARG B 104 27.75 25.75 1.77
N ARG B 105 26.91 26.76 1.54
CA ARG B 105 27.17 28.08 2.07
C ARG B 105 27.09 28.13 3.59
N GLY B 106 26.41 27.18 4.22
CA GLY B 106 26.29 27.14 5.65
C GLY B 106 25.06 27.79 6.24
N ASP B 107 24.00 27.98 5.45
CA ASP B 107 22.80 28.65 5.94
C ASP B 107 22.03 27.80 6.94
N TYR B 108 22.26 26.51 6.98
CA TYR B 108 21.47 25.64 7.85
C TYR B 108 22.15 25.41 9.20
N LEU B 109 23.26 26.09 9.46
CA LEU B 109 23.85 26.16 10.80
C LEU B 109 24.21 24.78 11.35
N GLY B 110 24.76 23.93 10.49
CA GLY B 110 25.25 22.64 10.95
C GLY B 110 24.19 21.62 11.24
N ALA B 111 22.93 21.89 10.92
CA ALA B 111 21.89 20.90 11.07
C ALA B 111 21.94 19.90 9.92
N THR B 112 21.33 18.75 10.14
CA THR B 112 21.19 17.75 9.09
C THR B 112 20.08 18.15 8.13
N VAL B 113 20.40 18.22 6.86
CA VAL B 113 19.44 18.62 5.84
C VAL B 113 18.72 17.37 5.36
N GLN B 114 17.44 17.28 5.65
CA GLN B 114 16.61 16.12 5.36
C GLN B 114 15.60 16.48 4.28
N VAL B 115 14.94 15.45 3.75
CA VAL B 115 13.96 15.69 2.69
C VAL B 115 12.70 16.34 3.26
N ILE B 116 12.07 15.67 4.23
CA ILE B 116 10.74 16.10 4.66
C ILE B 116 10.73 17.52 5.23
N PRO B 117 11.59 17.88 6.19
CA PRO B 117 11.62 19.30 6.56
C PRO B 117 12.10 20.19 5.42
N HIS B 118 13.32 19.98 4.91
CA HIS B 118 13.97 21.05 4.17
C HIS B 118 13.55 21.11 2.71
N ILE B 119 13.49 19.96 2.04
CA ILE B 119 13.07 19.96 0.63
C ILE B 119 11.63 20.44 0.52
N THR B 120 10.75 19.93 1.38
CA THR B 120 9.36 20.31 1.31
C THR B 120 9.15 21.76 1.76
N ASN B 121 10.00 22.27 2.67
CA ASN B 121 9.94 23.68 3.00
C ASN B 121 10.30 24.55 1.80
N ALA B 122 11.33 24.15 1.05
CA ALA B 122 11.69 24.90 -0.15
C ALA B 122 10.54 24.87 -1.17
N ILE B 123 9.92 23.71 -1.34
CA ILE B 123 8.80 23.61 -2.28
C ILE B 123 7.64 24.50 -1.84
N LYS B 124 7.29 24.47 -0.56
CA LYS B 124 6.19 25.29 -0.06
C LYS B 124 6.48 26.76 -0.23
N GLU B 125 7.72 27.17 0.06
CA GLU B 125 8.09 28.57 -0.09
C GLU B 125 7.92 29.03 -1.54
N ARG B 126 8.38 28.20 -2.49
CA ARG B 126 8.21 28.58 -3.89
C ARG B 126 6.74 28.65 -4.29
N VAL B 127 5.93 27.69 -3.82
CA VAL B 127 4.51 27.71 -4.19
C VAL B 127 3.82 28.95 -3.64
N LEU B 128 4.10 29.29 -2.37
CA LEU B 128 3.50 30.48 -1.79
C LEU B 128 3.94 31.76 -2.49
N GLU B 129 5.23 31.85 -2.84
CA GLU B 129 5.68 33.04 -3.53
C GLU B 129 5.09 33.15 -4.93
N GLY B 130 4.83 32.01 -5.60
CA GLY B 130 4.17 32.05 -6.88
C GLY B 130 2.72 32.46 -6.78
N GLY B 131 2.01 31.97 -5.76
CA GLY B 131 0.60 32.25 -5.66
C GLY B 131 0.20 33.54 -4.99
N GLU B 132 1.16 34.30 -4.46
CA GLU B 132 0.83 35.49 -3.68
C GLU B 132 0.17 36.56 -4.54
N GLY B 133 -0.93 37.11 -4.06
CA GLY B 133 -1.60 38.20 -4.72
C GLY B 133 -2.71 37.84 -5.69
N HIS B 134 -3.21 36.61 -5.64
CA HIS B 134 -4.26 36.18 -6.55
C HIS B 134 -5.41 35.58 -5.74
N ASP B 135 -6.59 35.57 -6.36
CA ASP B 135 -7.77 35.00 -5.71
C ASP B 135 -7.69 33.47 -5.68
N VAL B 136 -7.32 32.86 -6.80
CA VAL B 136 -7.23 31.42 -6.94
C VAL B 136 -5.91 31.07 -7.61
N VAL B 137 -5.26 30.01 -7.12
CA VAL B 137 -4.03 29.51 -7.70
C VAL B 137 -4.24 28.05 -8.06
N LEU B 138 -3.97 27.72 -9.32
CA LEU B 138 -4.03 26.35 -9.80
C LEU B 138 -2.60 25.80 -9.88
N VAL B 139 -2.32 24.80 -9.06
CA VAL B 139 -1.00 24.19 -8.99
C VAL B 139 -1.11 22.80 -9.59
N GLU B 140 -0.46 22.60 -10.74
CA GLU B 140 -0.47 21.31 -11.43
C GLU B 140 0.82 20.56 -11.10
N ILE B 141 0.68 19.29 -10.72
CA ILE B 141 1.80 18.47 -10.27
C ILE B 141 2.07 17.43 -11.34
N GLY B 142 3.28 17.46 -11.89
CA GLY B 142 3.65 16.50 -12.90
C GLY B 142 3.96 15.13 -12.33
N GLY B 143 3.94 14.14 -13.22
CA GLY B 143 4.11 12.76 -12.82
C GLY B 143 2.79 12.14 -12.38
N THR B 144 2.79 10.81 -12.32
CA THR B 144 1.61 10.07 -11.93
C THR B 144 1.67 9.81 -10.43
N VAL B 145 0.50 9.79 -9.80
CA VAL B 145 0.43 9.55 -8.36
C VAL B 145 0.75 8.10 -8.10
N GLY B 146 1.81 7.86 -7.33
CA GLY B 146 2.28 6.51 -7.09
C GLY B 146 3.66 6.26 -7.63
N ASP B 147 4.39 7.33 -7.90
CA ASP B 147 5.75 7.27 -8.42
C ASP B 147 6.73 7.86 -7.43
N ILE B 148 7.96 7.36 -7.47
CA ILE B 148 9.00 7.84 -6.56
C ILE B 148 9.30 9.30 -6.82
N GLU B 149 9.23 9.72 -8.09
CA GLU B 149 9.72 11.04 -8.46
C GLU B 149 8.86 12.18 -7.93
N SER B 150 7.60 11.94 -7.60
CA SER B 150 6.70 13.03 -7.26
C SER B 150 6.26 13.01 -5.81
N LEU B 151 6.83 12.11 -5.00
CA LEU B 151 6.46 12.04 -3.59
C LEU B 151 6.78 13.31 -2.81
N PRO B 152 7.96 13.93 -2.96
CA PRO B 152 8.19 15.20 -2.23
C PRO B 152 7.16 16.27 -2.54
N PHE B 153 6.74 16.39 -3.80
CA PHE B 153 5.74 17.40 -4.15
C PHE B 153 4.40 17.13 -3.46
N LEU B 154 3.97 15.87 -3.46
CA LEU B 154 2.70 15.53 -2.82
C LEU B 154 2.76 15.73 -1.32
N GLU B 155 3.88 15.35 -0.68
CA GLU B 155 4.02 15.58 0.74
C GLU B 155 3.99 17.07 1.07
N ALA B 156 4.68 17.87 0.26
CA ALA B 156 4.68 19.31 0.48
C ALA B 156 3.29 19.89 0.34
N ILE B 157 2.53 19.48 -0.68
CA ILE B 157 1.21 20.08 -0.85
C ILE B 157 0.25 19.62 0.23
N ARG B 158 0.40 18.39 0.75
CA ARG B 158 -0.42 17.96 1.88
C ARG B 158 -0.14 18.80 3.12
N GLN B 159 1.14 19.01 3.43
CA GLN B 159 1.48 19.86 4.56
C GLN B 159 0.97 21.27 4.36
N MET B 160 1.11 21.81 3.14
CA MET B 160 0.63 23.15 2.85
C MET B 160 -0.87 23.26 3.03
N ALA B 161 -1.61 22.24 2.60
CA ALA B 161 -3.06 22.24 2.78
C ALA B 161 -3.43 22.26 4.25
N VAL B 162 -2.70 21.51 5.07
CA VAL B 162 -2.97 21.53 6.51
C VAL B 162 -2.67 22.90 7.11
N GLU B 163 -1.53 23.48 6.74
CA GLU B 163 -1.13 24.77 7.32
C GLU B 163 -2.07 25.89 6.91
N ILE B 164 -2.39 25.97 5.62
CA ILE B 164 -3.23 27.05 5.12
C ILE B 164 -4.65 26.92 5.63
N GLY B 165 -5.19 25.70 5.64
CA GLY B 165 -6.56 25.47 6.02
C GLY B 165 -7.36 24.81 4.91
N ARG B 166 -8.22 23.87 5.27
CA ARG B 166 -8.95 23.12 4.26
C ARG B 166 -10.15 23.87 3.70
N GLU B 167 -10.45 25.04 4.22
CA GLU B 167 -11.46 25.92 3.63
C GLU B 167 -10.87 26.84 2.57
N HIS B 168 -9.56 26.72 2.29
CA HIS B 168 -8.93 27.45 1.21
C HIS B 168 -8.13 26.54 0.28
N THR B 169 -8.25 25.23 0.43
CA THR B 169 -7.49 24.29 -0.39
C THR B 169 -8.42 23.21 -0.94
N LEU B 170 -8.26 22.92 -2.22
CA LEU B 170 -8.98 21.84 -2.89
C LEU B 170 -7.96 20.93 -3.57
N PHE B 171 -8.35 19.67 -3.70
CA PHE B 171 -7.55 18.67 -4.41
C PHE B 171 -8.38 18.12 -5.56
N MET B 172 -7.79 18.10 -6.75
CA MET B 172 -8.47 17.63 -7.96
C MET B 172 -7.63 16.54 -8.60
N HIS B 173 -8.26 15.40 -8.87
CA HIS B 173 -7.56 14.22 -9.37
C HIS B 173 -8.09 13.86 -10.75
N LEU B 174 -7.18 13.62 -11.69
CA LEU B 174 -7.52 13.17 -13.03
C LEU B 174 -7.22 11.69 -13.17
N THR B 175 -8.13 10.96 -13.81
CA THR B 175 -7.99 9.52 -13.98
C THR B 175 -8.43 9.14 -15.37
N LEU B 176 -8.10 7.91 -15.77
CA LEU B 176 -8.54 7.33 -17.02
C LEU B 176 -9.61 6.30 -16.74
N VAL B 177 -10.74 6.42 -17.44
CA VAL B 177 -11.79 5.40 -17.39
C VAL B 177 -11.74 4.62 -18.70
N PRO B 178 -11.08 3.46 -18.73
CA PRO B 178 -10.94 2.75 -20.00
C PRO B 178 -12.24 2.14 -20.46
N TYR B 179 -12.33 1.91 -21.77
CA TYR B 179 -13.46 1.25 -22.38
C TYR B 179 -13.02 -0.09 -22.95
N MET B 180 -13.68 -1.16 -22.54
CA MET B 180 -13.36 -2.50 -23.01
C MET B 180 -14.40 -2.92 -24.04
N ALA B 181 -13.94 -3.22 -25.26
CA ALA B 181 -14.86 -3.58 -26.34
C ALA B 181 -15.48 -4.95 -26.13
N ALA B 182 -14.86 -5.82 -25.33
CA ALA B 182 -15.41 -7.15 -25.08
C ALA B 182 -16.78 -7.06 -24.42
N SER B 183 -16.84 -6.52 -23.21
CA SER B 183 -18.12 -6.33 -22.55
C SER B 183 -18.85 -5.09 -23.01
N GLY B 184 -18.18 -4.19 -23.73
CA GLY B 184 -18.80 -2.95 -24.14
C GLY B 184 -19.15 -2.02 -22.99
N GLU B 185 -18.36 -2.02 -21.93
CA GLU B 185 -18.60 -1.16 -20.78
C GLU B 185 -17.38 -0.27 -20.53
N VAL B 186 -17.57 0.69 -19.63
CA VAL B 186 -16.49 1.53 -19.12
C VAL B 186 -16.16 1.05 -17.72
N LYS B 187 -14.87 0.90 -17.43
CA LYS B 187 -14.39 0.28 -16.21
C LYS B 187 -13.92 1.35 -15.23
N THR B 188 -14.37 1.23 -13.98
CA THR B 188 -14.05 2.22 -12.95
C THR B 188 -13.01 1.73 -11.96
N LYS B 189 -12.53 0.49 -12.09
CA LYS B 189 -11.58 -0.03 -11.12
C LYS B 189 -10.25 0.72 -11.08
N PRO B 190 -9.61 1.09 -12.20
CA PRO B 190 -8.36 1.85 -12.10
C PRO B 190 -8.51 3.16 -11.33
N THR B 191 -9.64 3.85 -11.49
CA THR B 191 -9.88 5.06 -10.72
C THR B 191 -9.95 4.77 -9.23
N GLN B 192 -10.60 3.67 -8.86
CA GLN B 192 -10.67 3.28 -7.46
C GLN B 192 -9.28 3.04 -6.89
N HIS B 193 -8.44 2.33 -7.63
CA HIS B 193 -7.11 2.03 -7.10
C HIS B 193 -6.23 3.28 -7.06
N SER B 194 -6.42 4.20 -8.00
CA SER B 194 -5.66 5.46 -7.98
C SER B 194 -6.06 6.32 -6.79
N VAL B 195 -7.36 6.39 -6.50
CA VAL B 195 -7.80 7.12 -5.33
C VAL B 195 -7.25 6.48 -4.06
N LYS B 196 -7.18 5.15 -4.03
CA LYS B 196 -6.59 4.47 -2.89
C LYS B 196 -5.12 4.84 -2.71
N GLU B 197 -4.37 4.91 -3.82
CA GLU B 197 -2.95 5.28 -3.73
C GLU B 197 -2.77 6.72 -3.24
N LEU B 198 -3.57 7.65 -3.78
CA LEU B 198 -3.50 9.02 -3.33
C LEU B 198 -3.85 9.13 -1.84
N LEU B 199 -4.84 8.37 -1.37
CA LEU B 199 -5.17 8.35 0.04
C LEU B 199 -4.03 7.79 0.87
N SER B 200 -3.35 6.76 0.36
CA SER B 200 -2.20 6.21 1.05
C SER B 200 -1.11 7.26 1.21
N ILE B 201 -0.95 8.15 0.22
CA ILE B 201 0.00 9.25 0.38
C ILE B 201 -0.47 10.20 1.48
N GLY B 202 -1.76 10.41 1.60
CA GLY B 202 -2.31 11.24 2.66
C GLY B 202 -3.25 12.33 2.20
N ILE B 203 -3.71 12.27 0.95
CA ILE B 203 -4.56 13.29 0.37
C ILE B 203 -5.92 12.68 0.03
N GLN B 204 -6.99 13.35 0.45
CA GLN B 204 -8.34 12.98 0.07
C GLN B 204 -8.80 13.85 -1.08
N PRO B 205 -9.09 13.27 -2.24
CA PRO B 205 -9.59 14.09 -3.36
C PRO B 205 -10.92 14.74 -3.03
N ASP B 206 -11.10 15.93 -3.55
CA ASP B 206 -12.37 16.64 -3.47
C ASP B 206 -13.15 16.60 -4.77
N ILE B 207 -12.45 16.50 -5.90
CA ILE B 207 -13.06 16.46 -7.22
C ILE B 207 -12.38 15.34 -8.00
N LEU B 208 -13.18 14.56 -8.71
CA LEU B 208 -12.65 13.55 -9.62
C LEU B 208 -13.04 13.92 -11.04
N ILE B 209 -12.04 14.07 -11.91
CA ILE B 209 -12.24 14.34 -13.32
C ILE B 209 -11.90 13.07 -14.08
N CYS B 210 -12.86 12.56 -14.83
CA CYS B 210 -12.73 11.26 -15.50
C CYS B 210 -12.53 11.48 -16.99
N ARG B 211 -11.46 10.89 -17.51
CA ARG B 211 -11.07 11.02 -18.91
C ARG B 211 -11.38 9.72 -19.63
N SER B 212 -12.09 9.82 -20.74
CA SER B 212 -12.50 8.64 -21.50
C SER B 212 -12.76 9.06 -22.94
N ASP B 213 -12.85 8.06 -23.82
CA ASP B 213 -13.23 8.33 -25.20
C ASP B 213 -14.63 8.93 -25.27
N ARG B 214 -15.56 8.39 -24.50
CA ARG B 214 -16.94 8.82 -24.48
C ARG B 214 -17.28 9.43 -23.13
N ALA B 215 -18.53 9.84 -22.97
CA ALA B 215 -18.98 10.36 -21.69
C ALA B 215 -19.22 9.22 -20.70
N VAL B 216 -18.87 9.45 -19.45
CA VAL B 216 -19.04 8.44 -18.41
C VAL B 216 -20.51 8.38 -17.99
N PRO B 217 -21.14 7.22 -17.97
CA PRO B 217 -22.55 7.13 -17.59
C PRO B 217 -22.77 7.47 -16.13
N ALA B 218 -24.03 7.78 -15.81
CA ALA B 218 -24.39 8.23 -14.47
C ALA B 218 -24.19 7.13 -13.44
N ASN B 219 -24.51 5.89 -13.80
CA ASN B 219 -24.32 4.78 -12.85
C ASN B 219 -22.86 4.59 -12.50
N GLU B 220 -21.98 4.69 -13.49
CA GLU B 220 -20.55 4.59 -13.23
C GLU B 220 -20.08 5.73 -12.31
N ARG B 221 -20.57 6.94 -12.54
CA ARG B 221 -20.19 8.06 -11.68
C ARG B 221 -20.70 7.86 -10.26
N ALA B 222 -21.90 7.31 -10.10
CA ALA B 222 -22.42 7.00 -8.78
C ALA B 222 -21.54 5.96 -8.09
N LYS B 223 -21.10 4.95 -8.83
CA LYS B 223 -20.17 3.97 -8.29
C LYS B 223 -18.86 4.61 -7.85
N ILE B 224 -18.33 5.53 -8.66
CA ILE B 224 -17.08 6.20 -8.31
C ILE B 224 -17.27 7.02 -7.03
N ALA B 225 -18.36 7.77 -6.96
CA ALA B 225 -18.66 8.53 -5.75
C ALA B 225 -18.74 7.63 -4.53
N LEU B 226 -19.39 6.48 -4.69
CA LEU B 226 -19.53 5.55 -3.57
C LEU B 226 -18.18 5.04 -3.10
N PHE B 227 -17.30 4.70 -4.04
CA PHE B 227 -16.05 4.07 -3.66
C PHE B 227 -14.93 5.03 -3.30
N CYS B 228 -15.09 6.34 -3.56
CA CYS B 228 -13.97 7.27 -3.42
C CYS B 228 -14.19 8.39 -2.43
N ASN B 229 -15.23 8.32 -1.59
CA ASN B 229 -15.56 9.34 -0.58
C ASN B 229 -15.86 10.70 -1.19
N VAL B 230 -16.16 10.77 -2.48
CA VAL B 230 -16.40 12.03 -3.15
C VAL B 230 -17.91 12.18 -3.38
N PRO B 231 -18.48 13.37 -3.20
CA PRO B 231 -19.89 13.56 -3.52
C PRO B 231 -20.17 13.29 -5.00
N GLU B 232 -21.40 12.85 -5.28
CA GLU B 232 -21.75 12.45 -6.64
C GLU B 232 -21.70 13.62 -7.61
N LYS B 233 -21.96 14.83 -7.13
CA LYS B 233 -21.89 16.00 -8.00
C LYS B 233 -20.47 16.37 -8.38
N ALA B 234 -19.48 15.94 -7.60
CA ALA B 234 -18.09 16.30 -7.81
C ALA B 234 -17.33 15.30 -8.67
N VAL B 235 -18.03 14.32 -9.23
CA VAL B 235 -17.43 13.40 -10.21
C VAL B 235 -17.76 13.95 -11.59
N ILE B 236 -16.76 14.52 -12.25
CA ILE B 236 -16.95 15.29 -13.47
C ILE B 236 -16.42 14.49 -14.64
N SER B 237 -17.21 14.39 -15.69
CA SER B 237 -16.83 13.68 -16.90
C SER B 237 -16.25 14.65 -17.91
N LEU B 238 -15.11 14.29 -18.50
CA LEU B 238 -14.48 15.07 -19.57
C LEU B 238 -14.09 14.11 -20.69
N LYS B 239 -14.94 14.02 -21.71
CA LYS B 239 -14.69 13.13 -22.83
C LYS B 239 -13.70 13.76 -23.80
N ASP B 240 -13.22 12.95 -24.72
CA ASP B 240 -12.37 13.45 -25.80
C ASP B 240 -13.16 14.36 -26.72
N VAL B 241 -12.52 15.46 -27.13
CA VAL B 241 -13.16 16.47 -27.97
C VAL B 241 -12.30 16.71 -29.19
N ASP B 242 -12.94 17.24 -30.24
CA ASP B 242 -12.21 17.65 -31.42
C ASP B 242 -11.44 18.94 -31.19
N SER B 243 -12.03 19.88 -30.46
CA SER B 243 -11.43 21.17 -30.19
C SER B 243 -11.26 21.35 -28.69
N ILE B 244 -10.08 21.80 -28.27
CA ILE B 244 -9.85 22.09 -26.86
C ILE B 244 -10.63 23.30 -26.39
N TYR B 245 -11.23 24.07 -27.29
CA TYR B 245 -11.99 25.26 -26.90
C TYR B 245 -13.38 24.92 -26.41
N LYS B 246 -13.85 23.69 -26.61
CA LYS B 246 -15.13 23.27 -26.05
C LYS B 246 -15.00 22.82 -24.61
N ILE B 247 -13.78 22.56 -24.14
CA ILE B 247 -13.60 22.02 -22.78
C ILE B 247 -14.12 22.97 -21.71
N PRO B 248 -13.85 24.28 -21.74
CA PRO B 248 -14.46 25.15 -20.74
C PRO B 248 -15.98 25.09 -20.73
N GLY B 249 -16.61 24.99 -21.91
CA GLY B 249 -18.05 24.87 -21.95
C GLY B 249 -18.56 23.60 -21.30
N LEU B 250 -17.88 22.48 -21.56
CA LEU B 250 -18.27 21.20 -20.95
C LEU B 250 -18.14 21.26 -19.43
N LEU B 251 -16.99 21.73 -18.94
CA LEU B 251 -16.79 21.81 -17.51
C LEU B 251 -17.80 22.76 -16.87
N LYS B 252 -18.14 23.85 -17.56
CA LYS B 252 -19.14 24.78 -17.04
C LYS B 252 -20.51 24.14 -16.98
N SER B 253 -20.88 23.36 -18.01
CA SER B 253 -22.17 22.70 -18.02
C SER B 253 -22.29 21.64 -16.93
N GLN B 254 -21.18 20.99 -16.58
CA GLN B 254 -21.24 19.98 -15.52
C GLN B 254 -21.25 20.58 -14.12
N GLY B 255 -21.06 21.89 -13.98
CA GLY B 255 -21.17 22.53 -12.68
C GLY B 255 -19.91 22.56 -11.85
N LEU B 256 -18.73 22.41 -12.46
CA LEU B 256 -17.49 22.43 -11.69
C LEU B 256 -17.25 23.81 -11.08
N ASP B 257 -17.54 24.87 -11.84
CA ASP B 257 -17.30 26.23 -11.34
C ASP B 257 -18.18 26.54 -10.13
N ASP B 258 -19.45 26.15 -10.18
CA ASP B 258 -20.35 26.42 -9.05
C ASP B 258 -19.89 25.68 -7.80
N TYR B 259 -19.46 24.43 -7.96
CA TYR B 259 -18.97 23.68 -6.81
C TYR B 259 -17.72 24.32 -6.22
N ILE B 260 -16.78 24.72 -7.07
CA ILE B 260 -15.55 25.35 -6.59
C ILE B 260 -15.87 26.66 -5.87
N CYS B 261 -16.79 27.44 -6.41
CA CYS B 261 -17.14 28.71 -5.79
C CYS B 261 -17.91 28.51 -4.49
N LYS B 262 -18.69 27.44 -4.38
CA LYS B 262 -19.34 27.12 -3.12
C LYS B 262 -18.33 26.74 -2.05
N ARG B 263 -17.35 25.89 -2.40
CA ARG B 263 -16.37 25.46 -1.42
C ARG B 263 -15.50 26.61 -0.94
N PHE B 264 -15.16 27.53 -1.83
CA PHE B 264 -14.29 28.65 -1.50
C PHE B 264 -15.05 29.88 -1.01
N SER B 265 -16.37 29.80 -0.92
CA SER B 265 -17.21 30.88 -0.40
C SER B 265 -17.02 32.18 -1.21
N LEU B 266 -17.00 32.05 -2.52
CA LEU B 266 -16.82 33.20 -3.41
C LEU B 266 -18.17 33.58 -4.02
N ASN B 267 -18.45 34.87 -4.05
CA ASN B 267 -19.69 35.39 -4.63
C ASN B 267 -19.30 36.14 -5.89
N CYS B 268 -19.10 35.39 -6.97
CA CYS B 268 -18.74 35.94 -8.26
C CYS B 268 -19.88 35.75 -9.24
N PRO B 269 -20.08 36.70 -10.16
CA PRO B 269 -21.20 36.59 -11.10
C PRO B 269 -21.09 35.36 -11.99
N GLU B 270 -22.16 35.10 -12.71
CA GLU B 270 -22.23 33.95 -13.59
C GLU B 270 -21.20 34.08 -14.71
N ALA B 271 -20.67 32.93 -15.14
CA ALA B 271 -19.63 32.93 -16.17
C ALA B 271 -20.17 33.43 -17.50
N ASN B 272 -19.39 34.26 -18.17
CA ASN B 272 -19.68 34.73 -19.51
C ASN B 272 -18.63 34.15 -20.45
N LEU B 273 -19.02 33.13 -21.21
CA LEU B 273 -18.14 32.43 -22.12
C LEU B 273 -18.39 32.81 -23.56
N SER B 274 -18.71 34.09 -23.80
CA SER B 274 -19.07 34.54 -25.14
C SER B 274 -17.89 34.46 -26.10
N GLU B 275 -16.70 34.83 -25.65
CA GLU B 275 -15.53 34.81 -26.52
C GLU B 275 -15.18 33.39 -26.96
N TRP B 276 -15.29 32.43 -26.03
CA TRP B 276 -14.99 31.06 -26.39
C TRP B 276 -16.02 30.51 -27.38
N GLU B 277 -17.29 30.88 -27.20
CA GLU B 277 -18.30 30.50 -28.18
C GLU B 277 -18.00 31.12 -29.54
N GLN B 278 -17.51 32.36 -29.55
CA GLN B 278 -17.11 32.99 -30.80
C GLN B 278 -15.98 32.22 -31.47
N VAL B 279 -15.00 31.78 -30.69
CA VAL B 279 -13.89 31.02 -31.26
C VAL B 279 -14.40 29.70 -31.84
N ILE B 280 -15.30 29.03 -31.12
CA ILE B 280 -15.84 27.77 -31.62
C ILE B 280 -16.61 28.00 -32.91
N PHE B 281 -17.42 29.05 -32.97
CA PHE B 281 -18.18 29.35 -34.18
C PHE B 281 -17.25 29.65 -35.35
N GLU B 282 -16.21 30.44 -35.12
CA GLU B 282 -15.27 30.74 -36.20
C GLU B 282 -14.57 29.48 -36.68
N GLU B 283 -14.16 28.61 -35.75
CA GLU B 283 -13.46 27.39 -36.15
C GLU B 283 -14.37 26.44 -36.93
N ALA B 284 -15.63 26.34 -36.52
CA ALA B 284 -16.52 25.35 -37.11
C ALA B 284 -16.94 25.70 -38.54
N ASN B 285 -16.77 26.96 -38.96
CA ASN B 285 -17.26 27.44 -40.25
C ASN B 285 -16.14 28.09 -41.05
N PRO B 286 -15.28 27.29 -41.67
CA PRO B 286 -14.32 27.85 -42.63
C PRO B 286 -15.00 28.16 -43.95
N VAL B 287 -14.31 28.97 -44.76
CA VAL B 287 -14.74 29.26 -46.12
C VAL B 287 -13.70 28.90 -47.16
N SER B 288 -12.50 28.48 -46.76
CA SER B 288 -11.43 28.16 -47.68
C SER B 288 -10.58 27.04 -47.10
N GLU B 289 -9.52 26.69 -47.83
CA GLU B 289 -8.61 25.63 -47.38
C GLU B 289 -7.28 25.85 -48.07
N VAL B 290 -6.28 26.29 -47.30
CA VAL B 290 -4.93 26.43 -47.83
C VAL B 290 -4.04 25.41 -47.14
N THR B 291 -2.95 25.06 -47.81
CA THR B 291 -1.95 24.14 -47.27
C THR B 291 -0.63 24.88 -47.10
N ILE B 292 -0.05 24.77 -45.91
CA ILE B 292 1.18 25.45 -45.56
C ILE B 292 2.26 24.40 -45.37
N GLY B 293 3.40 24.60 -46.03
CA GLY B 293 4.52 23.72 -45.84
C GLY B 293 5.47 24.25 -44.79
N MET B 294 5.60 23.54 -43.68
CA MET B 294 6.59 23.86 -42.66
C MET B 294 7.78 22.93 -42.84
N VAL B 295 8.95 23.51 -43.06
CA VAL B 295 10.18 22.74 -43.28
C VAL B 295 11.10 22.96 -42.07
N GLY B 296 11.48 21.87 -41.42
CA GLY B 296 12.33 21.96 -40.25
C GLY B 296 13.01 20.65 -39.97
N LYS B 297 13.81 20.64 -38.91
CA LYS B 297 14.65 19.50 -38.59
C LYS B 297 14.08 18.58 -37.52
N TYR B 298 13.15 19.04 -36.70
CA TYR B 298 12.55 18.23 -35.65
C TYR B 298 11.19 17.70 -36.04
N ILE B 299 11.02 17.33 -37.31
CA ILE B 299 9.72 16.92 -37.82
C ILE B 299 9.21 15.66 -37.14
N GLU B 300 10.12 14.82 -36.62
CA GLU B 300 9.72 13.55 -36.05
C GLU B 300 8.76 13.74 -34.87
N LEU B 301 9.05 14.70 -34.00
CA LEU B 301 8.18 14.97 -32.86
C LEU B 301 7.40 16.25 -33.14
N PRO B 302 6.09 16.17 -33.38
CA PRO B 302 5.32 17.38 -33.69
C PRO B 302 5.26 18.38 -32.55
N ASP B 303 5.49 17.96 -31.30
CA ASP B 303 5.47 18.89 -30.18
C ASP B 303 6.64 19.86 -30.22
N ALA B 304 7.62 19.66 -31.09
CA ALA B 304 8.68 20.62 -31.26
C ALA B 304 8.20 21.91 -31.92
N TYR B 305 6.99 21.93 -32.48
CA TYR B 305 6.45 23.11 -33.14
C TYR B 305 5.01 23.37 -32.72
N LYS B 306 4.68 23.08 -31.47
CA LYS B 306 3.29 23.19 -31.00
C LYS B 306 2.81 24.62 -31.07
N SER B 307 3.62 25.57 -30.57
CA SER B 307 3.21 26.97 -30.59
C SER B 307 3.06 27.49 -32.00
N VAL B 308 3.98 27.13 -32.91
CA VAL B 308 3.91 27.61 -34.29
C VAL B 308 2.67 27.05 -34.99
N ILE B 309 2.38 25.76 -34.78
CA ILE B 309 1.18 25.16 -35.36
C ILE B 309 -0.07 25.86 -34.85
N GLU B 310 -0.14 26.10 -33.54
CA GLU B 310 -1.33 26.76 -32.99
C GLU B 310 -1.44 28.20 -33.48
N ALA B 311 -0.32 28.88 -33.68
CA ALA B 311 -0.37 30.25 -34.20
C ALA B 311 -0.87 30.29 -35.64
N LEU B 312 -0.44 29.32 -36.46
CA LEU B 312 -0.98 29.22 -37.81
C LEU B 312 -2.49 28.97 -37.77
N LYS B 313 -2.93 28.08 -36.87
CA LYS B 313 -4.36 27.84 -36.72
C LYS B 313 -5.11 29.09 -36.29
N HIS B 314 -4.53 29.86 -35.38
CA HIS B 314 -5.17 31.10 -34.93
C HIS B 314 -5.29 32.10 -36.07
N GLY B 315 -4.24 32.24 -36.87
CA GLY B 315 -4.33 33.11 -38.03
C GLY B 315 -5.40 32.66 -38.99
N GLY B 316 -5.51 31.35 -39.21
CA GLY B 316 -6.58 30.83 -40.04
C GLY B 316 -7.96 31.16 -39.47
N LEU B 317 -8.10 31.05 -38.15
CA LEU B 317 -9.37 31.39 -37.52
C LEU B 317 -9.73 32.85 -37.75
N LYS B 318 -8.73 33.75 -37.64
CA LYS B 318 -9.00 35.15 -37.92
C LYS B 318 -9.35 35.38 -39.39
N ASN B 319 -8.77 34.61 -40.29
CA ASN B 319 -9.04 34.75 -41.72
C ASN B 319 -10.14 33.80 -42.20
N ARG B 320 -10.79 33.07 -41.30
CA ARG B 320 -11.89 32.16 -41.65
C ARG B 320 -11.46 31.14 -42.70
N VAL B 321 -10.22 30.68 -42.60
CA VAL B 321 -9.63 29.74 -43.55
C VAL B 321 -9.13 28.53 -42.78
N SER B 322 -9.49 27.35 -43.26
CA SER B 322 -8.92 26.13 -42.71
C SER B 322 -7.47 25.98 -43.18
N VAL B 323 -6.58 25.67 -42.24
CA VAL B 323 -5.15 25.58 -42.49
C VAL B 323 -4.72 24.13 -42.35
N ASN B 324 -4.05 23.61 -43.37
CA ASN B 324 -3.57 22.22 -43.39
C ASN B 324 -2.05 22.24 -43.37
N ILE B 325 -1.47 21.84 -42.25
CA ILE B 325 -0.04 21.90 -42.06
C ILE B 325 0.57 20.58 -42.54
N LYS B 326 1.48 20.67 -43.50
CA LYS B 326 2.26 19.53 -43.95
C LYS B 326 3.70 19.69 -43.47
N LEU B 327 4.25 18.65 -42.87
CA LEU B 327 5.59 18.69 -42.31
C LEU B 327 6.56 18.11 -43.32
N ILE B 328 7.59 18.88 -43.66
CA ILE B 328 8.60 18.47 -44.64
C ILE B 328 9.94 18.44 -43.94
N ASP B 329 10.64 17.31 -44.06
CA ASP B 329 11.96 17.18 -43.47
C ASP B 329 13.00 17.89 -44.33
N SER B 330 13.92 18.59 -43.67
CA SER B 330 14.90 19.39 -44.39
C SER B 330 15.88 18.50 -45.15
N GLN B 331 16.32 17.39 -44.55
CA GLN B 331 17.23 16.50 -45.26
C GLN B 331 16.58 15.88 -46.47
N ASP B 332 15.25 15.72 -46.46
CA ASP B 332 14.55 15.27 -47.65
C ASP B 332 14.74 16.26 -48.79
N VAL B 333 14.59 17.56 -48.51
CA VAL B 333 14.84 18.56 -49.54
C VAL B 333 16.31 18.55 -49.95
N GLU B 334 17.20 18.29 -48.99
CA GLU B 334 18.63 18.26 -49.28
C GLU B 334 18.96 17.15 -50.27
N THR B 335 18.38 15.97 -50.08
CA THR B 335 18.69 14.82 -50.93
C THR B 335 17.71 14.68 -52.09
N ARG B 336 16.41 14.53 -51.78
CA ARG B 336 15.43 14.28 -52.83
C ARG B 336 15.29 15.48 -53.75
N GLY B 337 15.32 16.69 -53.21
CA GLY B 337 15.32 17.89 -54.02
C GLY B 337 14.11 18.77 -53.71
N VAL B 338 13.74 19.57 -54.72
CA VAL B 338 12.65 20.52 -54.58
C VAL B 338 11.31 19.92 -54.97
N GLU B 339 11.26 18.60 -55.18
CA GLU B 339 10.03 17.94 -55.60
C GLU B 339 8.97 17.99 -54.51
N ILE B 340 9.39 17.84 -53.25
CA ILE B 340 8.44 17.77 -52.14
C ILE B 340 7.71 19.10 -51.96
N LEU B 341 8.40 20.21 -52.20
CA LEU B 341 7.82 21.52 -51.97
C LEU B 341 6.76 21.91 -52.98
N LYS B 342 6.30 21.02 -53.86
CA LYS B 342 5.31 21.35 -54.86
C LYS B 342 3.90 21.10 -54.33
N GLY B 343 2.98 22.01 -54.63
CA GLY B 343 1.62 21.88 -54.16
C GLY B 343 1.42 22.51 -52.80
N LEU B 344 2.08 23.65 -52.58
CA LEU B 344 2.04 24.35 -51.31
C LEU B 344 1.68 25.79 -51.55
N ASP B 345 0.68 26.29 -50.83
CA ASP B 345 0.28 27.68 -50.96
C ASP B 345 1.18 28.62 -50.20
N ALA B 346 1.92 28.13 -49.20
CA ALA B 346 2.85 28.97 -48.45
C ALA B 346 3.86 28.06 -47.76
N ILE B 347 4.97 28.66 -47.37
CA ILE B 347 6.09 27.93 -46.76
C ILE B 347 6.52 28.65 -45.49
N LEU B 348 6.70 27.89 -44.41
CA LEU B 348 7.16 28.43 -43.14
C LEU B 348 8.42 27.69 -42.71
N VAL B 349 9.44 28.44 -42.29
CA VAL B 349 10.66 27.85 -41.75
C VAL B 349 10.81 28.28 -40.30
N PRO B 350 10.58 27.40 -39.34
CA PRO B 350 10.73 27.76 -37.94
C PRO B 350 12.18 27.65 -37.49
N GLY B 351 12.41 27.96 -36.20
CA GLY B 351 13.75 28.00 -35.68
C GLY B 351 14.33 26.64 -35.33
N GLY B 352 15.61 26.64 -34.99
CA GLY B 352 16.29 25.42 -34.61
C GLY B 352 17.75 25.70 -34.33
N PHE B 353 18.44 24.65 -33.89
CA PHE B 353 19.87 24.72 -33.60
C PHE B 353 20.59 23.59 -34.32
N GLY B 354 21.79 23.86 -34.79
CA GLY B 354 22.61 22.88 -35.47
C GLY B 354 22.67 23.14 -36.97
N TYR B 355 23.58 22.42 -37.61
CA TYR B 355 23.77 22.55 -39.05
C TYR B 355 23.04 21.50 -39.85
N ARG B 356 22.56 20.43 -39.21
CA ARG B 356 21.88 19.35 -39.91
C ARG B 356 20.56 19.86 -40.46
N GLY B 357 20.42 19.83 -41.78
CA GLY B 357 19.22 20.28 -42.44
C GLY B 357 19.22 21.74 -42.83
N VAL B 358 20.26 22.50 -42.50
CA VAL B 358 20.28 23.92 -42.81
C VAL B 358 20.35 24.14 -44.32
N GLU B 359 21.09 23.27 -45.02
CA GLU B 359 21.17 23.40 -46.48
C GLU B 359 19.80 23.20 -47.13
N GLY B 360 19.02 22.25 -46.63
CA GLY B 360 17.66 22.09 -47.13
C GLY B 360 16.81 23.32 -46.89
N MET B 361 17.00 23.98 -45.74
CA MET B 361 16.29 25.22 -45.46
C MET B 361 16.71 26.32 -46.43
N ILE B 362 17.98 26.38 -46.78
CA ILE B 362 18.46 27.36 -47.76
C ILE B 362 17.84 27.09 -49.12
N THR B 363 17.76 25.81 -49.50
CA THR B 363 17.10 25.43 -50.74
C THR B 363 15.63 25.84 -50.72
N THR B 364 14.96 25.64 -49.58
CA THR B 364 13.54 25.98 -49.48
C THR B 364 13.33 27.48 -49.59
N ALA B 365 14.17 28.27 -48.92
CA ALA B 365 14.06 29.72 -49.03
C ALA B 365 14.32 30.17 -50.46
N ARG B 366 15.31 29.58 -51.12
CA ARG B 366 15.56 29.89 -52.52
C ARG B 366 14.34 29.60 -53.37
N PHE B 367 13.73 28.43 -53.20
CA PHE B 367 12.57 28.05 -54.01
C PHE B 367 11.40 28.99 -53.78
N ALA B 368 11.12 29.31 -52.51
CA ALA B 368 10.03 30.24 -52.21
C ALA B 368 10.28 31.61 -52.81
N ARG B 369 11.52 32.10 -52.70
CA ARG B 369 11.81 33.46 -53.18
C ARG B 369 11.74 33.52 -54.70
N GLU B 370 12.20 32.47 -55.37
CA GLU B 370 12.22 32.48 -56.83
C GLU B 370 10.90 32.05 -57.45
N ASN B 371 9.98 31.50 -56.67
CA ASN B 371 8.68 31.08 -57.19
C ASN B 371 7.53 31.94 -56.70
N ASN B 372 7.81 33.00 -55.94
CA ASN B 372 6.78 33.92 -55.44
C ASN B 372 5.73 33.17 -54.61
N ILE B 373 6.18 32.18 -53.85
CA ILE B 373 5.33 31.48 -52.89
C ILE B 373 5.48 32.20 -51.56
N PRO B 374 4.39 32.50 -50.86
CA PRO B 374 4.49 33.21 -49.59
C PRO B 374 5.38 32.48 -48.61
N TYR B 375 6.21 33.25 -47.90
CA TYR B 375 7.26 32.72 -47.06
C TYR B 375 7.27 33.44 -45.72
N LEU B 376 7.40 32.67 -44.64
CA LEU B 376 7.56 33.22 -43.30
C LEU B 376 8.79 32.57 -42.67
N GLY B 377 9.66 33.40 -42.12
CA GLY B 377 10.88 32.89 -41.52
C GLY B 377 11.04 33.35 -40.08
N ILE B 378 11.32 32.40 -39.19
CA ILE B 378 11.36 32.68 -37.76
C ILE B 378 12.72 32.24 -37.23
N CYS B 379 13.48 33.19 -36.68
CA CYS B 379 14.78 32.94 -36.08
C CYS B 379 15.76 32.29 -37.07
N LEU B 380 15.87 30.96 -37.03
CA LEU B 380 16.76 30.27 -37.95
C LEU B 380 16.33 30.44 -39.39
N GLY B 381 15.01 30.48 -39.63
CA GLY B 381 14.52 30.72 -40.98
C GLY B 381 14.93 32.07 -41.52
N MET B 382 14.93 33.10 -40.67
CA MET B 382 15.40 34.40 -41.10
C MET B 382 16.87 34.35 -41.51
N GLN B 383 17.68 33.64 -40.72
CA GLN B 383 19.10 33.52 -41.05
C GLN B 383 19.30 32.80 -42.37
N VAL B 384 18.59 31.69 -42.59
CA VAL B 384 18.79 30.96 -43.84
C VAL B 384 18.28 31.77 -45.02
N ALA B 385 17.22 32.55 -44.82
CA ALA B 385 16.74 33.43 -45.90
C ALA B 385 17.80 34.47 -46.26
N LEU B 386 18.42 35.08 -45.25
CA LEU B 386 19.47 36.06 -45.53
C LEU B 386 20.67 35.41 -46.21
N ILE B 387 21.03 34.21 -45.76
CA ILE B 387 22.15 33.49 -46.38
C ILE B 387 21.87 33.21 -47.84
N ASP B 388 20.66 32.72 -48.13
CA ASP B 388 20.28 32.44 -49.50
C ASP B 388 20.28 33.69 -50.36
N TYR B 389 19.75 34.80 -49.83
CA TYR B 389 19.71 36.04 -50.58
C TYR B 389 21.11 36.57 -50.86
N ALA B 390 22.01 36.49 -49.87
CA ALA B 390 23.37 36.97 -50.06
C ALA B 390 24.12 36.09 -51.06
N ARG B 391 23.91 34.78 -51.01
CA ARG B 391 24.68 33.88 -51.85
C ARG B 391 24.17 33.88 -53.29
N HIS B 392 22.87 33.68 -53.49
CA HIS B 392 22.34 33.43 -54.82
C HIS B 392 21.75 34.68 -55.47
N VAL B 393 21.81 35.83 -54.81
CA VAL B 393 21.33 37.07 -55.43
C VAL B 393 22.44 38.13 -55.37
N ALA B 394 23.29 38.06 -54.35
CA ALA B 394 24.38 38.99 -54.19
C ALA B 394 25.75 38.36 -54.46
N ASN B 395 25.80 37.06 -54.72
CA ASN B 395 27.02 36.37 -55.14
C ASN B 395 28.12 36.52 -54.08
N MET B 396 27.85 35.97 -52.90
CA MET B 396 28.79 36.01 -51.79
C MET B 396 29.64 34.76 -51.70
N GLU B 397 29.45 33.80 -52.61
CA GLU B 397 30.32 32.63 -52.75
C GLU B 397 30.42 31.86 -51.42
N ASN B 398 29.29 31.21 -51.10
CA ASN B 398 29.19 30.31 -49.96
C ASN B 398 29.26 31.04 -48.62
N ALA B 399 28.58 32.17 -48.52
CA ALA B 399 28.45 32.85 -47.23
C ALA B 399 27.62 32.01 -46.28
N ASN B 400 27.99 32.00 -45.01
CA ASN B 400 27.30 31.15 -44.05
C ASN B 400 27.28 31.85 -42.69
N SER B 401 26.96 31.09 -41.65
CA SER B 401 27.02 31.55 -40.28
C SER B 401 28.25 30.97 -39.60
N THR B 402 28.88 31.77 -38.74
CA THR B 402 29.97 31.28 -37.93
C THR B 402 29.53 30.21 -36.94
N GLU B 403 28.22 30.05 -36.75
CA GLU B 403 27.70 28.93 -35.97
C GLU B 403 28.08 27.59 -36.60
N PHE B 404 27.96 27.49 -37.93
CA PHE B 404 28.15 26.22 -38.61
C PHE B 404 29.59 26.02 -39.07
N VAL B 405 30.08 26.92 -39.91
CA VAL B 405 31.47 26.93 -40.33
C VAL B 405 32.16 28.11 -39.63
N PRO B 406 33.09 27.84 -38.71
CA PRO B 406 33.73 28.96 -37.97
C PRO B 406 34.44 29.95 -38.87
N ASP B 407 35.01 29.51 -39.99
CA ASP B 407 35.76 30.37 -40.90
C ASP B 407 35.30 30.11 -42.32
N CYS B 408 34.51 31.03 -42.87
CA CYS B 408 34.02 30.91 -44.24
C CYS B 408 34.32 32.14 -45.10
N LYS B 409 35.00 33.15 -44.55
CA LYS B 409 35.42 34.39 -45.20
C LYS B 409 34.26 35.34 -45.45
N TYR B 410 33.03 34.93 -45.22
CA TYR B 410 31.86 35.79 -45.40
C TYR B 410 30.84 35.48 -44.31
N PRO B 411 31.09 35.97 -43.09
CA PRO B 411 30.18 35.69 -41.96
C PRO B 411 28.98 36.63 -41.92
N VAL B 412 27.98 36.30 -42.75
CA VAL B 412 26.76 37.10 -42.78
C VAL B 412 26.03 37.00 -41.45
N VAL B 413 26.09 35.84 -40.80
CA VAL B 413 25.53 35.63 -39.47
C VAL B 413 26.68 35.27 -38.53
N ALA B 414 26.80 36.02 -37.43
CA ALA B 414 27.89 35.80 -36.51
C ALA B 414 27.51 36.37 -35.15
N LEU B 415 28.29 36.00 -34.14
CA LEU B 415 28.17 36.63 -32.84
C LEU B 415 28.53 38.10 -32.94
N ILE B 416 27.96 38.91 -32.05
CA ILE B 416 28.21 40.34 -32.09
C ILE B 416 29.68 40.65 -31.86
N THR B 417 30.42 39.75 -31.22
CA THR B 417 31.86 39.92 -31.07
C THR B 417 32.59 39.67 -32.38
N GLU B 418 32.13 38.68 -33.15
CA GLU B 418 32.84 38.20 -34.33
C GLU B 418 32.59 39.04 -35.57
N TRP B 419 32.11 40.28 -35.42
CA TRP B 419 31.80 41.11 -36.58
C TRP B 419 33.08 41.55 -37.27
N ARG B 420 33.33 41.00 -38.45
CA ARG B 420 34.53 41.32 -39.21
C ARG B 420 34.19 41.94 -40.55
N THR B 438 26.60 34.20 -24.95
CA THR B 438 25.39 34.67 -24.27
C THR B 438 24.20 34.73 -25.21
N MET B 439 23.05 34.27 -24.73
CA MET B 439 21.84 34.18 -25.52
C MET B 439 20.89 35.30 -25.14
N ARG B 440 20.33 35.97 -26.15
CA ARG B 440 19.30 36.96 -25.91
C ARG B 440 18.01 36.27 -25.51
N LEU B 441 17.45 36.64 -24.36
CA LEU B 441 16.26 36.02 -23.82
C LEU B 441 15.29 37.09 -23.35
N GLY B 442 14.01 36.87 -23.60
CA GLY B 442 12.97 37.73 -23.08
C GLY B 442 12.40 38.65 -24.13
N ALA B 443 11.52 39.53 -23.66
CA ALA B 443 10.87 40.51 -24.52
C ALA B 443 11.75 41.73 -24.69
N GLN B 444 11.93 42.15 -25.94
CA GLN B 444 12.67 43.35 -26.29
C GLN B 444 11.80 44.23 -27.16
N GLN B 445 12.12 45.52 -27.19
CA GLN B 445 11.41 46.46 -28.02
C GLN B 445 12.10 46.61 -29.38
N CYS B 446 11.29 46.78 -30.43
CA CYS B 446 11.79 46.89 -31.79
C CYS B 446 11.07 48.04 -32.49
N GLN B 447 11.78 48.71 -33.40
CA GLN B 447 11.27 49.85 -34.13
C GLN B 447 10.98 49.45 -35.57
N LEU B 448 9.77 49.76 -36.04
CA LEU B 448 9.34 49.38 -37.38
C LEU B 448 9.52 50.55 -38.34
N VAL B 449 10.01 50.23 -39.54
CA VAL B 449 10.20 51.22 -40.58
C VAL B 449 8.86 51.50 -41.24
N ASP B 450 8.63 52.78 -41.60
CA ASP B 450 7.30 53.23 -42.00
C ASP B 450 6.89 52.74 -43.38
N ASP B 451 7.83 52.34 -44.23
CA ASP B 451 7.52 52.00 -45.60
C ASP B 451 7.36 50.50 -45.83
N SER B 452 7.38 49.69 -44.77
CA SER B 452 7.44 48.26 -44.90
C SER B 452 6.09 47.60 -44.65
N LEU B 453 6.03 46.31 -44.96
CA LEU B 453 4.81 45.55 -44.78
C LEU B 453 4.43 45.42 -43.31
N VAL B 454 5.42 45.16 -42.45
CA VAL B 454 5.13 44.89 -41.04
C VAL B 454 4.57 46.12 -40.35
N ARG B 455 4.88 47.32 -40.85
CA ARG B 455 4.30 48.51 -40.27
C ARG B 455 2.79 48.54 -40.47
N GLN B 456 2.33 48.23 -41.68
CA GLN B 456 0.90 48.16 -41.92
C GLN B 456 0.26 46.94 -41.29
N LEU B 457 1.04 45.89 -41.03
CA LEU B 457 0.49 44.73 -40.35
C LEU B 457 0.25 45.01 -38.87
N TYR B 458 1.29 45.44 -38.16
CA TYR B 458 1.15 45.73 -36.73
C TYR B 458 0.34 46.98 -36.50
N ASN B 459 0.41 47.96 -37.41
CA ASN B 459 -0.26 49.24 -37.25
C ASN B 459 0.16 49.92 -35.94
N ALA B 460 1.47 49.99 -35.73
CA ALA B 460 2.05 50.61 -34.55
C ALA B 460 3.47 51.02 -34.87
N PRO B 461 3.97 52.13 -34.31
CA PRO B 461 5.37 52.49 -34.56
C PRO B 461 6.36 51.47 -34.03
N THR B 462 6.06 50.81 -32.92
CA THR B 462 6.98 49.88 -32.29
C THR B 462 6.24 48.66 -31.76
N ILE B 463 6.97 47.56 -31.65
CA ILE B 463 6.42 46.28 -31.19
C ILE B 463 7.35 45.69 -30.14
N VAL B 464 6.83 44.74 -29.38
CA VAL B 464 7.58 44.03 -28.36
C VAL B 464 7.41 42.53 -28.57
N GLU B 465 8.54 41.82 -28.69
CA GLU B 465 8.52 40.38 -28.95
C GLU B 465 9.65 39.73 -28.17
N ARG B 466 9.68 38.39 -28.21
CA ARG B 466 10.59 37.61 -27.38
C ARG B 466 11.64 36.89 -28.22
N HIS B 467 12.85 36.80 -27.66
CA HIS B 467 14.02 36.28 -28.36
C HIS B 467 14.59 35.07 -27.63
N ARG B 468 15.12 34.11 -28.39
CA ARG B 468 15.86 32.99 -27.82
C ARG B 468 17.03 32.61 -28.73
N HIS B 469 17.81 33.59 -29.16
CA HIS B 469 18.87 33.35 -30.11
C HIS B 469 20.22 33.82 -29.57
N ARG B 470 21.28 33.35 -30.20
CA ARG B 470 22.64 33.79 -29.91
C ARG B 470 23.26 34.59 -31.05
N TYR B 471 23.24 34.05 -32.27
CA TYR B 471 23.89 34.70 -33.40
C TYR B 471 23.00 35.77 -34.00
N GLU B 472 23.61 36.86 -34.44
CA GLU B 472 22.91 38.00 -35.01
C GLU B 472 23.35 38.21 -36.45
N VAL B 473 22.77 39.23 -37.08
CA VAL B 473 23.12 39.59 -38.45
C VAL B 473 24.28 40.59 -38.42
N ASN B 474 25.31 40.31 -39.21
CA ASN B 474 26.51 41.15 -39.24
C ASN B 474 26.18 42.50 -39.86
N ASN B 475 26.39 43.57 -39.10
CA ASN B 475 26.13 44.91 -39.63
C ASN B 475 27.19 45.34 -40.61
N MET B 476 28.41 44.84 -40.48
CA MET B 476 29.48 45.22 -41.39
C MET B 476 29.16 44.80 -42.83
N LEU B 477 28.63 43.60 -43.01
CA LEU B 477 28.26 43.09 -44.32
C LEU B 477 26.83 43.43 -44.70
N LEU B 478 26.10 44.17 -43.85
CA LEU B 478 24.69 44.42 -44.10
C LEU B 478 24.48 45.44 -45.22
N LYS B 479 25.38 46.42 -45.34
CA LYS B 479 25.19 47.48 -46.32
C LYS B 479 25.19 46.93 -47.74
N GLN B 480 26.07 45.97 -48.03
CA GLN B 480 26.12 45.40 -49.37
C GLN B 480 24.82 44.66 -49.70
N ILE B 481 24.31 43.88 -48.76
CA ILE B 481 23.07 43.13 -49.00
C ILE B 481 21.89 44.09 -49.13
N GLU B 482 21.89 45.17 -48.36
CA GLU B 482 20.85 46.19 -48.50
C GLU B 482 20.91 46.83 -49.88
N ASP B 483 22.11 47.12 -50.38
CA ASP B 483 22.26 47.64 -51.73
C ASP B 483 21.77 46.63 -52.76
N ALA B 484 21.97 45.34 -52.52
CA ALA B 484 21.52 44.31 -53.43
C ALA B 484 20.00 44.28 -53.56
N GLY B 485 19.27 44.80 -52.59
CA GLY B 485 17.83 44.91 -52.71
C GLY B 485 17.07 44.58 -51.44
N LEU B 486 17.67 43.78 -50.56
CA LEU B 486 17.00 43.38 -49.33
C LEU B 486 16.80 44.58 -48.43
N ARG B 487 15.60 44.74 -47.90
CA ARG B 487 15.27 45.81 -46.99
C ARG B 487 15.23 45.31 -45.55
N VAL B 488 15.49 46.21 -44.61
CA VAL B 488 15.43 45.93 -43.18
C VAL B 488 14.19 46.62 -42.62
N ALA B 489 13.35 45.85 -41.92
CA ALA B 489 12.08 46.36 -41.45
C ALA B 489 12.03 46.64 -39.97
N GLY B 490 13.01 46.18 -39.20
CA GLY B 490 13.02 46.41 -37.77
C GLY B 490 14.43 46.38 -37.24
N ARG B 491 14.64 47.12 -36.16
CA ARG B 491 15.96 47.20 -35.54
C ARG B 491 15.80 47.28 -34.03
N SER B 492 16.90 46.99 -33.33
CA SER B 492 16.90 46.98 -31.88
C SER B 492 16.94 48.41 -31.35
N GLY B 493 17.26 48.57 -30.06
CA GLY B 493 17.23 49.88 -29.45
C GLY B 493 18.58 50.57 -29.33
N ASP B 494 19.63 49.80 -29.03
CA ASP B 494 20.93 50.38 -28.74
C ASP B 494 21.93 50.19 -29.87
N ASP B 495 22.13 48.95 -30.31
CA ASP B 495 23.11 48.64 -31.35
C ASP B 495 22.48 48.52 -32.73
N GLN B 496 21.19 48.80 -32.86
CA GLN B 496 20.48 48.73 -34.13
C GLN B 496 20.67 47.35 -34.78
N LEU B 497 20.56 46.31 -33.97
CA LEU B 497 20.59 44.95 -34.48
C LEU B 497 19.37 44.72 -35.38
N VAL B 498 19.59 44.03 -36.50
CA VAL B 498 18.50 43.77 -37.44
C VAL B 498 17.56 42.73 -36.85
N GLU B 499 16.27 43.04 -36.85
CA GLU B 499 15.26 42.12 -36.34
C GLU B 499 14.31 41.62 -37.42
N ILE B 500 13.93 42.45 -38.37
CA ILE B 500 12.99 42.08 -39.43
C ILE B 500 13.59 42.46 -40.78
N ILE B 501 13.49 41.54 -41.75
CA ILE B 501 13.88 41.81 -43.12
C ILE B 501 12.71 41.48 -44.03
N GLU B 502 12.80 41.94 -45.27
CA GLU B 502 11.73 41.77 -46.23
C GLU B 502 12.30 41.81 -47.64
N VAL B 503 11.73 41.01 -48.52
CA VAL B 503 12.03 41.05 -49.95
C VAL B 503 11.00 41.95 -50.61
N PRO B 504 11.42 43.01 -51.32
CA PRO B 504 10.42 43.93 -51.90
C PRO B 504 9.68 43.34 -53.09
N ASN B 505 10.39 42.69 -54.01
CA ASN B 505 9.78 42.17 -55.24
C ASN B 505 9.16 40.79 -55.01
N HIS B 506 8.30 40.70 -54.01
CA HIS B 506 7.65 39.45 -53.62
C HIS B 506 6.24 39.77 -53.14
N PRO B 507 5.28 38.89 -53.41
CA PRO B 507 3.94 39.11 -52.84
C PRO B 507 3.93 39.14 -51.32
N TRP B 508 4.65 38.23 -50.66
CA TRP B 508 4.72 38.23 -49.20
C TRP B 508 5.97 37.46 -48.80
N PHE B 509 6.96 38.15 -48.25
CA PHE B 509 8.23 37.52 -47.88
C PHE B 509 8.77 38.27 -46.65
N VAL B 510 8.44 37.74 -45.47
CA VAL B 510 8.79 38.37 -44.20
C VAL B 510 9.58 37.36 -43.38
N ALA B 511 10.69 37.81 -42.81
CA ALA B 511 11.49 37.02 -41.89
C ALA B 511 11.78 37.85 -40.65
N CYS B 512 11.72 37.20 -39.48
CA CYS B 512 11.88 37.88 -38.21
C CYS B 512 12.89 37.12 -37.35
N GLN B 513 13.61 37.88 -36.53
CA GLN B 513 14.60 37.29 -35.64
C GLN B 513 13.98 36.76 -34.34
N PHE B 514 12.82 37.26 -33.95
CA PHE B 514 12.19 36.89 -32.69
C PHE B 514 11.19 35.75 -32.89
N HIS B 515 10.42 35.45 -31.85
CA HIS B 515 9.41 34.39 -31.88
C HIS B 515 8.02 34.99 -31.74
N PRO B 516 7.27 35.14 -32.83
CA PRO B 516 5.91 35.68 -32.71
C PRO B 516 4.89 34.65 -32.26
N GLU B 517 5.22 33.35 -32.27
CA GLU B 517 4.25 32.33 -31.88
C GLU B 517 4.04 32.28 -30.37
N PHE B 518 4.91 32.90 -29.59
CA PHE B 518 4.76 32.95 -28.14
C PHE B 518 3.83 34.05 -27.68
N THR B 519 3.08 34.66 -28.60
CA THR B 519 2.15 35.73 -28.22
C THR B 519 0.81 35.65 -28.94
N SER B 520 0.54 34.60 -29.70
CA SER B 520 -0.73 34.46 -30.40
C SER B 520 -1.73 33.74 -29.52
N THR B 521 -2.96 34.23 -29.49
CA THR B 521 -4.03 33.63 -28.71
C THR B 521 -5.27 33.47 -29.58
N PRO B 522 -6.06 32.42 -29.32
CA PRO B 522 -7.26 32.19 -30.15
C PRO B 522 -8.30 33.30 -30.05
N ARG B 523 -8.25 34.12 -29.02
CA ARG B 523 -9.22 35.20 -28.87
C ARG B 523 -8.72 36.53 -29.42
N ASP B 524 -7.42 36.70 -29.60
CA ASP B 524 -6.85 37.91 -30.14
C ASP B 524 -6.07 37.70 -31.43
N GLY B 525 -5.42 36.56 -31.60
CA GLY B 525 -4.67 36.30 -32.80
C GLY B 525 -3.31 36.97 -32.79
N HIS B 526 -2.79 37.20 -33.99
CA HIS B 526 -1.51 37.84 -34.20
C HIS B 526 -1.46 38.41 -35.61
N PRO B 527 -1.09 39.68 -35.76
CA PRO B 527 -1.13 40.29 -37.11
C PRO B 527 -0.25 39.60 -38.13
N LEU B 528 0.92 39.13 -37.71
CA LEU B 528 1.87 38.54 -38.64
C LEU B 528 1.34 37.25 -39.25
N PHE B 529 0.84 36.35 -38.42
CA PHE B 529 0.32 35.09 -38.92
C PHE B 529 -0.99 35.27 -39.68
N ALA B 530 -1.81 36.24 -39.27
CA ALA B 530 -3.02 36.53 -40.03
C ALA B 530 -2.68 37.00 -41.42
N GLY B 531 -1.70 37.91 -41.56
CA GLY B 531 -1.28 38.34 -42.87
C GLY B 531 -0.66 37.23 -43.69
N PHE B 532 0.13 36.37 -43.05
CA PHE B 532 0.73 35.24 -43.74
C PHE B 532 -0.33 34.30 -44.30
N VAL B 533 -1.36 33.97 -43.50
CA VAL B 533 -2.40 33.07 -43.96
C VAL B 533 -3.26 33.74 -45.04
N LYS B 534 -3.50 35.04 -44.92
CA LYS B 534 -4.23 35.76 -45.97
C LYS B 534 -3.45 35.73 -47.28
N ALA B 535 -2.13 35.91 -47.20
CA ALA B 535 -1.31 35.82 -48.40
C ALA B 535 -1.38 34.43 -49.01
N ALA B 536 -1.39 33.39 -48.17
CA ALA B 536 -1.52 32.04 -48.69
C ALA B 536 -2.84 31.86 -49.43
N SER B 537 -3.93 32.38 -48.85
CA SER B 537 -5.23 32.27 -49.50
C SER B 537 -5.23 32.99 -50.85
N GLU B 538 -4.67 34.20 -50.89
CA GLU B 538 -4.61 34.96 -52.13
C GLU B 538 -3.76 34.24 -53.18
N PHE B 539 -2.66 33.62 -52.75
CA PHE B 539 -1.83 32.86 -53.68
C PHE B 539 -2.58 31.68 -54.25
N GLN B 540 -3.33 30.95 -53.42
CA GLN B 540 -4.08 29.82 -53.95
C GLN B 540 -5.17 30.28 -54.90
N LYS B 541 -5.86 31.37 -54.57
CA LYS B 541 -6.86 31.90 -55.50
C LYS B 541 -6.22 32.29 -56.83
N ARG B 542 -5.04 32.91 -56.77
CA ARG B 542 -4.31 33.19 -58.00
C ARG B 542 -3.87 31.90 -58.68
N GLN B 543 -3.35 30.93 -57.92
CA GLN B 543 -2.88 29.67 -58.48
C GLN B 543 -3.99 28.62 -58.33
N ALA B 544 -4.94 28.67 -59.26
CA ALA B 544 -6.07 27.75 -59.23
C ALA B 544 -6.51 27.39 -60.65
N THR C 2 -30.81 13.29 16.91
CA THR C 2 -30.08 12.49 15.93
C THR C 2 -28.94 11.75 16.61
N THR C 3 -28.56 10.60 16.04
CA THR C 3 -27.60 9.70 16.65
C THR C 3 -26.21 9.97 16.09
N ASN C 4 -25.24 10.11 16.98
CA ASN C 4 -23.84 10.29 16.63
C ASN C 4 -23.08 8.98 16.82
N TYR C 5 -22.09 8.75 15.97
CA TYR C 5 -21.34 7.51 15.97
C TYR C 5 -19.85 7.81 16.13
N ILE C 6 -19.20 7.07 17.03
CA ILE C 6 -17.76 7.07 17.16
C ILE C 6 -17.28 5.65 16.87
N PHE C 7 -16.35 5.52 15.93
CA PHE C 7 -15.79 4.23 15.53
C PHE C 7 -14.36 4.13 16.06
N VAL C 8 -14.09 3.09 16.84
CA VAL C 8 -12.82 2.92 17.53
C VAL C 8 -12.07 1.75 16.92
N THR C 9 -10.87 2.00 16.45
CA THR C 9 -10.04 1.00 15.80
C THR C 9 -8.64 1.00 16.43
N GLY C 10 -7.88 -0.06 16.15
CA GLY C 10 -6.55 -0.18 16.69
C GLY C 10 -5.52 -0.51 15.62
N GLY C 11 -4.28 -0.11 15.89
CA GLY C 11 -3.20 -0.31 14.94
C GLY C 11 -1.93 -0.75 15.63
N VAL C 12 -0.94 -1.09 14.80
CA VAL C 12 0.38 -1.57 15.18
C VAL C 12 0.27 -2.97 15.78
N VAL C 13 -0.24 -3.06 17.00
CA VAL C 13 -0.40 -4.35 17.68
C VAL C 13 -1.79 -4.39 18.31
N SER C 14 -2.26 -5.60 18.58
CA SER C 14 -3.47 -5.79 19.36
C SER C 14 -3.11 -5.75 20.84
N SER C 15 -4.09 -6.07 21.70
CA SER C 15 -3.89 -6.09 23.15
C SER C 15 -3.49 -4.71 23.68
N LEU C 16 -3.91 -3.65 23.01
CA LEU C 16 -3.66 -2.30 23.50
C LEU C 16 -4.61 -1.88 24.60
N GLY C 17 -5.73 -2.56 24.77
CA GLY C 17 -6.72 -2.17 25.76
C GLY C 17 -7.80 -1.31 25.16
N LYS C 18 -8.33 -1.74 24.02
CA LYS C 18 -9.31 -0.93 23.29
C LYS C 18 -10.63 -0.85 24.04
N GLY C 19 -11.09 -1.99 24.58
CA GLY C 19 -12.36 -1.99 25.28
C GLY C 19 -12.35 -1.11 26.51
N ILE C 20 -11.24 -1.10 27.25
CA ILE C 20 -11.13 -0.26 28.43
C ILE C 20 -11.21 1.22 28.04
N ALA C 21 -10.51 1.60 26.98
CA ALA C 21 -10.52 3.00 26.55
C ALA C 21 -11.91 3.42 26.07
N ALA C 22 -12.58 2.56 25.31
CA ALA C 22 -13.93 2.86 24.87
C ALA C 22 -14.89 2.98 26.05
N ALA C 23 -14.74 2.08 27.04
CA ALA C 23 -15.58 2.14 28.22
C ALA C 23 -15.34 3.42 29.01
N SER C 24 -14.08 3.83 29.12
CA SER C 24 -13.77 5.07 29.84
C SER C 24 -14.36 6.29 29.13
N LEU C 25 -14.24 6.33 27.80
CA LEU C 25 -14.81 7.45 27.07
C LEU C 25 -16.32 7.49 27.21
N ALA C 26 -16.97 6.32 27.14
CA ALA C 26 -18.41 6.25 27.36
C ALA C 26 -18.77 6.68 28.77
N ALA C 27 -17.94 6.33 29.75
CA ALA C 27 -18.19 6.77 31.12
C ALA C 27 -18.13 8.29 31.23
N ILE C 28 -17.15 8.92 30.56
CA ILE C 28 -17.05 10.37 30.57
C ILE C 28 -18.30 10.99 29.95
N LEU C 29 -18.72 10.45 28.80
CA LEU C 29 -19.89 11.00 28.13
C LEU C 29 -21.17 10.80 28.95
N GLU C 30 -21.28 9.67 29.64
CA GLU C 30 -22.43 9.41 30.50
C GLU C 30 -22.43 10.34 31.71
N ALA C 31 -21.25 10.71 32.20
CA ALA C 31 -21.14 11.67 33.28
C ALA C 31 -21.59 13.06 32.89
N ARG C 32 -21.73 13.35 31.60
CA ARG C 32 -22.22 14.63 31.12
C ARG C 32 -23.70 14.60 30.81
N GLY C 33 -24.41 13.54 31.18
CA GLY C 33 -25.84 13.46 30.99
C GLY C 33 -26.28 12.91 29.65
N LEU C 34 -25.39 12.33 28.87
CA LEU C 34 -25.74 11.82 27.56
C LEU C 34 -26.17 10.35 27.63
N ASN C 35 -26.95 9.95 26.64
CA ASN C 35 -27.44 8.57 26.52
C ASN C 35 -26.53 7.84 25.54
N VAL C 36 -25.61 7.04 26.07
CA VAL C 36 -24.59 6.40 25.26
C VAL C 36 -24.78 4.89 25.30
N THR C 37 -24.22 4.22 24.29
CA THR C 37 -24.15 2.77 24.27
C THR C 37 -22.87 2.36 23.55
N ILE C 38 -22.47 1.11 23.75
CA ILE C 38 -21.28 0.55 23.14
C ILE C 38 -21.63 -0.76 22.46
N MET C 39 -21.02 -1.02 21.31
CA MET C 39 -21.17 -2.30 20.62
C MET C 39 -19.82 -2.80 20.14
N LYS C 40 -19.66 -4.12 20.16
CA LYS C 40 -18.40 -4.77 19.84
C LYS C 40 -18.55 -5.61 18.57
N LEU C 41 -17.59 -5.49 17.66
CA LEU C 41 -17.58 -6.25 16.42
C LEU C 41 -16.37 -7.18 16.42
N ASP C 42 -16.61 -8.47 16.39
CA ASP C 42 -15.57 -9.50 16.45
C ASP C 42 -15.34 -10.10 15.07
N PRO C 43 -14.09 -10.23 14.62
CA PRO C 43 -13.82 -10.84 13.31
C PRO C 43 -13.64 -12.35 13.39
N TYR C 44 -14.54 -13.01 14.11
CA TYR C 44 -14.46 -14.45 14.33
C TYR C 44 -15.46 -15.18 13.46
N ILE C 45 -15.12 -16.41 13.08
CA ILE C 45 -16.06 -17.23 12.32
C ILE C 45 -17.06 -17.92 13.24
N ASN C 46 -16.74 -18.04 14.54
CA ASN C 46 -17.70 -18.57 15.49
C ASN C 46 -18.95 -17.73 15.51
N VAL C 47 -20.11 -18.38 15.46
CA VAL C 47 -21.37 -17.65 15.46
C VAL C 47 -21.61 -17.01 16.82
N ASP C 48 -21.25 -17.69 17.90
CA ASP C 48 -21.36 -17.17 19.25
C ASP C 48 -20.30 -17.83 20.11
N PRO C 49 -19.89 -17.19 21.22
CA PRO C 49 -18.78 -17.73 22.02
C PRO C 49 -19.14 -18.92 22.89
N GLY C 50 -20.38 -19.40 22.78
CA GLY C 50 -20.77 -20.56 23.58
C GLY C 50 -19.94 -21.79 23.24
N THR C 51 -19.56 -21.94 21.98
CA THR C 51 -18.71 -23.06 21.59
C THR C 51 -17.27 -22.86 22.05
N MET C 52 -16.82 -21.62 22.17
CA MET C 52 -15.44 -21.35 22.54
C MET C 52 -15.16 -21.78 23.97
N SER C 53 -13.93 -22.19 24.22
CA SER C 53 -13.50 -22.68 25.52
C SER C 53 -12.87 -21.56 26.33
N PRO C 54 -12.93 -21.64 27.67
CA PRO C 54 -12.44 -20.53 28.50
C PRO C 54 -10.95 -20.25 28.36
N ILE C 55 -10.16 -21.21 27.91
CA ILE C 55 -8.70 -21.08 27.90
C ILE C 55 -8.21 -20.57 26.56
N GLN C 56 -9.10 -19.99 25.78
CA GLN C 56 -8.74 -19.35 24.51
C GLN C 56 -8.96 -17.85 24.55
N HIS C 57 -10.16 -17.39 24.87
CA HIS C 57 -10.44 -15.96 24.94
C HIS C 57 -10.81 -15.47 26.33
N GLY C 58 -11.33 -16.33 27.19
CA GLY C 58 -11.66 -15.93 28.54
C GLY C 58 -13.09 -16.29 28.88
N GLU C 59 -13.59 -15.67 29.93
CA GLU C 59 -14.92 -16.00 30.44
C GLU C 59 -16.00 -15.54 29.46
N VAL C 60 -17.12 -16.26 29.48
CA VAL C 60 -18.27 -15.94 28.64
C VAL C 60 -19.21 -15.07 29.45
N PHE C 61 -19.59 -13.93 28.89
CA PHE C 61 -20.48 -13.00 29.55
C PHE C 61 -21.92 -13.28 29.18
N VAL C 62 -22.81 -13.20 30.16
CA VAL C 62 -24.22 -13.49 29.98
C VAL C 62 -25.00 -12.21 30.19
N THR C 63 -25.79 -11.82 29.20
CA THR C 63 -26.59 -10.62 29.29
C THR C 63 -27.91 -10.92 29.99
N GLU C 64 -28.73 -9.88 30.17
CA GLU C 64 -30.02 -10.06 30.83
C GLU C 64 -30.94 -10.96 30.02
N ASP C 65 -30.89 -10.86 28.70
CA ASP C 65 -31.79 -11.58 27.82
C ASP C 65 -31.27 -12.95 27.42
N GLY C 66 -30.10 -13.36 27.88
CA GLY C 66 -29.59 -14.68 27.62
C GLY C 66 -28.55 -14.79 26.53
N ALA C 67 -28.08 -13.68 25.97
CA ALA C 67 -27.03 -13.75 24.97
C ALA C 67 -25.70 -14.09 25.63
N GLU C 68 -24.87 -14.82 24.89
CA GLU C 68 -23.49 -15.10 25.28
C GLU C 68 -22.57 -14.23 24.44
N THR C 69 -21.68 -13.50 25.11
CA THR C 69 -20.89 -12.45 24.47
C THR C 69 -19.45 -12.54 24.94
N ASP C 70 -18.71 -11.46 24.74
CA ASP C 70 -17.30 -11.38 25.11
C ASP C 70 -17.11 -10.66 26.44
N LEU C 71 -15.87 -10.71 26.94
CA LEU C 71 -15.50 -10.01 28.16
C LEU C 71 -15.63 -8.49 28.02
N ASP C 72 -15.57 -7.99 26.79
CA ASP C 72 -15.69 -6.56 26.56
C ASP C 72 -17.04 -6.04 27.05
N LEU C 73 -18.11 -6.81 26.85
CA LEU C 73 -19.41 -6.39 27.34
C LEU C 73 -19.45 -6.37 28.85
N GLY C 74 -18.70 -7.25 29.51
CA GLY C 74 -18.53 -7.14 30.95
C GLY C 74 -17.85 -5.86 31.35
N HIS C 75 -16.79 -5.48 30.64
CA HIS C 75 -16.15 -4.18 30.87
C HIS C 75 -17.16 -3.04 30.74
N TYR C 76 -17.94 -3.07 29.65
CA TYR C 76 -18.87 -1.98 29.38
C TYR C 76 -19.93 -1.88 30.47
N GLU C 77 -20.49 -3.02 30.89
CA GLU C 77 -21.48 -2.98 31.96
C GLU C 77 -20.87 -2.54 33.27
N ARG C 78 -19.58 -2.79 33.48
CA ARG C 78 -18.93 -2.27 34.67
C ARG C 78 -18.71 -0.78 34.59
N PHE C 79 -18.63 -0.21 33.39
CA PHE C 79 -18.30 1.20 33.25
C PHE C 79 -19.50 2.12 33.05
N ILE C 80 -20.54 1.67 32.34
CA ILE C 80 -21.72 2.48 32.10
C ILE C 80 -22.93 1.76 32.66
N ARG C 81 -24.05 2.47 32.69
CA ARG C 81 -25.29 1.96 33.26
C ARG C 81 -26.34 1.69 32.19
N THR C 82 -25.89 1.16 31.06
CA THR C 82 -26.74 0.73 29.96
C THR C 82 -26.65 -0.79 29.87
N LYS C 83 -27.78 -1.46 29.92
CA LYS C 83 -27.76 -2.92 29.90
C LYS C 83 -27.52 -3.43 28.49
N MET C 84 -26.57 -4.34 28.35
CA MET C 84 -26.23 -4.90 27.06
C MET C 84 -27.24 -5.96 26.65
N SER C 85 -27.16 -6.38 25.39
CA SER C 85 -28.07 -7.39 24.85
C SER C 85 -27.37 -8.05 23.68
N ARG C 86 -28.13 -8.84 22.92
CA ARG C 86 -27.59 -9.44 21.69
C ARG C 86 -27.25 -8.38 20.65
N ARG C 87 -27.89 -7.21 20.70
CA ARG C 87 -27.62 -6.16 19.72
C ARG C 87 -26.28 -5.47 19.92
N ASN C 88 -25.58 -5.73 21.01
CA ASN C 88 -24.35 -5.02 21.32
C ASN C 88 -23.10 -5.81 20.96
N ASN C 89 -23.25 -6.96 20.31
CA ASN C 89 -22.10 -7.79 19.97
C ASN C 89 -22.50 -8.76 18.88
N PHE C 90 -21.70 -8.83 17.82
CA PHE C 90 -21.87 -9.86 16.81
C PHE C 90 -20.55 -10.08 16.10
N THR C 91 -20.46 -11.20 15.39
CA THR C 91 -19.23 -11.63 14.76
C THR C 91 -19.39 -11.69 13.25
N THR C 92 -18.27 -11.94 12.58
CA THR C 92 -18.28 -12.18 11.15
C THR C 92 -19.11 -13.42 10.80
N GLY C 93 -18.95 -14.48 11.60
CA GLY C 93 -19.69 -15.70 11.36
C GLY C 93 -21.19 -15.50 11.41
N ARG C 94 -21.66 -14.65 12.31
CA ARG C 94 -23.09 -14.37 12.39
C ARG C 94 -23.59 -13.70 11.12
N ILE C 95 -22.85 -12.71 10.61
CA ILE C 95 -23.25 -12.01 9.39
C ILE C 95 -23.28 -12.97 8.22
N TYR C 96 -22.23 -13.80 8.09
CA TYR C 96 -22.17 -14.74 6.99
C TYR C 96 -23.28 -15.78 7.08
N SER C 97 -23.59 -16.25 8.28
CA SER C 97 -24.69 -17.19 8.46
C SER C 97 -26.02 -16.59 8.03
N ASP C 98 -26.26 -15.33 8.43
CA ASP C 98 -27.51 -14.68 8.06
C ASP C 98 -27.63 -14.56 6.54
N VAL C 99 -26.57 -14.11 5.90
CA VAL C 99 -26.62 -13.90 4.45
C VAL C 99 -26.76 -15.24 3.72
N LEU C 100 -26.05 -16.28 4.18
CA LEU C 100 -26.18 -17.59 3.55
C LEU C 100 -27.59 -18.13 3.69
N ARG C 101 -28.19 -17.95 4.88
CA ARG C 101 -29.58 -18.39 5.09
C ARG C 101 -30.52 -17.68 4.12
N LYS C 102 -30.38 -16.35 4.02
CA LYS C 102 -31.26 -15.62 3.11
C LYS C 102 -31.06 -16.05 1.66
N GLU C 103 -29.81 -16.26 1.24
CA GLU C 103 -29.55 -16.63 -0.14
C GLU C 103 -30.11 -18.01 -0.47
N ARG C 104 -29.95 -18.97 0.45
CA ARG C 104 -30.57 -20.28 0.24
C ARG C 104 -32.09 -20.17 0.21
N ARG C 105 -32.67 -19.35 1.08
CA ARG C 105 -34.10 -19.15 1.09
C ARG C 105 -34.61 -18.46 -0.17
N GLY C 106 -33.74 -17.73 -0.88
CA GLY C 106 -34.12 -17.05 -2.09
C GLY C 106 -34.52 -15.60 -1.93
N ASP C 107 -34.13 -14.94 -0.84
CA ASP C 107 -34.53 -13.56 -0.61
C ASP C 107 -33.84 -12.59 -1.56
N TYR C 108 -32.76 -12.98 -2.20
CA TYR C 108 -32.02 -12.06 -3.06
C TYR C 108 -32.45 -12.14 -4.52
N LEU C 109 -33.48 -12.93 -4.83
CA LEU C 109 -34.14 -12.91 -6.12
C LEU C 109 -33.18 -13.23 -7.27
N GLY C 110 -32.31 -14.21 -7.05
CA GLY C 110 -31.45 -14.66 -8.13
C GLY C 110 -30.30 -13.75 -8.46
N ALA C 111 -30.07 -12.70 -7.68
CA ALA C 111 -28.92 -11.87 -7.88
C ALA C 111 -27.66 -12.53 -7.32
N THR C 112 -26.51 -12.07 -7.78
CA THR C 112 -25.24 -12.53 -7.25
C THR C 112 -24.96 -11.87 -5.92
N VAL C 113 -24.71 -12.67 -4.90
CA VAL C 113 -24.46 -12.15 -3.56
C VAL C 113 -22.97 -11.91 -3.43
N GLN C 114 -22.59 -10.65 -3.31
CA GLN C 114 -21.22 -10.21 -3.26
C GLN C 114 -20.88 -9.68 -1.87
N VAL C 115 -19.59 -9.46 -1.64
CA VAL C 115 -19.17 -8.98 -0.32
C VAL C 115 -19.55 -7.51 -0.14
N ILE C 116 -19.07 -6.65 -1.05
CA ILE C 116 -19.20 -5.21 -0.82
C ILE C 116 -20.65 -4.75 -0.72
N PRO C 117 -21.54 -5.07 -1.66
CA PRO C 117 -22.94 -4.73 -1.41
C PRO C 117 -23.53 -5.48 -0.23
N HIS C 118 -23.54 -6.82 -0.26
CA HIS C 118 -24.46 -7.54 0.60
C HIS C 118 -23.92 -7.75 2.01
N ILE C 119 -22.66 -8.15 2.14
CA ILE C 119 -22.09 -8.35 3.47
C ILE C 119 -22.05 -7.02 4.22
N THR C 120 -21.60 -5.96 3.55
CA THR C 120 -21.50 -4.67 4.21
C THR C 120 -22.88 -4.08 4.48
N ASN C 121 -23.88 -4.39 3.64
CA ASN C 121 -25.24 -3.98 3.96
C ASN C 121 -25.75 -4.66 5.22
N ALA C 122 -25.46 -5.95 5.38
CA ALA C 122 -25.86 -6.64 6.60
C ALA C 122 -25.17 -6.04 7.82
N ILE C 123 -23.88 -5.73 7.69
CA ILE C 123 -23.15 -5.12 8.81
C ILE C 123 -23.74 -3.76 9.17
N LYS C 124 -24.02 -2.92 8.17
CA LYS C 124 -24.58 -1.61 8.42
C LYS C 124 -25.94 -1.70 9.07
N GLU C 125 -26.78 -2.63 8.61
CA GLU C 125 -28.10 -2.81 9.19
C GLU C 125 -28.00 -3.18 10.67
N ARG C 126 -27.10 -4.10 11.00
CA ARG C 126 -26.94 -4.47 12.40
C ARG C 126 -26.43 -3.30 13.24
N VAL C 127 -25.47 -2.53 12.71
CA VAL C 127 -24.94 -1.40 13.48
C VAL C 127 -26.03 -0.36 13.73
N LEU C 128 -26.81 -0.04 12.70
CA LEU C 128 -27.89 0.93 12.87
C LEU C 128 -28.95 0.44 13.86
N GLU C 129 -29.31 -0.84 13.79
CA GLU C 129 -30.30 -1.35 14.72
C GLU C 129 -29.77 -1.37 16.15
N GLY C 130 -28.46 -1.60 16.34
CA GLY C 130 -27.89 -1.52 17.66
C GLY C 130 -27.85 -0.10 18.20
N GLY C 131 -27.52 0.88 17.36
CA GLY C 131 -27.37 2.23 17.84
C GLY C 131 -28.64 3.06 17.91
N GLU C 132 -29.76 2.54 17.48
CA GLU C 132 -30.99 3.34 17.39
C GLU C 132 -31.47 3.75 18.78
N GLY C 133 -31.79 5.02 18.93
CA GLY C 133 -32.37 5.53 20.16
C GLY C 133 -31.40 6.07 21.19
N HIS C 134 -30.15 6.34 20.81
CA HIS C 134 -29.16 6.86 21.74
C HIS C 134 -28.53 8.13 21.18
N ASP C 135 -27.97 8.93 22.08
CA ASP C 135 -27.31 10.16 21.66
C ASP C 135 -25.97 9.87 20.99
N VAL C 136 -25.17 8.98 21.57
CA VAL C 136 -23.86 8.61 21.08
C VAL C 136 -23.74 7.10 21.08
N VAL C 137 -23.13 6.55 20.03
CA VAL C 137 -22.86 5.12 19.93
C VAL C 137 -21.38 4.93 19.71
N LEU C 138 -20.76 4.12 20.57
CA LEU C 138 -19.36 3.77 20.43
C LEU C 138 -19.27 2.37 19.83
N VAL C 139 -18.72 2.29 18.62
CA VAL C 139 -18.59 1.03 17.90
C VAL C 139 -17.11 0.67 17.87
N GLU C 140 -16.77 -0.41 18.57
CA GLU C 140 -15.39 -0.90 18.64
C GLU C 140 -15.21 -2.03 17.64
N ILE C 141 -14.15 -1.95 16.84
CA ILE C 141 -13.89 -2.91 15.78
C ILE C 141 -12.69 -3.75 16.17
N GLY C 142 -12.91 -5.06 16.27
CA GLY C 142 -11.83 -5.95 16.63
C GLY C 142 -10.89 -6.22 15.48
N GLY C 143 -9.70 -6.72 15.84
CA GLY C 143 -8.64 -6.92 14.88
C GLY C 143 -7.82 -5.66 14.67
N THR C 144 -6.65 -5.84 14.08
CA THR C 144 -5.75 -4.73 13.81
C THR C 144 -6.02 -4.22 12.40
N VAL C 145 -5.84 -2.91 12.22
CA VAL C 145 -6.06 -2.30 10.92
C VAL C 145 -4.93 -2.71 10.00
N GLY C 146 -5.28 -3.39 8.91
CA GLY C 146 -4.28 -3.92 8.00
C GLY C 146 -4.31 -5.42 7.91
N ASP C 147 -5.41 -6.02 8.36
CA ASP C 147 -5.59 -7.46 8.35
C ASP C 147 -6.74 -7.84 7.43
N ILE C 148 -6.65 -9.05 6.86
CA ILE C 148 -7.68 -9.54 5.96
C ILE C 148 -9.00 -9.68 6.69
N GLU C 149 -8.96 -10.07 7.96
CA GLU C 149 -10.16 -10.45 8.66
C GLU C 149 -11.11 -9.29 8.95
N SER C 150 -10.61 -8.06 8.97
CA SER C 150 -11.43 -6.93 9.41
C SER C 150 -11.74 -5.95 8.30
N LEU C 151 -11.36 -6.27 7.07
CA LEU C 151 -11.63 -5.38 5.94
C LEU C 151 -13.12 -5.15 5.69
N PRO C 152 -13.99 -6.17 5.70
CA PRO C 152 -15.42 -5.88 5.52
C PRO C 152 -15.98 -4.92 6.55
N PHE C 153 -15.57 -5.03 7.81
CA PHE C 153 -16.05 -4.12 8.84
C PHE C 153 -15.63 -2.68 8.56
N LEU C 154 -14.37 -2.48 8.19
CA LEU C 154 -13.88 -1.13 7.91
C LEU C 154 -14.55 -0.54 6.68
N GLU C 155 -14.75 -1.35 5.62
CA GLU C 155 -15.46 -0.85 4.46
C GLU C 155 -16.89 -0.46 4.80
N ALA C 156 -17.56 -1.29 5.59
CA ALA C 156 -18.92 -0.97 5.99
C ALA C 156 -18.98 0.32 6.79
N ILE C 157 -18.06 0.51 7.74
CA ILE C 157 -18.14 1.73 8.55
C ILE C 157 -17.79 2.96 7.74
N ARG C 158 -16.89 2.84 6.75
CA ARG C 158 -16.62 3.98 5.87
C ARG C 158 -17.85 4.37 5.06
N GLN C 159 -18.52 3.37 4.48
CA GLN C 159 -19.75 3.66 3.75
C GLN C 159 -20.81 4.26 4.66
N MET C 160 -20.93 3.72 5.88
CA MET C 160 -21.91 4.25 6.83
C MET C 160 -21.60 5.69 7.19
N ALA C 161 -20.33 6.01 7.38
CA ALA C 161 -19.95 7.39 7.69
C ALA C 161 -20.33 8.32 6.55
N VAL C 162 -20.13 7.89 5.31
CA VAL C 162 -20.52 8.72 4.17
C VAL C 162 -22.04 8.91 4.13
N GLU C 163 -22.79 7.84 4.32
CA GLU C 163 -24.25 7.92 4.21
C GLU C 163 -24.84 8.77 5.33
N ILE C 164 -24.41 8.54 6.57
CA ILE C 164 -24.97 9.25 7.70
C ILE C 164 -24.58 10.72 7.67
N GLY C 165 -23.33 11.02 7.32
CA GLY C 165 -22.82 12.37 7.34
C GLY C 165 -21.64 12.53 8.27
N ARG C 166 -20.64 13.30 7.86
CA ARG C 166 -19.43 13.43 8.65
C ARG C 166 -19.57 14.39 9.82
N GLU C 167 -20.70 15.06 9.94
CA GLU C 167 -20.99 15.86 11.13
C GLU C 167 -21.66 15.05 12.22
N HIS C 168 -21.86 13.74 12.00
CA HIS C 168 -22.36 12.84 13.02
C HIS C 168 -21.50 11.60 13.19
N THR C 169 -20.32 11.56 12.56
CA THR C 169 -19.45 10.40 12.64
C THR C 169 -18.03 10.83 12.97
N LEU C 170 -17.40 10.13 13.89
CA LEU C 170 -16.01 10.32 14.25
C LEU C 170 -15.28 9.00 14.13
N PHE C 171 -13.99 9.09 13.85
CA PHE C 171 -13.11 7.92 13.80
C PHE C 171 -12.00 8.11 14.82
N MET C 172 -11.78 7.10 15.65
CA MET C 172 -10.77 7.14 16.70
C MET C 172 -9.84 5.95 16.54
N HIS C 173 -8.54 6.21 16.51
CA HIS C 173 -7.53 5.20 16.23
C HIS C 173 -6.60 5.06 17.43
N LEU C 174 -6.37 3.81 17.85
CA LEU C 174 -5.43 3.51 18.92
C LEU C 174 -4.15 2.95 18.33
N THR C 175 -3.01 3.39 18.88
CA THR C 175 -1.71 2.97 18.39
C THR C 175 -0.79 2.74 19.57
N LEU C 176 0.34 2.09 19.29
CA LEU C 176 1.39 1.88 20.27
C LEU C 176 2.56 2.79 19.95
N VAL C 177 3.01 3.53 20.94
CA VAL C 177 4.23 4.34 20.83
C VAL C 177 5.33 3.64 21.61
N PRO C 178 6.18 2.85 20.96
CA PRO C 178 7.18 2.09 21.71
C PRO C 178 8.27 2.98 22.27
N TYR C 179 8.91 2.49 23.32
CA TYR C 179 10.04 3.16 23.94
C TYR C 179 11.29 2.31 23.73
N MET C 180 12.33 2.91 23.16
CA MET C 180 13.58 2.22 22.91
C MET C 180 14.60 2.67 23.95
N ALA C 181 15.12 1.70 24.73
CA ALA C 181 16.06 2.03 25.79
C ALA C 181 17.42 2.46 25.25
N ALA C 182 17.75 2.09 24.01
CA ALA C 182 19.03 2.47 23.43
C ALA C 182 19.17 3.99 23.34
N SER C 183 18.31 4.62 22.54
CA SER C 183 18.32 6.07 22.46
C SER C 183 17.57 6.73 23.59
N GLY C 184 16.79 5.98 24.36
CA GLY C 184 15.98 6.56 25.42
C GLY C 184 14.90 7.50 24.93
N GLU C 185 14.32 7.22 23.77
CA GLU C 185 13.25 8.03 23.21
C GLU C 185 12.01 7.19 22.98
N VAL C 186 10.92 7.88 22.65
CA VAL C 186 9.68 7.25 22.21
C VAL C 186 9.56 7.44 20.72
N LYS C 187 9.22 6.38 20.00
CA LYS C 187 9.24 6.35 18.55
C LYS C 187 7.83 6.50 18.00
N THR C 188 7.66 7.41 17.03
CA THR C 188 6.36 7.69 16.45
C THR C 188 6.17 7.08 15.07
N LYS C 189 7.18 6.40 14.53
CA LYS C 189 7.05 5.86 13.18
C LYS C 189 5.96 4.80 13.03
N PRO C 190 5.80 3.83 13.94
CA PRO C 190 4.69 2.86 13.76
C PRO C 190 3.32 3.52 13.68
N THR C 191 3.10 4.58 14.46
CA THR C 191 1.84 5.30 14.38
C THR C 191 1.64 5.92 13.01
N GLN C 192 2.71 6.49 12.45
CA GLN C 192 2.64 7.06 11.11
C GLN C 192 2.26 6.02 10.08
N HIS C 193 2.87 4.83 10.16
CA HIS C 193 2.57 3.81 9.16
C HIS C 193 1.18 3.23 9.36
N SER C 194 0.70 3.16 10.60
CA SER C 194 -0.66 2.68 10.85
C SER C 194 -1.70 3.66 10.31
N VAL C 195 -1.45 4.95 10.51
CA VAL C 195 -2.36 5.95 9.94
C VAL C 195 -2.35 5.87 8.43
N LYS C 196 -1.18 5.62 7.83
CA LYS C 196 -1.12 5.45 6.39
C LYS C 196 -1.94 4.25 5.92
N GLU C 197 -1.89 3.14 6.66
CA GLU C 197 -2.67 1.96 6.29
C GLU C 197 -4.17 2.23 6.40
N LEU C 198 -4.59 2.87 7.49
CA LEU C 198 -6.00 3.21 7.64
C LEU C 198 -6.47 4.14 6.53
N LEU C 199 -5.63 5.11 6.13
CA LEU C 199 -5.96 5.99 5.02
C LEU C 199 -6.06 5.21 3.72
N SER C 200 -5.18 4.24 3.52
CA SER C 200 -5.26 3.39 2.34
C SER C 200 -6.57 2.63 2.28
N ILE C 201 -7.10 2.24 3.44
CA ILE C 201 -8.43 1.62 3.45
C ILE C 201 -9.50 2.63 3.05
N GLY C 202 -9.33 3.88 3.45
CA GLY C 202 -10.25 4.93 3.04
C GLY C 202 -10.81 5.76 4.19
N ILE C 203 -10.21 5.66 5.37
CA ILE C 203 -10.69 6.34 6.56
C ILE C 203 -9.62 7.33 7.04
N GLN C 204 -10.04 8.57 7.29
CA GLN C 204 -9.17 9.57 7.89
C GLN C 204 -9.45 9.65 9.38
N PRO C 205 -8.48 9.34 10.23
CA PRO C 205 -8.71 9.47 11.67
C PRO C 205 -8.99 10.90 12.08
N ASP C 206 -9.85 11.04 13.07
CA ASP C 206 -10.13 12.33 13.70
C ASP C 206 -9.44 12.49 15.04
N ILE C 207 -9.20 11.38 15.74
CA ILE C 207 -8.57 11.38 17.05
C ILE C 207 -7.52 10.28 17.05
N LEU C 208 -6.34 10.58 17.59
CA LEU C 208 -5.31 9.58 17.79
C LEU C 208 -5.07 9.40 19.28
N ILE C 209 -5.23 8.17 19.77
CA ILE C 209 -4.96 7.82 21.14
C ILE C 209 -3.69 7.00 21.17
N CYS C 210 -2.70 7.48 21.91
CA CYS C 210 -1.36 6.89 21.91
C CYS C 210 -1.15 6.12 23.21
N ARG C 211 -0.77 4.86 23.07
CA ARG C 211 -0.56 3.95 24.20
C ARG C 211 0.93 3.73 24.38
N SER C 212 1.41 3.93 25.60
CA SER C 212 2.82 3.80 25.89
C SER C 212 2.98 3.52 27.38
N ASP C 213 4.19 3.10 27.76
CA ASP C 213 4.50 2.92 29.17
C ASP C 213 4.40 4.24 29.92
N ARG C 214 4.93 5.30 29.33
CA ARG C 214 4.96 6.61 29.92
C ARG C 214 4.07 7.56 29.13
N ALA C 215 4.04 8.82 29.54
CA ALA C 215 3.30 9.83 28.82
C ALA C 215 4.09 10.27 27.59
N VAL C 216 3.38 10.50 26.49
CA VAL C 216 4.01 10.92 25.24
C VAL C 216 4.37 12.40 25.33
N PRO C 217 5.60 12.79 25.04
CA PRO C 217 5.98 14.20 25.13
C PRO C 217 5.29 15.06 24.08
N ALA C 218 5.28 16.37 24.34
CA ALA C 218 4.56 17.30 23.48
C ALA C 218 5.16 17.38 22.08
N ASN C 219 6.49 17.31 21.98
CA ASN C 219 7.13 17.37 20.67
C ASN C 219 6.75 16.16 19.82
N GLU C 220 6.70 14.98 20.44
CA GLU C 220 6.27 13.79 19.72
C GLU C 220 4.83 13.92 19.25
N ARG C 221 3.95 14.46 20.09
CA ARG C 221 2.56 14.65 19.70
C ARG C 221 2.44 15.65 18.56
N ALA C 222 3.25 16.71 18.59
CA ALA C 222 3.26 17.67 17.49
C ALA C 222 3.71 17.00 16.20
N LYS C 223 4.72 16.13 16.28
CA LYS C 223 5.15 15.37 15.11
C LYS C 223 4.04 14.47 14.59
N ILE C 224 3.31 13.81 15.49
CA ILE C 224 2.22 12.94 15.07
C ILE C 224 1.14 13.75 14.37
N ALA C 225 0.77 14.89 14.95
CA ALA C 225 -0.21 15.77 14.33
C ALA C 225 0.24 16.20 12.95
N LEU C 226 1.52 16.54 12.81
CA LEU C 226 2.04 16.98 11.52
C LEU C 226 1.95 15.87 10.48
N PHE C 227 2.28 14.64 10.86
CA PHE C 227 2.35 13.57 9.89
C PHE C 227 1.03 12.86 9.62
N CYS C 228 -0.01 13.11 10.43
CA CYS C 228 -1.22 12.29 10.33
C CYS C 228 -2.50 13.09 10.00
N ASN C 229 -2.37 14.35 9.60
CA ASN C 229 -3.51 15.22 9.25
C ASN C 229 -4.45 15.46 10.43
N VAL C 230 -4.01 15.21 11.65
CA VAL C 230 -4.87 15.35 12.82
C VAL C 230 -4.47 16.64 13.56
N PRO C 231 -5.42 17.41 14.07
CA PRO C 231 -5.06 18.58 14.87
C PRO C 231 -4.27 18.19 16.11
N GLU C 232 -3.41 19.11 16.56
CA GLU C 232 -2.52 18.80 17.67
C GLU C 232 -3.28 18.54 18.97
N LYS C 233 -4.45 19.15 19.14
CA LYS C 233 -5.24 18.93 20.34
C LYS C 233 -5.89 17.55 20.36
N ALA C 234 -6.03 16.91 19.20
CA ALA C 234 -6.71 15.64 19.09
C ALA C 234 -5.77 14.45 19.18
N VAL C 235 -4.49 14.68 19.48
CA VAL C 235 -3.54 13.61 19.74
C VAL C 235 -3.50 13.42 21.26
N ILE C 236 -4.11 12.35 21.73
CA ILE C 236 -4.35 12.14 23.16
C ILE C 236 -3.42 11.06 23.66
N SER C 237 -2.76 11.33 24.77
CA SER C 237 -1.85 10.38 25.40
C SER C 237 -2.58 9.58 26.47
N LEU C 238 -2.42 8.27 26.46
CA LEU C 238 -2.96 7.39 27.50
C LEU C 238 -1.87 6.44 27.95
N LYS C 239 -1.21 6.77 29.05
CA LYS C 239 -0.12 5.95 29.57
C LYS C 239 -0.68 4.76 30.35
N ASP C 240 0.20 3.82 30.65
CA ASP C 240 -0.16 2.70 31.50
C ASP C 240 -0.46 3.17 32.90
N VAL C 241 -1.50 2.60 33.51
CA VAL C 241 -1.95 2.99 34.84
C VAL C 241 -2.05 1.75 35.72
N ASP C 242 -2.00 1.99 37.03
CA ASP C 242 -2.20 0.90 37.98
C ASP C 242 -3.67 0.51 38.05
N SER C 243 -4.57 1.50 38.00
CA SER C 243 -6.00 1.27 38.12
C SER C 243 -6.69 1.76 36.85
N ILE C 244 -7.58 0.94 36.30
CA ILE C 244 -8.36 1.36 35.14
C ILE C 244 -9.36 2.44 35.48
N TYR C 245 -9.59 2.73 36.76
CA TYR C 245 -10.55 3.76 37.15
C TYR C 245 -9.98 5.17 37.03
N LYS C 246 -8.67 5.30 36.85
CA LYS C 246 -8.08 6.61 36.60
C LYS C 246 -8.17 7.02 35.14
N ILE C 247 -8.47 6.08 34.25
CA ILE C 247 -8.46 6.38 32.81
C ILE C 247 -9.49 7.43 32.44
N PRO C 248 -10.74 7.38 32.92
CA PRO C 248 -11.66 8.49 32.62
C PRO C 248 -11.16 9.84 33.07
N GLY C 249 -10.50 9.91 34.23
CA GLY C 249 -9.94 11.17 34.67
C GLY C 249 -8.85 11.70 33.76
N LEU C 250 -7.96 10.80 33.31
CA LEU C 250 -6.89 11.20 32.40
C LEU C 250 -7.46 11.71 31.08
N LEU C 251 -8.39 10.95 30.49
CA LEU C 251 -8.98 11.38 29.22
C LEU C 251 -9.73 12.69 29.39
N LYS C 252 -10.39 12.88 30.53
CA LYS C 252 -11.09 14.14 30.78
C LYS C 252 -10.11 15.30 30.91
N SER C 253 -8.98 15.09 31.58
CA SER C 253 -7.99 16.14 31.74
C SER C 253 -7.35 16.52 30.41
N GLN C 254 -7.22 15.57 29.49
CA GLN C 254 -6.62 15.89 28.19
C GLN C 254 -7.61 16.57 27.24
N GLY C 255 -8.88 16.67 27.59
CA GLY C 255 -9.85 17.39 26.78
C GLY C 255 -10.50 16.61 25.68
N LEU C 256 -10.54 15.28 25.76
CA LEU C 256 -11.17 14.48 24.73
C LEU C 256 -12.68 14.73 24.69
N ASP C 257 -13.31 14.84 25.85
CA ASP C 257 -14.75 15.05 25.91
C ASP C 257 -15.15 16.38 25.28
N ASP C 258 -14.40 17.44 25.57
CA ASP C 258 -14.74 18.75 25.01
C ASP C 258 -14.60 18.73 23.49
N TYR C 259 -13.56 18.08 22.97
CA TYR C 259 -13.40 18.00 21.52
C TYR C 259 -14.53 17.22 20.89
N ILE C 260 -14.92 16.08 21.48
CA ILE C 260 -16.00 15.28 20.94
C ILE C 260 -17.32 16.06 20.95
N CYS C 261 -17.56 16.79 22.03
CA CYS C 261 -18.80 17.56 22.13
C CYS C 261 -18.80 18.75 21.17
N LYS C 262 -17.63 19.33 20.90
CA LYS C 262 -17.55 20.38 19.90
C LYS C 262 -17.85 19.85 18.50
N ARG C 263 -17.28 18.70 18.15
CA ARG C 263 -17.49 18.15 16.82
C ARG C 263 -18.95 17.74 16.61
N PHE C 264 -19.59 17.22 17.63
CA PHE C 264 -20.97 16.75 17.52
C PHE C 264 -22.00 17.82 17.85
N SER C 265 -21.56 19.04 18.17
CA SER C 265 -22.44 20.16 18.43
C SER C 265 -23.41 19.87 19.59
N LEU C 266 -22.88 19.30 20.65
CA LEU C 266 -23.68 18.96 21.83
C LEU C 266 -23.43 19.98 22.93
N ASN C 267 -24.49 20.42 23.57
CA ASN C 267 -24.40 21.38 24.67
C ASN C 267 -24.79 20.64 25.94
N CYS C 268 -23.84 19.90 26.49
CA CYS C 268 -24.03 19.13 27.71
C CYS C 268 -23.21 19.72 28.83
N PRO C 269 -23.70 19.68 30.07
CA PRO C 269 -22.97 20.28 31.18
C PRO C 269 -21.62 19.62 31.41
N GLU C 270 -20.82 20.26 32.25
CA GLU C 270 -19.49 19.78 32.56
C GLU C 270 -19.57 18.41 33.24
N ALA C 271 -18.56 17.58 32.98
CA ALA C 271 -18.55 16.23 33.52
C ALA C 271 -18.41 16.25 35.04
N ASN C 272 -19.18 15.39 35.71
CA ASN C 272 -19.09 15.19 37.14
C ASN C 272 -18.58 13.77 37.37
N LEU C 273 -17.31 13.65 37.73
CA LEU C 273 -16.65 12.37 37.94
C LEU C 273 -16.47 12.07 39.41
N SER C 274 -17.44 12.46 40.24
CA SER C 274 -17.31 12.31 41.68
C SER C 274 -17.29 10.84 42.10
N GLU C 275 -18.13 10.01 41.47
CA GLU C 275 -18.18 8.60 41.85
C GLU C 275 -16.88 7.89 41.52
N TRP C 276 -16.28 8.21 40.39
CA TRP C 276 -15.02 7.57 40.04
C TRP C 276 -13.90 8.01 40.98
N GLU C 277 -13.91 9.29 41.39
CA GLU C 277 -12.95 9.74 42.39
C GLU C 277 -13.17 9.01 43.71
N GLN C 278 -14.43 8.76 44.07
CA GLN C 278 -14.71 7.98 45.27
C GLN C 278 -14.15 6.58 45.17
N VAL C 279 -14.30 5.94 44.00
CA VAL C 279 -13.78 4.60 43.83
C VAL C 279 -12.25 4.61 43.94
N ILE C 280 -11.60 5.60 43.35
CA ILE C 280 -10.14 5.69 43.43
C ILE C 280 -9.71 5.88 44.88
N PHE C 281 -10.39 6.76 45.62
CA PHE C 281 -10.05 6.99 47.01
C PHE C 281 -10.22 5.73 47.84
N GLU C 282 -11.33 5.01 47.64
CA GLU C 282 -11.54 3.77 48.37
C GLU C 282 -10.46 2.75 48.06
N GLU C 283 -10.09 2.63 46.78
CA GLU C 283 -9.09 1.64 46.39
C GLU C 283 -7.72 1.99 46.96
N ALA C 284 -7.37 3.27 46.96
CA ALA C 284 -6.02 3.68 47.37
C ALA C 284 -5.76 3.53 48.86
N ASN C 285 -6.80 3.39 49.67
CA ASN C 285 -6.68 3.39 51.12
C ASN C 285 -7.35 2.16 51.73
N PRO C 286 -6.69 1.01 51.66
CA PRO C 286 -7.18 -0.16 52.41
C PRO C 286 -6.83 -0.06 53.88
N VAL C 287 -7.51 -0.86 54.68
CA VAL C 287 -7.21 -0.99 56.10
C VAL C 287 -6.87 -2.41 56.51
N SER C 288 -6.98 -3.39 55.62
CA SER C 288 -6.73 -4.78 55.94
C SER C 288 -6.16 -5.48 54.72
N GLU C 289 -5.93 -6.79 54.86
CA GLU C 289 -5.40 -7.59 53.75
C GLU C 289 -5.77 -9.03 54.00
N VAL C 290 -6.72 -9.55 53.22
CA VAL C 290 -7.09 -10.96 53.29
C VAL C 290 -6.67 -11.63 52.01
N THR C 291 -6.46 -12.94 52.09
CA THR C 291 -6.11 -13.75 50.93
C THR C 291 -7.22 -14.76 50.67
N ILE C 292 -7.68 -14.82 49.42
CA ILE C 292 -8.77 -15.68 49.01
C ILE C 292 -8.22 -16.74 48.07
N GLY C 293 -8.53 -18.00 48.37
CA GLY C 293 -8.14 -19.07 47.49
C GLY C 293 -9.23 -19.41 46.50
N MET C 294 -8.98 -19.18 45.21
CA MET C 294 -9.90 -19.60 44.17
C MET C 294 -9.36 -20.89 43.56
N VAL C 295 -10.17 -21.94 43.60
CA VAL C 295 -9.78 -23.26 43.08
C VAL C 295 -10.64 -23.56 41.86
N GLY C 296 -9.98 -23.81 40.74
CA GLY C 296 -10.69 -24.08 39.50
C GLY C 296 -9.80 -24.78 38.51
N LYS C 297 -10.37 -25.06 37.34
CA LYS C 297 -9.70 -25.87 36.34
C LYS C 297 -9.04 -25.07 35.23
N TYR C 298 -9.44 -23.82 35.02
CA TYR C 298 -8.86 -22.99 33.96
C TYR C 298 -7.85 -22.00 34.51
N ILE C 299 -7.06 -22.43 35.51
CA ILE C 299 -6.14 -21.53 36.19
C ILE C 299 -5.07 -21.00 35.25
N GLU C 300 -4.76 -21.73 34.17
CA GLU C 300 -3.66 -21.33 33.29
C GLU C 300 -3.93 -19.96 32.67
N LEU C 301 -5.15 -19.72 32.22
CA LEU C 301 -5.50 -18.43 31.64
C LEU C 301 -6.32 -17.63 32.65
N PRO C 302 -5.77 -16.57 33.23
CA PRO C 302 -6.53 -15.81 34.25
C PRO C 302 -7.78 -15.14 33.70
N ASP C 303 -7.86 -14.90 32.38
CA ASP C 303 -9.05 -14.28 31.81
C ASP C 303 -10.27 -15.18 31.87
N ALA C 304 -10.10 -16.46 32.21
CA ALA C 304 -11.23 -17.33 32.42
C ALA C 304 -12.04 -16.97 33.67
N TYR C 305 -11.51 -16.10 34.53
CA TYR C 305 -12.20 -15.70 35.76
C TYR C 305 -12.13 -14.20 35.96
N LYS C 306 -12.17 -13.43 34.87
CA LYS C 306 -11.99 -11.99 34.96
C LYS C 306 -13.12 -11.34 35.76
N SER C 307 -14.36 -11.72 35.46
CA SER C 307 -15.50 -11.15 36.17
C SER C 307 -15.48 -11.50 37.65
N VAL C 308 -15.14 -12.75 37.99
CA VAL C 308 -15.11 -13.18 39.38
C VAL C 308 -14.01 -12.44 40.14
N ILE C 309 -12.83 -12.30 39.53
CA ILE C 309 -11.75 -11.56 40.17
C ILE C 309 -12.16 -10.11 40.41
N GLU C 310 -12.77 -9.47 39.41
CA GLU C 310 -13.18 -8.08 39.59
C GLU C 310 -14.29 -7.95 40.63
N ALA C 311 -15.18 -8.94 40.73
CA ALA C 311 -16.22 -8.89 41.74
C ALA C 311 -15.65 -9.01 43.15
N LEU C 312 -14.66 -9.90 43.32
CA LEU C 312 -13.97 -9.96 44.61
C LEU C 312 -13.30 -8.64 44.95
N LYS C 313 -12.66 -8.01 43.95
CA LYS C 313 -12.05 -6.70 44.19
C LYS C 313 -13.09 -5.66 44.56
N HIS C 314 -14.25 -5.69 43.92
CA HIS C 314 -15.31 -4.73 44.24
C HIS C 314 -15.81 -4.93 45.67
N GLY C 315 -16.00 -6.18 46.07
CA GLY C 315 -16.39 -6.44 47.45
C GLY C 315 -15.35 -5.94 48.43
N GLY C 316 -14.07 -6.14 48.12
CA GLY C 316 -13.02 -5.59 48.95
C GLY C 316 -13.08 -4.07 49.03
N LEU C 317 -13.35 -3.42 47.90
CA LEU C 317 -13.48 -1.97 47.91
C LEU C 317 -14.61 -1.51 48.82
N LYS C 318 -15.75 -2.22 48.78
CA LYS C 318 -16.85 -1.87 49.67
C LYS C 318 -16.48 -2.11 51.13
N ASN C 319 -15.68 -3.13 51.41
CA ASN C 319 -15.26 -3.45 52.77
C ASN C 319 -13.94 -2.80 53.15
N ARG C 320 -13.36 -1.97 52.29
CA ARG C 320 -12.10 -1.27 52.56
C ARG C 320 -10.98 -2.25 52.90
N VAL C 321 -10.98 -3.39 52.23
CA VAL C 321 -10.01 -4.46 52.47
C VAL C 321 -9.31 -4.78 51.17
N SER C 322 -7.98 -4.84 51.20
CA SER C 322 -7.23 -5.33 50.06
C SER C 322 -7.40 -6.84 49.93
N VAL C 323 -7.67 -7.30 48.72
CA VAL C 323 -7.95 -8.71 48.46
C VAL C 323 -6.83 -9.27 47.60
N ASN C 324 -6.23 -10.37 48.05
CA ASN C 324 -5.13 -11.02 47.34
C ASN C 324 -5.60 -12.38 46.85
N ILE C 325 -5.78 -12.50 45.54
CA ILE C 325 -6.32 -13.71 44.95
C ILE C 325 -5.17 -14.66 44.63
N LYS C 326 -5.22 -15.86 45.20
CA LYS C 326 -4.28 -16.92 44.87
C LYS C 326 -5.03 -17.98 44.07
N LEU C 327 -4.44 -18.41 42.96
CA LEU C 327 -5.06 -19.38 42.07
C LEU C 327 -4.51 -20.76 42.39
N ILE C 328 -5.41 -21.70 42.67
CA ILE C 328 -5.04 -23.06 43.02
C ILE C 328 -5.63 -24.00 41.98
N ASP C 329 -4.79 -24.85 41.40
CA ASP C 329 -5.25 -25.82 40.43
C ASP C 329 -5.93 -26.99 41.12
N SER C 330 -7.05 -27.43 40.55
CA SER C 330 -7.84 -28.49 41.17
C SER C 330 -7.09 -29.82 41.16
N GLN C 331 -6.41 -30.14 40.05
CA GLN C 331 -5.67 -31.39 39.99
C GLN C 331 -4.52 -31.41 40.99
N ASP C 332 -3.99 -30.22 41.34
CA ASP C 332 -3.00 -30.16 42.40
C ASP C 332 -3.57 -30.64 43.72
N VAL C 333 -4.79 -30.18 44.05
CA VAL C 333 -5.44 -30.67 45.26
C VAL C 333 -5.75 -32.16 45.14
N GLU C 334 -6.08 -32.61 43.93
CA GLU C 334 -6.40 -34.01 43.72
C GLU C 334 -5.19 -34.89 44.00
N THR C 335 -4.01 -34.48 43.55
CA THR C 335 -2.79 -35.28 43.70
C THR C 335 -2.00 -34.90 44.95
N ARG C 336 -1.58 -33.64 45.03
CA ARG C 336 -0.73 -33.22 46.14
C ARG C 336 -1.47 -33.29 47.47
N GLY C 337 -2.75 -32.89 47.48
CA GLY C 337 -3.56 -33.02 48.67
C GLY C 337 -4.09 -31.68 49.15
N VAL C 338 -4.36 -31.62 50.46
CA VAL C 338 -4.94 -30.44 51.07
C VAL C 338 -3.87 -29.49 51.59
N GLU C 339 -2.61 -29.74 51.25
CA GLU C 339 -1.50 -28.91 51.74
C GLU C 339 -1.57 -27.51 51.14
N ILE C 340 -1.97 -27.40 49.87
CA ILE C 340 -1.97 -26.11 49.19
C ILE C 340 -3.00 -25.17 49.81
N LEU C 341 -4.13 -25.70 50.26
CA LEU C 341 -5.21 -24.89 50.78
C LEU C 341 -4.91 -24.28 52.15
N LYS C 342 -3.69 -24.38 52.67
CA LYS C 342 -3.38 -23.83 53.99
C LYS C 342 -2.88 -22.39 53.86
N GLY C 343 -3.34 -21.55 54.79
CA GLY C 343 -2.96 -20.15 54.79
C GLY C 343 -3.90 -19.33 53.94
N LEU C 344 -5.18 -19.64 54.00
CA LEU C 344 -6.21 -18.97 53.21
C LEU C 344 -7.33 -18.52 54.13
N ASP C 345 -7.69 -17.24 54.02
CA ASP C 345 -8.79 -16.72 54.84
C ASP C 345 -10.16 -17.08 54.28
N ALA C 346 -10.25 -17.41 52.99
CA ALA C 346 -11.52 -17.80 52.39
C ALA C 346 -11.23 -18.57 51.11
N ILE C 347 -12.23 -19.32 50.66
CA ILE C 347 -12.10 -20.19 49.50
C ILE C 347 -13.28 -19.95 48.56
N LEU C 348 -13.00 -19.78 47.27
CA LEU C 348 -14.02 -19.60 46.26
C LEU C 348 -13.88 -20.66 45.19
N VAL C 349 -14.99 -21.29 44.81
CA VAL C 349 -15.00 -22.26 43.72
C VAL C 349 -15.89 -21.74 42.61
N PRO C 350 -15.33 -21.28 41.50
CA PRO C 350 -16.15 -20.78 40.39
C PRO C 350 -16.63 -21.92 39.51
N GLY C 351 -17.38 -21.56 38.46
CA GLY C 351 -18.00 -22.53 37.60
C GLY C 351 -17.06 -23.12 36.57
N GLY C 352 -17.55 -24.14 35.87
CA GLY C 352 -16.78 -24.79 34.83
C GLY C 352 -17.55 -25.95 34.24
N PHE C 353 -16.97 -26.55 33.21
CA PHE C 353 -17.54 -27.70 32.53
C PHE C 353 -16.52 -28.82 32.47
N GLY C 354 -16.99 -30.05 32.59
CA GLY C 354 -16.14 -31.22 32.52
C GLY C 354 -15.92 -31.85 33.88
N TYR C 355 -15.33 -33.04 33.86
CA TYR C 355 -15.05 -33.78 35.08
C TYR C 355 -13.63 -33.61 35.57
N ARG C 356 -12.74 -33.09 34.73
CA ARG C 356 -11.34 -32.93 35.10
C ARG C 356 -11.22 -31.89 36.22
N GLY C 357 -10.73 -32.31 37.37
CA GLY C 357 -10.57 -31.44 38.51
C GLY C 357 -11.76 -31.36 39.44
N VAL C 358 -12.86 -32.04 39.13
CA VAL C 358 -14.04 -31.96 39.97
C VAL C 358 -13.78 -32.61 41.32
N GLU C 359 -13.00 -33.69 41.35
CA GLU C 359 -12.67 -34.34 42.61
C GLU C 359 -11.88 -33.41 43.52
N GLY C 360 -10.94 -32.65 42.94
CA GLY C 360 -10.23 -31.66 43.74
C GLY C 360 -11.15 -30.61 44.31
N MET C 361 -12.17 -30.20 43.54
CA MET C 361 -13.16 -29.25 44.04
C MET C 361 -13.96 -29.85 45.18
N ILE C 362 -14.30 -31.13 45.10
CA ILE C 362 -15.01 -31.80 46.19
C ILE C 362 -14.14 -31.85 47.44
N THR C 363 -12.85 -32.14 47.25
CA THR C 363 -11.91 -32.11 48.38
C THR C 363 -11.85 -30.71 49.00
N THR C 364 -11.82 -29.67 48.16
CA THR C 364 -11.74 -28.31 48.66
C THR C 364 -12.98 -27.92 49.43
N ALA C 365 -14.16 -28.29 48.92
CA ALA C 365 -15.40 -28.00 49.64
C ALA C 365 -15.43 -28.74 50.96
N ARG C 366 -14.98 -30.00 50.97
CA ARG C 366 -14.89 -30.75 52.22
C ARG C 366 -13.99 -30.04 53.22
N PHE C 367 -12.81 -29.61 52.78
CA PHE C 367 -11.87 -28.96 53.68
C PHE C 367 -12.44 -27.67 54.25
N ALA C 368 -13.04 -26.85 53.38
CA ALA C 368 -13.63 -25.60 53.86
C ALA C 368 -14.76 -25.85 54.84
N ARG C 369 -15.61 -26.84 54.56
CA ARG C 369 -16.75 -27.09 55.43
C ARG C 369 -16.32 -27.64 56.78
N GLU C 370 -15.29 -28.49 56.78
CA GLU C 370 -14.85 -29.09 58.02
C GLU C 370 -13.88 -28.23 58.80
N ASN C 371 -13.34 -27.17 58.20
CA ASN C 371 -12.41 -26.29 58.88
C ASN C 371 -12.99 -24.91 59.18
N ASN C 372 -14.27 -24.68 58.87
CA ASN C 372 -14.94 -23.42 59.15
C ASN C 372 -14.21 -22.25 58.46
N ILE C 373 -13.70 -22.50 57.27
CA ILE C 373 -13.12 -21.45 56.43
C ILE C 373 -14.23 -20.93 55.54
N PRO C 374 -14.39 -19.61 55.41
CA PRO C 374 -15.47 -19.08 54.58
C PRO C 374 -15.40 -19.59 53.15
N TYR C 375 -16.56 -19.92 52.60
CA TYR C 375 -16.67 -20.61 51.33
C TYR C 375 -17.74 -19.96 50.48
N LEU C 376 -17.43 -19.75 49.20
CA LEU C 376 -18.39 -19.27 48.23
C LEU C 376 -18.38 -20.21 47.03
N GLY C 377 -19.57 -20.65 46.63
CA GLY C 377 -19.68 -21.57 45.51
C GLY C 377 -20.58 -21.05 44.43
N ILE C 378 -20.11 -21.09 43.19
CA ILE C 378 -20.82 -20.50 42.06
C ILE C 378 -21.00 -21.57 40.99
N CYS C 379 -22.26 -21.88 40.67
CA CYS C 379 -22.62 -22.85 39.64
C CYS C 379 -22.02 -24.23 39.92
N LEU C 380 -20.86 -24.52 39.30
CA LEU C 380 -20.23 -25.81 39.52
C LEU C 380 -19.79 -25.98 40.97
N GLY C 381 -19.35 -24.89 41.60
CA GLY C 381 -18.99 -24.97 43.01
C GLY C 381 -20.16 -25.34 43.89
N MET C 382 -21.35 -24.83 43.58
CA MET C 382 -22.53 -25.23 44.34
C MET C 382 -22.80 -26.72 44.20
N GLN C 383 -22.65 -27.24 42.98
CA GLN C 383 -22.87 -28.67 42.76
C GLN C 383 -21.87 -29.50 43.53
N VAL C 384 -20.58 -29.13 43.49
CA VAL C 384 -19.59 -29.94 44.19
C VAL C 384 -19.79 -29.83 45.70
N ALA C 385 -20.23 -28.67 46.19
CA ALA C 385 -20.54 -28.55 47.62
C ALA C 385 -21.67 -29.48 48.02
N LEU C 386 -22.73 -29.53 47.21
CA LEU C 386 -23.84 -30.43 47.52
C LEU C 386 -23.40 -31.89 47.45
N ILE C 387 -22.57 -32.23 46.46
CA ILE C 387 -22.08 -33.60 46.34
C ILE C 387 -21.26 -33.98 47.57
N ASP C 388 -20.37 -33.09 48.00
CA ASP C 388 -19.57 -33.36 49.18
C ASP C 388 -20.43 -33.51 50.42
N TYR C 389 -21.43 -32.64 50.59
CA TYR C 389 -22.30 -32.72 51.76
C TYR C 389 -23.10 -34.01 51.76
N ALA C 390 -23.61 -34.42 50.60
CA ALA C 390 -24.39 -35.64 50.53
C ALA C 390 -23.52 -36.87 50.78
N ARG C 391 -22.29 -36.87 50.27
CA ARG C 391 -21.44 -38.04 50.38
C ARG C 391 -20.84 -38.17 51.77
N HIS C 392 -20.20 -37.12 52.27
CA HIS C 392 -19.40 -37.22 53.48
C HIS C 392 -20.13 -36.76 54.73
N VAL C 393 -21.40 -36.37 54.62
CA VAL C 393 -22.17 -35.99 55.81
C VAL C 393 -23.47 -36.79 55.84
N ALA C 394 -23.98 -37.15 54.66
CA ALA C 394 -25.21 -37.93 54.56
C ALA C 394 -24.98 -39.35 54.09
N ASN C 395 -23.72 -39.72 53.78
CA ASN C 395 -23.36 -41.09 53.46
C ASN C 395 -24.15 -41.63 52.26
N MET C 396 -23.96 -40.98 51.12
CA MET C 396 -24.62 -41.38 49.89
C MET C 396 -23.78 -42.31 49.04
N GLU C 397 -22.57 -42.65 49.48
CA GLU C 397 -21.75 -43.69 48.84
C GLU C 397 -21.50 -43.35 47.37
N ASN C 398 -20.68 -42.31 47.18
CA ASN C 398 -20.19 -41.88 45.87
C ASN C 398 -21.30 -41.29 45.00
N ALA C 399 -22.14 -40.46 45.59
CA ALA C 399 -23.12 -39.71 44.80
C ALA C 399 -22.42 -38.70 43.91
N ASN C 400 -22.94 -38.51 42.71
CA ASN C 400 -22.26 -37.64 41.76
C ASN C 400 -23.31 -36.96 40.89
N SER C 401 -22.86 -36.37 39.79
CA SER C 401 -23.73 -35.78 38.78
C SER C 401 -23.79 -36.70 37.57
N THR C 402 -24.99 -36.79 36.97
CA THR C 402 -25.13 -37.52 35.72
C THR C 402 -24.35 -36.88 34.59
N GLU C 403 -23.87 -35.65 34.77
CA GLU C 403 -22.96 -35.05 33.81
C GLU C 403 -21.68 -35.86 33.69
N PHE C 404 -21.13 -36.31 34.81
CA PHE C 404 -19.81 -36.95 34.82
C PHE C 404 -19.93 -38.46 34.68
N VAL C 405 -20.61 -39.11 35.61
CA VAL C 405 -20.91 -40.54 35.53
C VAL C 405 -22.40 -40.68 35.19
N PRO C 406 -22.73 -41.19 34.00
CA PRO C 406 -24.15 -41.27 33.63
C PRO C 406 -24.98 -42.13 34.57
N ASP C 407 -24.40 -43.17 35.16
CA ASP C 407 -25.11 -44.08 36.06
C ASP C 407 -24.28 -44.29 37.32
N CYS C 408 -24.70 -43.66 38.42
CA CYS C 408 -24.01 -43.80 39.69
C CYS C 408 -24.94 -44.23 40.83
N LYS C 409 -26.23 -44.45 40.55
CA LYS C 409 -27.26 -44.90 41.48
C LYS C 409 -27.69 -43.82 42.45
N TYR C 410 -27.01 -42.67 42.48
CA TYR C 410 -27.38 -41.56 43.36
C TYR C 410 -27.15 -40.25 42.63
N PRO C 411 -28.04 -39.88 41.70
CA PRO C 411 -27.88 -38.65 40.91
C PRO C 411 -28.37 -37.41 41.65
N VAL C 412 -27.50 -36.91 42.54
CA VAL C 412 -27.85 -35.70 43.27
C VAL C 412 -27.96 -34.52 42.33
N VAL C 413 -27.14 -34.48 41.28
CA VAL C 413 -27.21 -33.47 40.23
C VAL C 413 -27.54 -34.19 38.92
N ALA C 414 -28.58 -33.72 38.24
CA ALA C 414 -29.02 -34.36 37.02
C ALA C 414 -29.84 -33.37 36.21
N LEU C 415 -30.06 -33.72 34.94
CA LEU C 415 -31.01 -32.97 34.13
C LEU C 415 -32.41 -33.11 34.71
N ILE C 416 -33.24 -32.11 34.45
CA ILE C 416 -34.60 -32.12 34.99
C ILE C 416 -35.39 -33.30 34.46
N THR C 417 -35.00 -33.85 33.30
CA THR C 417 -35.64 -35.05 32.78
C THR C 417 -35.22 -36.28 33.58
N GLU C 418 -33.95 -36.33 33.98
CA GLU C 418 -33.36 -37.53 34.56
C GLU C 418 -33.65 -37.69 36.05
N TRP C 419 -34.65 -37.00 36.58
CA TRP C 419 -34.94 -37.06 38.01
C TRP C 419 -35.51 -38.43 38.37
N ARG C 420 -34.71 -39.22 39.08
CA ARG C 420 -35.13 -40.56 39.48
C ARG C 420 -35.15 -40.71 40.99
N THR C 438 -30.86 -28.72 26.90
CA THR C 438 -31.13 -27.29 26.88
C THR C 438 -30.52 -26.60 28.08
N MET C 439 -29.93 -25.44 27.85
CA MET C 439 -29.22 -24.69 28.87
C MET C 439 -30.06 -23.49 29.31
N ARG C 440 -30.17 -23.30 30.63
CA ARG C 440 -30.83 -22.11 31.15
C ARG C 440 -29.94 -20.90 30.94
N LEU C 441 -30.47 -19.88 30.28
CA LEU C 441 -29.73 -18.68 29.94
C LEU C 441 -30.55 -17.45 30.29
N GLY C 442 -29.88 -16.44 30.82
CA GLY C 442 -30.51 -15.15 31.05
C GLY C 442 -30.83 -14.93 32.50
N ALA C 443 -31.50 -13.80 32.75
CA ALA C 443 -31.92 -13.41 34.08
C ALA C 443 -33.22 -14.08 34.46
N GLN C 444 -33.26 -14.69 35.64
CA GLN C 444 -34.45 -15.31 36.19
C GLN C 444 -34.70 -14.75 37.58
N GLN C 445 -35.95 -14.84 38.02
CA GLN C 445 -36.31 -14.39 39.35
C GLN C 445 -36.23 -15.54 40.35
N CYS C 446 -35.80 -15.22 41.57
CA CYS C 446 -35.62 -16.20 42.63
C CYS C 446 -36.21 -15.66 43.92
N GLN C 447 -36.74 -16.57 44.74
CA GLN C 447 -37.38 -16.22 46.00
C GLN C 447 -36.48 -16.62 47.16
N LEU C 448 -36.24 -15.67 48.07
CA LEU C 448 -35.34 -15.89 49.21
C LEU C 448 -36.14 -16.27 50.44
N VAL C 449 -35.63 -17.25 51.18
CA VAL C 449 -36.24 -17.69 52.42
C VAL C 449 -35.88 -16.71 53.53
N ASP C 450 -36.84 -16.45 54.43
CA ASP C 450 -36.73 -15.35 55.38
C ASP C 450 -35.72 -15.62 56.49
N ASP C 451 -35.38 -16.88 56.75
CA ASP C 451 -34.54 -17.22 57.89
C ASP C 451 -33.08 -17.40 57.52
N SER C 452 -32.69 -17.10 56.28
CA SER C 452 -31.37 -17.45 55.78
C SER C 452 -30.46 -16.23 55.73
N LEU C 453 -29.18 -16.50 55.48
CA LEU C 453 -28.18 -15.45 55.41
C LEU C 453 -28.42 -14.53 54.21
N VAL C 454 -28.76 -15.11 53.07
CA VAL C 454 -28.88 -14.33 51.84
C VAL C 454 -30.03 -13.33 51.93
N ARG C 455 -31.04 -13.63 52.75
CA ARG C 455 -32.13 -12.68 52.92
C ARG C 455 -31.63 -11.40 53.58
N GLN C 456 -30.83 -11.53 54.64
CA GLN C 456 -30.26 -10.35 55.27
C GLN C 456 -29.17 -9.72 54.43
N LEU C 457 -28.54 -10.48 53.53
CA LEU C 457 -27.55 -9.89 52.66
C LEU C 457 -28.20 -9.02 51.58
N TYR C 458 -29.12 -9.60 50.81
CA TYR C 458 -29.79 -8.85 49.76
C TYR C 458 -30.75 -7.82 50.33
N ASN C 459 -31.36 -8.11 51.48
CA ASN C 459 -32.36 -7.23 52.09
C ASN C 459 -33.52 -6.97 51.11
N ALA C 460 -34.04 -8.06 50.54
CA ALA C 460 -35.15 -7.98 49.61
C ALA C 460 -35.85 -9.34 49.59
N PRO C 461 -37.17 -9.38 49.40
CA PRO C 461 -37.84 -10.68 49.32
C PRO C 461 -37.39 -11.52 48.14
N THR C 462 -37.05 -10.90 47.01
CA THR C 462 -36.70 -11.62 45.81
C THR C 462 -35.55 -10.93 45.09
N ILE C 463 -34.81 -11.71 44.30
CA ILE C 463 -33.65 -11.23 43.57
C ILE C 463 -33.73 -11.73 42.13
N VAL C 464 -32.95 -11.10 41.26
CA VAL C 464 -32.87 -11.47 39.85
C VAL C 464 -31.40 -11.64 39.48
N GLU C 465 -31.06 -12.82 38.93
CA GLU C 465 -29.68 -13.13 38.58
C GLU C 465 -29.67 -13.93 37.28
N ARG C 466 -28.48 -14.19 36.76
CA ARG C 466 -28.30 -14.78 35.44
C ARG C 466 -27.72 -16.19 35.53
N HIS C 467 -28.18 -17.07 34.63
CA HIS C 467 -27.85 -18.48 34.64
C HIS C 467 -27.16 -18.88 33.34
N ARG C 468 -26.21 -19.82 33.43
CA ARG C 468 -25.60 -20.43 32.27
C ARG C 468 -25.34 -21.92 32.51
N HIS C 469 -26.32 -22.64 33.03
CA HIS C 469 -26.11 -24.02 33.40
C HIS C 469 -27.12 -24.94 32.71
N ARG C 470 -26.81 -26.23 32.72
CA ARG C 470 -27.71 -27.26 32.22
C ARG C 470 -28.26 -28.15 33.32
N TYR C 471 -27.38 -28.72 34.15
CA TYR C 471 -27.80 -29.66 35.17
C TYR C 471 -28.30 -28.94 36.41
N GLU C 472 -29.33 -29.50 37.03
CA GLU C 472 -29.97 -28.92 38.21
C GLU C 472 -29.83 -29.87 39.40
N VAL C 473 -30.38 -29.45 40.53
CA VAL C 473 -30.37 -30.27 41.74
C VAL C 473 -31.62 -31.14 41.75
N ASN C 474 -31.43 -32.43 41.99
CA ASN C 474 -32.53 -33.39 41.98
C ASN C 474 -33.45 -33.14 43.17
N ASN C 475 -34.72 -32.84 42.89
CA ASN C 475 -35.67 -32.61 43.97
C ASN C 475 -36.08 -33.91 44.66
N MET C 476 -36.03 -35.03 43.93
CA MET C 476 -36.41 -36.30 44.54
C MET C 476 -35.48 -36.66 45.70
N LEU C 477 -34.18 -36.45 45.53
CA LEU C 477 -33.20 -36.73 46.56
C LEU C 477 -32.95 -35.54 47.48
N LEU C 478 -33.67 -34.43 47.29
CA LEU C 478 -33.39 -33.23 48.06
C LEU C 478 -33.88 -33.33 49.49
N LYS C 479 -35.00 -34.04 49.71
CA LYS C 479 -35.58 -34.09 51.05
C LYS C 479 -34.64 -34.76 52.04
N GLN C 480 -33.95 -35.83 51.62
CA GLN C 480 -33.01 -36.50 52.51
C GLN C 480 -31.86 -35.59 52.90
N ILE C 481 -31.30 -34.86 51.93
CA ILE C 481 -30.18 -33.97 52.23
C ILE C 481 -30.64 -32.81 53.11
N GLU C 482 -31.87 -32.33 52.89
CA GLU C 482 -32.42 -31.29 53.76
C GLU C 482 -32.57 -31.81 55.19
N ASP C 483 -33.04 -33.05 55.35
CA ASP C 483 -33.12 -33.66 56.67
C ASP C 483 -31.74 -33.79 57.30
N ALA C 484 -30.72 -34.08 56.49
CA ALA C 484 -29.37 -34.21 57.00
C ALA C 484 -28.84 -32.90 57.58
N GLY C 485 -29.40 -31.76 57.20
CA GLY C 485 -29.02 -30.49 57.80
C GLY C 485 -28.89 -29.35 56.82
N LEU C 486 -28.63 -29.66 55.55
CA LEU C 486 -28.47 -28.61 54.55
C LEU C 486 -29.78 -27.88 54.32
N ARG C 487 -29.72 -26.55 54.32
CA ARG C 487 -30.88 -25.72 54.08
C ARG C 487 -30.86 -25.18 52.66
N VAL C 488 -32.06 -24.88 52.14
CA VAL C 488 -32.24 -24.28 50.83
C VAL C 488 -32.67 -22.84 51.01
N ALA C 489 -31.94 -21.92 50.38
CA ALA C 489 -32.16 -20.50 50.58
C ALA C 489 -32.87 -19.80 49.44
N GLY C 490 -33.00 -20.45 48.29
CA GLY C 490 -33.66 -19.83 47.16
C GLY C 490 -34.23 -20.89 46.23
N ARG C 491 -35.30 -20.53 45.55
CA ARG C 491 -35.97 -21.44 44.63
C ARG C 491 -36.47 -20.67 43.42
N SER C 492 -36.76 -21.41 42.36
CA SER C 492 -37.22 -20.83 41.11
C SER C 492 -38.69 -20.42 41.23
N GLY C 493 -39.33 -20.15 40.11
CA GLY C 493 -40.69 -19.68 40.12
C GLY C 493 -41.75 -20.73 39.88
N ASP C 494 -41.48 -21.67 38.96
CA ASP C 494 -42.49 -22.63 38.54
C ASP C 494 -42.25 -24.02 39.11
N ASP C 495 -41.06 -24.57 38.92
CA ASP C 495 -40.75 -25.93 39.37
C ASP C 495 -40.01 -25.95 40.70
N GLN C 496 -39.84 -24.79 41.33
CA GLN C 496 -39.15 -24.69 42.62
C GLN C 496 -37.77 -25.34 42.55
N LEU C 497 -37.06 -25.07 41.47
CA LEU C 497 -35.68 -25.52 41.35
C LEU C 497 -34.81 -24.83 42.40
N VAL C 498 -33.91 -25.59 43.01
CA VAL C 498 -33.05 -25.04 44.05
C VAL C 498 -32.01 -24.12 43.42
N GLU C 499 -31.90 -22.91 43.95
CA GLU C 499 -30.94 -21.93 43.47
C GLU C 499 -29.85 -21.61 44.49
N ILE C 500 -30.19 -21.52 45.77
CA ILE C 500 -29.23 -21.17 46.81
C ILE C 500 -29.33 -22.20 47.93
N ILE C 501 -28.16 -22.65 48.42
CA ILE C 501 -28.08 -23.52 49.58
C ILE C 501 -27.15 -22.88 50.59
N GLU C 502 -27.20 -23.41 51.82
CA GLU C 502 -26.41 -22.86 52.91
C GLU C 502 -26.18 -23.95 53.94
N VAL C 503 -25.00 -23.92 54.56
CA VAL C 503 -24.67 -24.77 55.70
C VAL C 503 -24.96 -23.97 56.97
N PRO C 504 -25.82 -24.47 57.87
CA PRO C 504 -26.16 -23.66 59.06
C PRO C 504 -25.03 -23.58 60.07
N ASN C 505 -24.37 -24.69 60.36
CA ASN C 505 -23.32 -24.73 61.39
C ASN C 505 -21.97 -24.30 60.84
N HIS C 506 -21.94 -23.12 60.21
CA HIS C 506 -20.75 -22.58 59.58
C HIS C 506 -20.76 -21.07 59.74
N PRO C 507 -19.60 -20.45 59.92
CA PRO C 507 -19.57 -18.98 59.95
C PRO C 507 -20.08 -18.34 58.66
N TRP C 508 -19.69 -18.86 57.50
CA TRP C 508 -20.17 -18.33 56.23
C TRP C 508 -19.98 -19.41 55.17
N PHE C 509 -21.08 -19.97 54.67
CA PHE C 509 -21.02 -21.06 53.68
C PHE C 509 -22.24 -20.92 52.78
N VAL C 510 -22.04 -20.23 51.65
CA VAL C 510 -23.11 -19.93 50.72
C VAL C 510 -22.71 -20.46 49.34
N ALA C 511 -23.63 -21.15 48.69
CA ALA C 511 -23.45 -21.62 47.32
C ALA C 511 -24.68 -21.24 46.51
N CYS C 512 -24.45 -20.82 45.27
CA CYS C 512 -25.50 -20.33 44.41
C CYS C 512 -25.40 -21.01 43.04
N GLN C 513 -26.56 -21.20 42.42
CA GLN C 513 -26.62 -21.82 41.09
C GLN C 513 -26.37 -20.82 39.97
N PHE C 514 -26.58 -19.53 40.21
CA PHE C 514 -26.47 -18.51 39.18
C PHE C 514 -25.08 -17.87 39.20
N HIS C 515 -24.91 -16.80 38.43
CA HIS C 515 -23.64 -16.07 38.35
C HIS C 515 -23.80 -14.68 38.91
N PRO C 516 -23.36 -14.42 40.15
CA PRO C 516 -23.47 -13.07 40.70
C PRO C 516 -22.38 -12.13 40.21
N GLU C 517 -21.32 -12.63 39.59
CA GLU C 517 -20.23 -11.76 39.15
C GLU C 517 -20.60 -10.97 37.90
N PHE C 518 -21.67 -11.33 37.20
CA PHE C 518 -22.12 -10.59 36.04
C PHE C 518 -22.98 -9.39 36.39
N THR C 519 -23.02 -8.99 37.67
CA THR C 519 -23.81 -7.84 38.07
C THR C 519 -23.11 -6.94 39.08
N SER C 520 -21.83 -7.18 39.39
CA SER C 520 -21.11 -6.34 40.33
C SER C 520 -20.43 -5.19 39.60
N THR C 521 -20.52 -4.00 40.17
CA THR C 521 -19.90 -2.82 39.60
C THR C 521 -19.10 -2.08 40.66
N PRO C 522 -18.01 -1.43 40.26
CA PRO C 522 -17.17 -0.73 41.26
C PRO C 522 -17.89 0.42 41.96
N ARG C 523 -18.97 0.93 41.39
CA ARG C 523 -19.70 2.03 42.01
C ARG C 523 -20.86 1.57 42.87
N ASP C 524 -21.35 0.35 42.68
CA ASP C 524 -22.44 -0.19 43.46
C ASP C 524 -22.08 -1.45 44.23
N GLY C 525 -21.20 -2.28 43.70
CA GLY C 525 -20.81 -3.50 44.39
C GLY C 525 -21.83 -4.61 44.22
N HIS C 526 -21.81 -5.52 45.18
CA HIS C 526 -22.70 -6.66 45.21
C HIS C 526 -22.78 -7.19 46.63
N PRO C 527 -23.99 -7.39 47.17
CA PRO C 527 -24.10 -7.81 48.58
C PRO C 527 -23.42 -9.13 48.89
N LEU C 528 -23.48 -10.08 47.96
CA LEU C 528 -22.95 -11.42 48.23
C LEU C 528 -21.43 -11.39 48.39
N PHE C 529 -20.74 -10.73 47.46
CA PHE C 529 -19.28 -10.67 47.55
C PHE C 529 -18.81 -9.77 48.68
N ALA C 530 -19.57 -8.72 48.99
CA ALA C 530 -19.22 -7.90 50.14
C ALA C 530 -19.30 -8.70 51.43
N GLY C 531 -20.37 -9.49 51.59
CA GLY C 531 -20.47 -10.33 52.77
C GLY C 531 -19.40 -11.40 52.81
N PHE C 532 -19.07 -11.98 51.66
CA PHE C 532 -18.02 -12.98 51.60
C PHE C 532 -16.67 -12.40 52.03
N VAL C 533 -16.32 -11.21 51.54
CA VAL C 533 -15.05 -10.60 51.90
C VAL C 533 -15.05 -10.17 53.37
N LYS C 534 -16.19 -9.70 53.87
CA LYS C 534 -16.27 -9.36 55.29
C LYS C 534 -16.07 -10.59 56.16
N ALA C 535 -16.65 -11.72 55.76
CA ALA C 535 -16.44 -12.97 56.47
C ALA C 535 -14.97 -13.37 56.45
N ALA C 536 -14.31 -13.19 55.31
CA ALA C 536 -12.89 -13.49 55.24
C ALA C 536 -12.09 -12.63 56.22
N SER C 537 -12.42 -11.34 56.28
CA SER C 537 -11.72 -10.45 57.21
C SER C 537 -11.94 -10.89 58.66
N GLU C 538 -13.18 -11.23 59.01
CA GLU C 538 -13.47 -11.67 60.36
C GLU C 538 -12.75 -12.96 60.70
N PHE C 539 -12.68 -13.88 59.73
CA PHE C 539 -11.96 -15.13 59.95
C PHE C 539 -10.47 -14.88 60.19
N GLN C 540 -9.87 -13.98 59.42
CA GLN C 540 -8.45 -13.68 59.64
C GLN C 540 -8.24 -13.03 61.00
N LYS C 541 -9.12 -12.11 61.39
CA LYS C 541 -9.00 -11.51 62.72
C LYS C 541 -9.11 -12.55 63.82
N ARG C 542 -10.04 -13.49 63.67
CA ARG C 542 -10.12 -14.59 64.63
C ARG C 542 -8.86 -15.46 64.57
N GLN C 543 -8.40 -15.80 63.37
CA GLN C 543 -7.22 -16.64 63.19
C GLN C 543 -6.00 -15.73 63.05
N ALA C 544 -5.52 -15.25 64.20
CA ALA C 544 -4.42 -14.30 64.23
C ALA C 544 -3.20 -14.93 64.91
N THR D 2 33.91 -13.93 -8.28
CA THR D 2 32.76 -13.06 -8.45
C THR D 2 32.34 -12.46 -7.12
N THR D 3 31.73 -11.27 -7.17
CA THR D 3 31.42 -10.51 -5.96
C THR D 3 29.97 -10.77 -5.55
N ASN D 4 29.77 -11.08 -4.28
CA ASN D 4 28.46 -11.27 -3.69
C ASN D 4 28.06 -10.04 -2.89
N TYR D 5 26.77 -9.74 -2.88
CA TYR D 5 26.24 -8.55 -2.25
C TYR D 5 25.18 -8.93 -1.23
N ILE D 6 25.27 -8.36 -0.04
CA ILE D 6 24.24 -8.44 0.98
C ILE D 6 23.75 -7.02 1.26
N PHE D 7 22.45 -6.81 1.14
CA PHE D 7 21.82 -5.51 1.36
C PHE D 7 21.05 -5.55 2.67
N VAL D 8 21.38 -4.64 3.58
CA VAL D 8 20.85 -4.62 4.93
C VAL D 8 19.94 -3.41 5.09
N THR D 9 18.69 -3.66 5.46
CA THR D 9 17.69 -2.62 5.62
C THR D 9 17.01 -2.77 6.98
N GLY D 10 16.29 -1.73 7.39
CA GLY D 10 15.60 -1.73 8.66
C GLY D 10 14.15 -1.32 8.54
N GLY D 11 13.34 -1.81 9.47
CA GLY D 11 11.92 -1.55 9.44
C GLY D 11 11.38 -1.26 10.84
N VAL D 12 10.11 -0.85 10.87
CA VAL D 12 9.35 -0.49 12.06
C VAL D 12 9.88 0.82 12.64
N VAL D 13 11.05 0.77 13.26
CA VAL D 13 11.66 1.96 13.85
C VAL D 13 13.14 1.98 13.46
N SER D 14 13.73 3.16 13.53
CA SER D 14 15.17 3.31 13.39
C SER D 14 15.82 3.06 14.74
N SER D 15 17.13 3.31 14.83
CA SER D 15 17.90 3.12 16.06
C SER D 15 17.86 1.67 16.54
N LEU D 16 17.71 0.72 15.62
CA LEU D 16 17.75 -0.68 15.96
C LEU D 16 19.17 -1.20 16.16
N GLY D 17 20.18 -0.50 15.67
CA GLY D 17 21.55 -0.98 15.76
C GLY D 17 21.97 -1.69 14.50
N LYS D 18 21.67 -1.09 13.35
CA LYS D 18 21.94 -1.74 12.06
C LYS D 18 23.43 -1.86 11.79
N GLY D 19 24.18 -0.78 12.07
CA GLY D 19 25.61 -0.81 11.80
C GLY D 19 26.33 -1.85 12.64
N ILE D 20 25.94 -2.01 13.90
CA ILE D 20 26.56 -3.01 14.76
C ILE D 20 26.30 -4.41 14.21
N ALA D 21 25.07 -4.68 13.79
CA ALA D 21 24.75 -6.01 13.27
C ALA D 21 25.50 -6.30 11.97
N ALA D 22 25.58 -5.31 11.08
CA ALA D 22 26.34 -5.49 9.85
C ALA D 22 27.82 -5.72 10.13
N ALA D 23 28.37 -4.97 11.10
CA ALA D 23 29.76 -5.15 11.47
C ALA D 23 30.01 -6.53 12.06
N SER D 24 29.09 -7.01 12.88
CA SER D 24 29.24 -8.35 13.46
C SER D 24 29.19 -9.43 12.39
N LEU D 25 28.26 -9.30 11.44
CA LEU D 25 28.18 -10.29 10.37
C LEU D 25 29.44 -10.27 9.52
N ALA D 26 29.95 -9.07 9.21
CA ALA D 26 31.21 -8.96 8.48
C ALA D 26 32.36 -9.56 9.27
N ALA D 27 32.36 -9.38 10.60
CA ALA D 27 33.39 -10.00 11.43
C ALA D 27 33.34 -11.52 11.34
N ILE D 28 32.13 -12.09 11.37
CA ILE D 28 32.00 -13.53 11.24
C ILE D 28 32.53 -14.01 9.90
N LEU D 29 32.17 -13.30 8.83
CA LEU D 29 32.62 -13.70 7.50
C LEU D 29 34.14 -13.55 7.35
N GLU D 30 34.71 -12.51 7.95
CA GLU D 30 36.16 -12.32 7.92
C GLU D 30 36.88 -13.40 8.72
N ALA D 31 36.25 -13.89 9.80
CA ALA D 31 36.80 -14.99 10.56
C ALA D 31 36.84 -16.29 9.79
N ARG D 32 36.12 -16.40 8.68
CA ARG D 32 36.14 -17.58 7.85
C ARG D 32 37.10 -17.45 6.67
N GLY D 33 37.92 -16.41 6.65
CA GLY D 33 38.91 -16.23 5.60
C GLY D 33 38.44 -15.48 4.38
N LEU D 34 37.28 -14.85 4.42
CA LEU D 34 36.75 -14.15 3.27
C LEU D 34 37.21 -12.69 3.25
N ASN D 35 37.20 -12.12 2.05
CA ASN D 35 37.57 -10.72 1.83
C ASN D 35 36.29 -9.90 1.76
N VAL D 36 35.94 -9.23 2.85
CA VAL D 36 34.67 -8.53 2.96
C VAL D 36 34.91 -7.04 3.07
N THR D 37 33.88 -6.27 2.74
CA THR D 37 33.88 -4.83 2.97
C THR D 37 32.46 -4.39 3.27
N ILE D 38 32.33 -3.20 3.85
CA ILE D 38 31.05 -2.62 4.21
C ILE D 38 30.96 -1.22 3.64
N MET D 39 29.77 -0.84 3.18
CA MET D 39 29.51 0.53 2.73
C MET D 39 28.18 1.03 3.28
N LYS D 40 28.14 2.32 3.57
CA LYS D 40 26.99 2.95 4.21
C LYS D 40 26.35 3.96 3.26
N LEU D 41 25.03 3.92 3.15
CA LEU D 41 24.27 4.83 2.31
C LEU D 41 23.37 5.69 3.20
N ASP D 42 23.61 6.99 3.19
CA ASP D 42 22.88 7.95 4.03
C ASP D 42 21.87 8.72 3.20
N PRO D 43 20.63 8.86 3.66
CA PRO D 43 19.62 9.61 2.92
C PRO D 43 19.60 11.09 3.29
N TYR D 44 20.78 11.69 3.36
CA TYR D 44 20.93 13.08 3.78
C TYR D 44 21.19 13.97 2.57
N ILE D 45 20.74 15.22 2.66
CA ILE D 45 21.03 16.18 1.60
C ILE D 45 22.42 16.79 1.77
N ASN D 46 22.99 16.72 2.97
CA ASN D 46 24.36 17.16 3.17
C ASN D 46 25.31 16.38 2.28
N VAL D 47 26.20 17.09 1.60
CA VAL D 47 27.14 16.43 0.71
C VAL D 47 28.16 15.62 1.51
N ASP D 48 28.59 16.14 2.65
CA ASP D 48 29.51 15.45 3.55
C ASP D 48 29.27 15.93 4.96
N PRO D 49 29.61 15.13 5.98
CA PRO D 49 29.27 15.51 7.37
C PRO D 49 30.16 16.58 7.96
N GLY D 50 31.08 17.14 7.17
CA GLY D 50 31.93 18.20 7.69
C GLY D 50 31.14 19.43 8.11
N THR D 51 30.05 19.71 7.41
CA THR D 51 29.21 20.84 7.79
C THR D 51 28.37 20.51 9.03
N MET D 52 28.05 19.24 9.24
CA MET D 52 27.19 18.86 10.35
C MET D 52 27.90 19.08 11.68
N SER D 53 27.12 19.39 12.70
CA SER D 53 27.63 19.69 14.03
C SER D 53 27.61 18.43 14.90
N PRO D 54 28.49 18.34 15.90
CA PRO D 54 28.59 17.11 16.70
C PRO D 54 27.33 16.78 17.48
N ILE D 55 26.48 17.76 17.78
CA ILE D 55 25.33 17.55 18.67
C ILE D 55 24.08 17.20 17.89
N GLN D 56 24.25 16.77 16.63
CA GLN D 56 23.15 16.30 15.82
C GLN D 56 23.26 14.81 15.50
N HIS D 57 24.39 14.37 14.93
CA HIS D 57 24.58 12.97 14.62
C HIS D 57 25.71 12.32 15.38
N GLY D 58 26.70 13.07 15.83
CA GLY D 58 27.79 12.51 16.60
C GLY D 58 29.12 12.89 16.00
N GLU D 59 30.15 12.17 16.41
CA GLU D 59 31.51 12.48 16.00
C GLU D 59 31.72 12.21 14.52
N VAL D 60 32.62 12.98 13.92
CA VAL D 60 32.97 12.83 12.52
C VAL D 60 34.17 11.90 12.42
N PHE D 61 34.05 10.86 11.60
CA PHE D 61 35.11 9.88 11.42
C PHE D 61 36.01 10.29 10.27
N VAL D 62 37.32 10.12 10.45
CA VAL D 62 38.31 10.51 9.46
C VAL D 62 38.99 9.24 8.96
N THR D 63 38.96 9.03 7.64
CA THR D 63 39.57 7.87 7.05
C THR D 63 41.05 8.14 6.79
N GLU D 64 41.75 7.13 6.28
CA GLU D 64 43.18 7.27 6.00
C GLU D 64 43.42 8.31 4.92
N ASP D 65 42.55 8.39 3.93
CA ASP D 65 42.72 9.26 2.78
C ASP D 65 42.13 10.65 2.98
N GLY D 66 41.53 10.92 4.13
CA GLY D 66 41.04 12.25 4.43
C GLY D 66 39.55 12.46 4.27
N ALA D 67 38.79 11.41 3.99
CA ALA D 67 37.35 11.57 3.89
C ALA D 67 36.74 11.75 5.28
N GLU D 68 35.67 12.53 5.33
CA GLU D 68 34.86 12.69 6.53
C GLU D 68 33.58 11.89 6.36
N THR D 69 33.27 11.05 7.34
CA THR D 69 32.21 10.05 7.20
C THR D 69 31.40 10.02 8.48
N ASP D 70 30.64 8.94 8.66
CA ASP D 70 29.78 8.74 9.81
C ASP D 70 30.44 7.83 10.85
N LEU D 71 29.79 7.76 12.02
CA LEU D 71 30.24 6.89 13.10
C LEU D 71 30.18 5.41 12.71
N ASP D 72 29.33 5.07 11.74
CA ASP D 72 29.22 3.69 11.29
C ASP D 72 30.54 3.18 10.75
N LEU D 73 31.28 4.02 10.03
CA LEU D 73 32.57 3.60 9.52
C LEU D 73 33.56 3.37 10.65
N GLY D 74 33.44 4.13 11.75
CA GLY D 74 34.21 3.82 12.94
C GLY D 74 33.88 2.46 13.51
N HIS D 75 32.59 2.14 13.58
CA HIS D 75 32.17 0.79 13.99
C HIS D 75 32.82 -0.27 13.09
N TYR D 76 32.73 -0.07 11.77
CA TYR D 76 33.24 -1.07 10.84
C TYR D 76 34.74 -1.26 10.99
N GLU D 77 35.49 -0.16 11.10
CA GLU D 77 36.93 -0.29 11.29
C GLU D 77 37.27 -0.93 12.62
N ARG D 78 36.41 -0.77 13.63
CA ARG D 78 36.63 -1.48 14.88
C ARG D 78 36.35 -2.96 14.76
N PHE D 79 35.50 -3.36 13.82
CA PHE D 79 35.08 -4.76 13.73
C PHE D 79 35.84 -5.58 12.70
N ILE D 80 36.22 -4.99 11.56
CA ILE D 80 36.94 -5.71 10.53
C ILE D 80 38.27 -5.01 10.29
N ARG D 81 39.12 -5.67 9.51
CA ARG D 81 40.47 -5.18 9.23
C ARG D 81 40.62 -4.73 7.79
N THR D 82 39.58 -4.06 7.28
CA THR D 82 39.58 -3.45 5.95
C THR D 82 39.52 -1.94 6.15
N LYS D 83 40.46 -1.22 5.56
CA LYS D 83 40.51 0.22 5.75
C LYS D 83 39.45 0.90 4.89
N MET D 84 38.66 1.78 5.51
CA MET D 84 37.62 2.49 4.81
C MET D 84 38.20 3.64 4.00
N SER D 85 37.36 4.22 3.14
CA SER D 85 37.77 5.33 2.30
C SER D 85 36.52 6.11 1.93
N ARG D 86 36.66 7.03 0.97
CA ARG D 86 35.51 7.75 0.45
C ARG D 86 34.53 6.84 -0.27
N ARG D 87 35.00 5.71 -0.79
CA ARG D 87 34.12 4.79 -1.51
C ARG D 87 33.18 4.01 -0.61
N ASN D 88 33.35 4.08 0.70
CA ASN D 88 32.55 3.28 1.62
C ASN D 88 31.39 4.06 2.24
N ASN D 89 31.15 5.28 1.80
CA ASN D 89 30.09 6.10 2.38
C ASN D 89 29.76 7.23 1.42
N PHE D 90 28.47 7.40 1.13
CA PHE D 90 28.01 8.55 0.38
C PHE D 90 26.55 8.80 0.71
N THR D 91 26.09 10.00 0.37
CA THR D 91 24.76 10.46 0.73
C THR D 91 23.93 10.73 -0.53
N THR D 92 22.66 11.01 -0.30
CA THR D 92 21.77 11.44 -1.38
C THR D 92 22.25 12.75 -1.99
N GLY D 93 22.68 13.68 -1.14
CA GLY D 93 23.16 14.96 -1.63
C GLY D 93 24.35 14.83 -2.56
N ARG D 94 25.24 13.89 -2.28
CA ARG D 94 26.38 13.67 -3.16
C ARG D 94 25.94 13.21 -4.54
N ILE D 95 25.00 12.26 -4.60
CA ILE D 95 24.50 11.75 -5.87
C ILE D 95 23.83 12.86 -6.66
N TYR D 96 22.98 13.64 -5.99
CA TYR D 96 22.29 14.72 -6.67
C TYR D 96 23.25 15.79 -7.15
N SER D 97 24.28 16.11 -6.37
CA SER D 97 25.27 17.07 -6.80
C SER D 97 26.01 16.59 -8.05
N ASP D 98 26.39 15.31 -8.06
CA ASP D 98 27.10 14.77 -9.22
C ASP D 98 26.23 14.85 -10.47
N VAL D 99 24.98 14.44 -10.35
CA VAL D 99 24.10 14.44 -11.52
C VAL D 99 23.81 15.86 -11.99
N LEU D 100 23.60 16.80 -11.05
CA LEU D 100 23.36 18.19 -11.44
C LEU D 100 24.57 18.77 -12.15
N ARG D 101 25.78 18.47 -11.64
CA ARG D 101 27.00 18.94 -12.30
C ARG D 101 27.09 18.41 -13.73
N LYS D 102 26.85 17.10 -13.91
CA LYS D 102 26.92 16.54 -15.24
C LYS D 102 25.87 17.14 -16.17
N GLU D 103 24.66 17.35 -15.67
CA GLU D 103 23.60 17.89 -16.51
C GLU D 103 23.89 19.33 -16.93
N ARG D 104 24.40 20.14 -16.01
CA ARG D 104 24.80 21.50 -16.38
C ARG D 104 25.95 21.47 -17.38
N ARG D 105 26.91 20.57 -17.18
CA ARG D 105 28.02 20.44 -18.11
C ARG D 105 27.59 19.94 -19.48
N GLY D 106 26.43 19.29 -19.58
CA GLY D 106 25.94 18.79 -20.83
C GLY D 106 26.27 17.35 -21.16
N ASP D 107 26.62 16.53 -20.16
CA ASP D 107 27.01 15.16 -20.41
C ASP D 107 25.84 14.28 -20.85
N TYR D 108 24.61 14.71 -20.60
CA TYR D 108 23.46 13.88 -20.92
C TYR D 108 22.87 14.17 -22.29
N LEU D 109 23.52 15.04 -23.07
CA LEU D 109 23.21 15.22 -24.48
C LEU D 109 21.76 15.65 -24.71
N GLY D 110 21.27 16.55 -23.87
CA GLY D 110 19.94 17.10 -24.09
C GLY D 110 18.80 16.19 -23.74
N ALA D 111 19.06 15.03 -23.13
CA ALA D 111 18.00 14.17 -22.67
C ALA D 111 17.41 14.71 -21.36
N THR D 112 16.21 14.25 -21.05
CA THR D 112 15.58 14.59 -19.78
C THR D 112 16.18 13.73 -18.68
N VAL D 113 16.67 14.37 -17.63
CA VAL D 113 17.29 13.67 -16.52
C VAL D 113 16.20 13.34 -15.51
N GLN D 114 15.93 12.05 -15.35
CA GLN D 114 14.87 11.56 -14.51
C GLN D 114 15.46 10.83 -13.31
N VAL D 115 14.60 10.52 -12.34
CA VAL D 115 15.08 9.85 -11.14
C VAL D 115 15.42 8.39 -11.43
N ILE D 116 14.44 7.63 -11.94
CA ILE D 116 14.61 6.18 -12.03
C ILE D 116 15.77 5.79 -12.94
N PRO D 117 15.88 6.27 -14.17
CA PRO D 117 17.11 5.96 -14.91
C PRO D 117 18.35 6.58 -14.28
N HIS D 118 18.40 7.91 -14.13
CA HIS D 118 19.69 8.55 -13.96
C HIS D 118 20.17 8.54 -12.51
N ILE D 119 19.29 8.87 -11.57
CA ILE D 119 19.70 8.85 -10.16
C ILE D 119 20.08 7.44 -9.74
N THR D 120 19.26 6.46 -10.11
CA THR D 120 19.54 5.09 -9.71
C THR D 120 20.74 4.53 -10.45
N ASN D 121 21.01 5.00 -11.68
CA ASN D 121 22.24 4.61 -12.36
C ASN D 121 23.46 5.14 -11.62
N ALA D 122 23.40 6.39 -11.15
CA ALA D 122 24.52 6.93 -10.37
C ALA D 122 24.72 6.13 -9.08
N ILE D 123 23.63 5.78 -8.41
CA ILE D 123 23.74 5.00 -7.18
C ILE D 123 24.35 3.63 -7.46
N LYS D 124 23.90 2.95 -8.51
CA LYS D 124 24.42 1.64 -8.84
C LYS D 124 25.90 1.71 -9.19
N GLU D 125 26.30 2.73 -9.94
CA GLU D 125 27.70 2.90 -10.31
C GLU D 125 28.57 3.06 -9.07
N ARG D 126 28.12 3.89 -8.12
CA ARG D 126 28.90 4.05 -6.90
C ARG D 126 28.98 2.76 -6.10
N VAL D 127 27.87 2.02 -6.00
CA VAL D 127 27.89 0.78 -5.23
C VAL D 127 28.84 -0.23 -5.86
N LEU D 128 28.78 -0.37 -7.19
CA LEU D 128 29.68 -1.31 -7.86
C LEU D 128 31.14 -0.90 -7.71
N GLU D 129 31.44 0.39 -7.82
CA GLU D 129 32.82 0.81 -7.66
C GLU D 129 33.32 0.62 -6.23
N GLY D 130 32.43 0.76 -5.24
CA GLY D 130 32.82 0.47 -3.87
C GLY D 130 33.06 -1.00 -3.63
N GLY D 131 32.22 -1.86 -4.19
CA GLY D 131 32.35 -3.28 -3.92
C GLY D 131 33.33 -4.06 -4.76
N GLU D 132 33.96 -3.42 -5.75
CA GLU D 132 34.81 -4.15 -6.68
C GLU D 132 36.04 -4.71 -5.98
N GLY D 133 36.33 -5.99 -6.23
CA GLY D 133 37.52 -6.62 -5.73
C GLY D 133 37.39 -7.34 -4.41
N HIS D 134 36.18 -7.62 -3.94
CA HIS D 134 35.97 -8.29 -2.67
C HIS D 134 35.07 -9.51 -2.88
N ASP D 135 35.16 -10.45 -1.94
CA ASP D 135 34.33 -11.65 -2.01
C ASP D 135 32.88 -11.34 -1.64
N VAL D 136 32.68 -10.57 -0.57
CA VAL D 136 31.36 -10.20 -0.07
C VAL D 136 31.34 -8.71 0.22
N VAL D 137 30.24 -8.05 -0.14
CA VAL D 137 30.03 -6.64 0.14
C VAL D 137 28.76 -6.49 0.93
N LEU D 138 28.86 -5.84 2.09
CA LEU D 138 27.70 -5.53 2.92
C LEU D 138 27.32 -4.07 2.70
N VAL D 139 26.13 -3.86 2.14
CA VAL D 139 25.64 -2.53 1.83
C VAL D 139 24.50 -2.23 2.79
N GLU D 140 24.72 -1.27 3.69
CA GLU D 140 23.72 -0.87 4.67
C GLU D 140 23.00 0.38 4.17
N ILE D 141 21.67 0.36 4.22
CA ILE D 141 20.84 1.44 3.69
C ILE D 141 20.21 2.16 4.87
N GLY D 142 20.50 3.45 4.98
CA GLY D 142 19.94 4.24 6.05
C GLY D 142 18.49 4.61 5.80
N GLY D 143 17.82 4.99 6.89
CA GLY D 143 16.40 5.27 6.86
C GLY D 143 15.58 4.01 7.04
N THR D 144 14.31 4.22 7.35
CA THR D 144 13.39 3.11 7.57
C THR D 144 12.68 2.80 6.25
N VAL D 145 12.37 1.53 6.05
CA VAL D 145 11.69 1.10 4.84
C VAL D 145 10.26 1.58 4.90
N GLY D 146 9.87 2.41 3.93
CA GLY D 146 8.55 3.02 3.94
C GLY D 146 8.59 4.51 4.06
N ASP D 147 9.75 5.10 3.79
CA ASP D 147 9.95 6.55 3.86
C ASP D 147 10.28 7.09 2.48
N ILE D 148 9.91 8.36 2.27
CA ILE D 148 10.16 9.01 0.99
C ILE D 148 11.66 9.12 0.73
N GLU D 149 12.44 9.33 1.79
CA GLU D 149 13.84 9.68 1.61
C GLU D 149 14.69 8.53 1.08
N SER D 150 14.26 7.29 1.25
CA SER D 150 15.13 6.15 0.92
C SER D 150 14.61 5.34 -0.26
N LEU D 151 13.56 5.81 -0.92
CA LEU D 151 13.02 5.08 -2.07
C LEU D 151 14.00 4.96 -3.23
N PRO D 152 14.73 6.02 -3.63
CA PRO D 152 15.71 5.82 -4.71
C PRO D 152 16.74 4.75 -4.41
N PHE D 153 17.22 4.68 -3.17
CA PHE D 153 18.21 3.66 -2.81
C PHE D 153 17.64 2.25 -2.95
N LEU D 154 16.41 2.05 -2.46
CA LEU D 154 15.79 0.73 -2.55
C LEU D 154 15.51 0.34 -3.99
N GLU D 155 15.04 1.29 -4.82
CA GLU D 155 14.82 0.99 -6.22
C GLU D 155 16.13 0.62 -6.92
N ALA D 156 17.20 1.37 -6.63
CA ALA D 156 18.49 1.07 -7.22
C ALA D 156 18.97 -0.32 -6.81
N ILE D 157 18.85 -0.68 -5.54
CA ILE D 157 19.36 -1.99 -5.13
C ILE D 157 18.52 -3.12 -5.69
N ARG D 158 17.20 -2.90 -5.87
CA ARG D 158 16.39 -3.93 -6.52
C ARG D 158 16.81 -4.15 -7.97
N GLN D 159 17.01 -3.05 -8.70
CA GLN D 159 17.49 -3.18 -10.08
C GLN D 159 18.86 -3.84 -10.13
N MET D 160 19.75 -3.47 -9.20
CA MET D 160 21.08 -4.07 -9.16
C MET D 160 20.99 -5.56 -8.88
N ALA D 161 20.12 -5.97 -7.98
CA ALA D 161 19.95 -7.39 -7.69
C ALA D 161 19.48 -8.14 -8.92
N VAL D 162 18.56 -7.56 -9.68
CA VAL D 162 18.12 -8.22 -10.92
C VAL D 162 19.25 -8.32 -11.93
N GLU D 163 20.01 -7.25 -12.12
CA GLU D 163 21.06 -7.24 -13.12
C GLU D 163 22.19 -8.20 -12.76
N ILE D 164 22.64 -8.16 -11.51
CA ILE D 164 23.76 -9.00 -11.08
C ILE D 164 23.36 -10.46 -11.06
N GLY D 165 22.17 -10.77 -10.58
CA GLY D 165 21.72 -12.14 -10.43
C GLY D 165 21.39 -12.47 -8.99
N ARG D 166 20.32 -13.23 -8.78
CA ARG D 166 19.87 -13.52 -7.43
C ARG D 166 20.67 -14.62 -6.76
N GLU D 167 21.59 -15.24 -7.46
CA GLU D 167 22.52 -16.19 -6.85
C GLU D 167 23.77 -15.50 -6.32
N HIS D 168 23.84 -14.16 -6.44
CA HIS D 168 24.92 -13.38 -5.86
C HIS D 168 24.42 -12.22 -5.02
N THR D 169 23.11 -12.16 -4.75
CA THR D 169 22.55 -11.05 -3.98
C THR D 169 21.62 -11.60 -2.90
N LEU D 170 21.76 -11.05 -1.70
CA LEU D 170 20.90 -11.36 -0.58
C LEU D 170 20.32 -10.07 -0.03
N PHE D 171 19.13 -10.18 0.56
CA PHE D 171 18.48 -9.06 1.23
C PHE D 171 18.25 -9.44 2.69
N MET D 172 18.65 -8.55 3.59
CA MET D 172 18.53 -8.78 5.03
C MET D 172 17.77 -7.63 5.65
N HIS D 173 16.72 -7.96 6.41
CA HIS D 173 15.82 -6.96 6.97
C HIS D 173 15.86 -7.02 8.49
N LEU D 174 16.01 -5.86 9.13
CA LEU D 174 15.98 -5.73 10.57
C LEU D 174 14.63 -5.17 11.01
N THR D 175 14.07 -5.73 12.08
CA THR D 175 12.78 -5.32 12.59
C THR D 175 12.82 -5.29 14.10
N LEU D 176 11.81 -4.65 14.69
CA LEU D 176 11.61 -4.63 16.12
C LEU D 176 10.46 -5.55 16.50
N VAL D 177 10.71 -6.44 17.44
CA VAL D 177 9.65 -7.28 18.02
C VAL D 177 9.32 -6.75 19.40
N PRO D 178 8.29 -5.92 19.54
CA PRO D 178 8.02 -5.31 20.85
C PRO D 178 7.49 -6.32 21.84
N TYR D 179 7.68 -6.00 23.12
CA TYR D 179 7.15 -6.80 24.22
C TYR D 179 6.10 -5.99 24.96
N MET D 180 4.91 -6.56 25.09
CA MET D 180 3.80 -5.90 25.79
C MET D 180 3.66 -6.53 27.17
N ALA D 181 3.78 -5.71 28.21
CA ALA D 181 3.71 -6.21 29.58
C ALA D 181 2.30 -6.64 29.96
N ALA D 182 1.28 -6.12 29.27
CA ALA D 182 -0.10 -6.49 29.60
C ALA D 182 -0.33 -7.98 29.41
N SER D 183 -0.20 -8.46 28.16
CA SER D 183 -0.33 -9.89 27.91
C SER D 183 0.94 -10.65 28.22
N GLY D 184 2.06 -9.97 28.41
CA GLY D 184 3.33 -10.66 28.63
C GLY D 184 3.82 -11.46 27.45
N GLU D 185 3.55 -11.00 26.24
CA GLU D 185 3.99 -11.68 25.03
C GLU D 185 4.84 -10.76 24.18
N VAL D 186 5.45 -11.35 23.15
CA VAL D 186 6.16 -10.60 22.12
C VAL D 186 5.30 -10.59 20.88
N LYS D 187 5.17 -9.42 20.26
CA LYS D 187 4.23 -9.21 19.16
C LYS D 187 4.97 -9.22 17.83
N THR D 188 4.44 -9.97 16.86
CA THR D 188 5.07 -10.11 15.56
C THR D 188 4.38 -9.32 14.46
N LYS D 189 3.29 -8.62 14.78
CA LYS D 189 2.57 -7.89 13.74
C LYS D 189 3.37 -6.78 13.08
N PRO D 190 4.11 -5.93 13.80
CA PRO D 190 4.91 -4.89 13.10
C PRO D 190 5.88 -5.47 12.09
N THR D 191 6.50 -6.61 12.40
CA THR D 191 7.39 -7.26 11.45
C THR D 191 6.65 -7.68 10.19
N GLN D 192 5.44 -8.22 10.36
CA GLN D 192 4.62 -8.61 9.22
C GLN D 192 4.32 -7.41 8.33
N HIS D 193 3.95 -6.28 8.93
CA HIS D 193 3.60 -5.12 8.12
C HIS D 193 4.84 -4.51 7.46
N SER D 194 5.99 -4.58 8.13
CA SER D 194 7.22 -4.08 7.52
C SER D 194 7.64 -4.92 6.33
N VAL D 195 7.52 -6.25 6.45
CA VAL D 195 7.81 -7.11 5.33
C VAL D 195 6.85 -6.83 4.18
N LYS D 196 5.58 -6.56 4.49
CA LYS D 196 4.63 -6.19 3.45
C LYS D 196 5.04 -4.91 2.73
N GLU D 197 5.51 -3.91 3.48
CA GLU D 197 5.94 -2.65 2.86
C GLU D 197 7.16 -2.86 1.96
N LEU D 198 8.15 -3.62 2.45
CA LEU D 198 9.31 -3.91 1.64
C LEU D 198 8.93 -4.67 0.36
N LEU D 199 7.99 -5.61 0.47
CA LEU D 199 7.50 -6.32 -0.72
C LEU D 199 6.79 -5.36 -1.67
N SER D 200 6.04 -4.41 -1.14
CA SER D 200 5.38 -3.41 -1.98
C SER D 200 6.41 -2.60 -2.75
N ILE D 201 7.57 -2.33 -2.15
CA ILE D 201 8.63 -1.66 -2.89
C ILE D 201 9.15 -2.56 -4.01
N GLY D 202 9.21 -3.86 -3.76
CA GLY D 202 9.63 -4.80 -4.79
C GLY D 202 10.74 -5.74 -4.38
N ILE D 203 11.02 -5.84 -3.08
CA ILE D 203 12.12 -6.64 -2.56
C ILE D 203 11.54 -7.74 -1.66
N GLN D 204 11.96 -8.98 -1.90
CA GLN D 204 11.62 -10.09 -1.03
C GLN D 204 12.77 -10.35 -0.08
N PRO D 205 12.57 -10.20 1.23
CA PRO D 205 13.65 -10.51 2.17
C PRO D 205 14.06 -11.98 2.12
N ASP D 206 15.34 -12.21 2.31
CA ASP D 206 15.89 -13.55 2.44
C ASP D 206 16.20 -13.92 3.88
N ILE D 207 16.51 -12.92 4.72
CA ILE D 207 16.84 -13.13 6.11
C ILE D 207 16.08 -12.09 6.92
N LEU D 208 15.50 -12.52 8.04
CA LEU D 208 14.87 -11.60 8.98
C LEU D 208 15.64 -11.64 10.29
N ILE D 209 16.12 -10.48 10.72
CA ILE D 209 16.80 -10.32 11.99
C ILE D 209 15.87 -9.58 12.93
N CYS D 210 15.55 -10.20 14.05
CA CYS D 210 14.54 -9.68 14.97
C CYS D 210 15.23 -9.11 16.21
N ARG D 211 14.91 -7.86 16.51
CA ARG D 211 15.50 -7.12 17.62
C ARG D 211 14.47 -7.00 18.73
N SER D 212 14.86 -7.38 19.94
CA SER D 212 13.96 -7.36 21.07
C SER D 212 14.78 -7.28 22.35
N ASP D 213 14.10 -6.97 23.46
CA ASP D 213 14.76 -6.99 24.75
C ASP D 213 15.24 -8.39 25.09
N ARG D 214 14.42 -9.40 24.83
CA ARG D 214 14.71 -10.78 25.12
C ARG D 214 14.85 -11.57 23.83
N ALA D 215 15.08 -12.86 23.96
CA ALA D 215 15.14 -13.74 22.80
C ALA D 215 13.73 -14.05 22.30
N VAL D 216 13.58 -14.09 20.98
CA VAL D 216 12.28 -14.38 20.37
C VAL D 216 12.00 -15.87 20.47
N PRO D 217 10.84 -16.27 20.97
CA PRO D 217 10.53 -17.70 21.09
C PRO D 217 10.37 -18.37 19.73
N ALA D 218 10.48 -19.70 19.75
CA ALA D 218 10.45 -20.48 18.52
C ALA D 218 9.11 -20.40 17.82
N ASN D 219 8.01 -20.39 18.59
CA ASN D 219 6.69 -20.29 17.98
C ASN D 219 6.50 -18.97 17.26
N GLU D 220 6.98 -17.88 17.85
CA GLU D 220 6.92 -16.58 17.19
C GLU D 220 7.73 -16.58 15.90
N ARG D 221 8.91 -17.18 15.92
CA ARG D 221 9.74 -17.25 14.72
C ARG D 221 9.06 -18.09 13.64
N ALA D 222 8.40 -19.18 14.03
CA ALA D 222 7.66 -19.97 13.07
C ALA D 222 6.53 -19.16 12.45
N LYS D 223 5.84 -18.37 13.27
CA LYS D 223 4.81 -17.48 12.76
C LYS D 223 5.37 -16.47 11.77
N ILE D 224 6.54 -15.90 12.09
CA ILE D 224 7.16 -14.93 11.19
C ILE D 224 7.52 -15.59 9.87
N ALA D 225 8.12 -16.77 9.92
CA ALA D 225 8.45 -17.51 8.72
C ALA D 225 7.21 -17.77 7.89
N LEU D 226 6.11 -18.16 8.55
CA LEU D 226 4.88 -18.44 7.83
C LEU D 226 4.34 -17.20 7.12
N PHE D 227 4.39 -16.05 7.79
CA PHE D 227 3.76 -14.86 7.23
C PHE D 227 4.65 -14.06 6.29
N CYS D 228 5.96 -14.37 6.22
CA CYS D 228 6.87 -13.49 5.49
C CYS D 228 7.62 -14.17 4.33
N ASN D 229 7.20 -15.38 3.92
CA ASN D 229 7.83 -16.14 2.83
C ASN D 229 9.29 -16.48 3.10
N VAL D 230 9.73 -16.42 4.35
CA VAL D 230 11.12 -16.68 4.69
C VAL D 230 11.22 -18.07 5.32
N PRO D 231 12.24 -18.85 5.01
CA PRO D 231 12.41 -20.14 5.70
C PRO D 231 12.60 -19.95 7.20
N GLU D 232 12.17 -20.96 7.96
CA GLU D 232 12.20 -20.85 9.42
C GLU D 232 13.62 -20.73 9.96
N LYS D 233 14.59 -21.31 9.27
CA LYS D 233 15.98 -21.20 9.72
C LYS D 233 16.55 -19.82 9.51
N ALA D 234 15.97 -19.02 8.62
CA ALA D 234 16.49 -17.71 8.28
C ALA D 234 15.87 -16.59 9.10
N VAL D 235 15.06 -16.92 10.10
CA VAL D 235 14.54 -15.94 11.05
C VAL D 235 15.47 -15.96 12.26
N ILE D 236 16.29 -14.93 12.38
CA ILE D 236 17.39 -14.90 13.34
C ILE D 236 17.03 -13.94 14.46
N SER D 237 17.21 -14.39 15.69
CA SER D 237 16.95 -13.58 16.87
C SER D 237 18.23 -12.91 17.34
N LEU D 238 18.16 -11.61 17.61
CA LEU D 238 19.28 -10.85 18.17
C LEU D 238 18.76 -10.02 19.33
N LYS D 239 18.92 -10.53 20.55
CA LYS D 239 18.45 -9.83 21.74
C LYS D 239 19.43 -8.74 22.14
N ASP D 240 18.99 -7.88 23.06
CA ASP D 240 19.86 -6.87 23.62
C ASP D 240 20.95 -7.51 24.45
N VAL D 241 22.17 -6.98 24.33
CA VAL D 241 23.33 -7.52 25.01
C VAL D 241 24.01 -6.42 25.79
N ASP D 242 24.80 -6.82 26.79
CA ASP D 242 25.61 -5.87 27.54
C ASP D 242 26.82 -5.42 26.72
N SER D 243 27.43 -6.34 25.98
CA SER D 243 28.62 -6.06 25.19
C SER D 243 28.33 -6.35 23.73
N ILE D 244 28.71 -5.41 22.86
CA ILE D 244 28.56 -5.64 21.42
C ILE D 244 29.50 -6.71 20.90
N TYR D 245 30.47 -7.16 21.70
CA TYR D 245 31.41 -8.18 21.26
C TYR D 245 30.84 -9.59 21.33
N LYS D 246 29.70 -9.76 22.00
CA LYS D 246 29.02 -11.05 22.01
C LYS D 246 28.15 -11.25 20.78
N ILE D 247 27.87 -10.19 20.04
CA ILE D 247 26.94 -10.30 18.90
C ILE D 247 27.45 -11.24 17.83
N PRO D 248 28.72 -11.19 17.41
CA PRO D 248 29.19 -12.20 16.45
C PRO D 248 29.02 -13.62 16.94
N GLY D 249 29.24 -13.88 18.24
CA GLY D 249 29.03 -15.22 18.75
C GLY D 249 27.59 -15.67 18.67
N LEU D 250 26.65 -14.76 19.01
CA LEU D 250 25.23 -15.09 18.93
C LEU D 250 24.82 -15.39 17.50
N LEU D 251 25.20 -14.52 16.57
CA LEU D 251 24.84 -14.74 15.17
C LEU D 251 25.46 -16.02 14.64
N LYS D 252 26.68 -16.34 15.08
CA LYS D 252 27.32 -17.58 14.66
C LYS D 252 26.59 -18.79 15.21
N SER D 253 26.15 -18.73 16.47
CA SER D 253 25.43 -19.84 17.07
C SER D 253 24.08 -20.06 16.41
N GLN D 254 23.44 -19.01 15.92
CA GLN D 254 22.15 -19.18 15.26
C GLN D 254 22.28 -19.68 13.82
N GLY D 255 23.48 -19.76 13.27
CA GLY D 255 23.68 -20.33 11.95
C GLY D 255 23.54 -19.37 10.80
N LEU D 256 23.67 -18.07 11.02
CA LEU D 256 23.56 -17.10 9.93
C LEU D 256 24.69 -17.27 8.92
N ASP D 257 25.90 -17.51 9.40
CA ASP D 257 27.05 -17.66 8.50
C ASP D 257 26.90 -18.87 7.59
N ASP D 258 26.46 -20.00 8.14
CA ASP D 258 26.29 -21.20 7.33
C ASP D 258 25.23 -20.98 6.25
N TYR D 259 24.12 -20.32 6.60
CA TYR D 259 23.09 -20.05 5.61
C TYR D 259 23.61 -19.14 4.51
N ILE D 260 24.33 -18.08 4.87
CA ILE D 260 24.87 -17.15 3.88
C ILE D 260 25.86 -17.87 2.96
N CYS D 261 26.70 -18.73 3.53
CA CYS D 261 27.67 -19.44 2.73
C CYS D 261 27.02 -20.49 1.84
N LYS D 262 25.91 -21.09 2.28
CA LYS D 262 25.17 -22.00 1.43
C LYS D 262 24.55 -21.27 0.24
N ARG D 263 23.93 -20.11 0.49
CA ARG D 263 23.28 -19.37 -0.59
C ARG D 263 24.29 -18.87 -1.61
N PHE D 264 25.47 -18.45 -1.17
CA PHE D 264 26.48 -17.90 -2.06
C PHE D 264 27.42 -18.97 -2.60
N SER D 265 27.22 -20.23 -2.25
CA SER D 265 28.03 -21.35 -2.75
C SER D 265 29.51 -21.15 -2.43
N LEU D 266 29.78 -20.71 -1.22
CA LEU D 266 31.15 -20.48 -0.76
C LEU D 266 31.58 -21.65 0.12
N ASN D 267 32.79 -22.13 -0.12
CA ASN D 267 33.34 -23.24 0.65
C ASN D 267 34.51 -22.70 1.45
N CYS D 268 34.20 -22.09 2.59
CA CYS D 268 35.17 -21.50 3.48
C CYS D 268 35.22 -22.28 4.79
N PRO D 269 36.39 -22.36 5.42
CA PRO D 269 36.51 -23.13 6.66
C PRO D 269 35.61 -22.59 7.76
N GLU D 270 35.51 -23.36 8.83
CA GLU D 270 34.69 -22.99 9.97
C GLU D 270 35.24 -21.73 10.62
N ALA D 271 34.33 -20.92 11.17
CA ALA D 271 34.73 -19.66 11.78
C ALA D 271 35.58 -19.88 13.03
N ASN D 272 36.63 -19.10 13.16
CA ASN D 272 37.48 -19.08 14.34
C ASN D 272 37.30 -17.73 15.02
N LEU D 273 36.54 -17.74 16.12
CA LEU D 273 36.23 -16.52 16.86
C LEU D 273 37.03 -16.43 18.16
N SER D 274 38.29 -16.88 18.11
CA SER D 274 39.10 -16.93 19.32
C SER D 274 39.42 -15.53 19.84
N GLU D 275 39.72 -14.58 18.95
CA GLU D 275 40.06 -13.24 19.39
C GLU D 275 38.88 -12.55 20.07
N TRP D 276 37.68 -12.74 19.52
CA TRP D 276 36.51 -12.13 20.14
C TRP D 276 36.22 -12.74 21.50
N GLU D 277 36.42 -14.06 21.64
CA GLU D 277 36.29 -14.69 22.95
C GLU D 277 37.33 -14.13 23.92
N GLN D 278 38.54 -13.87 23.43
CA GLN D 278 39.56 -13.25 24.28
C GLN D 278 39.12 -11.87 24.74
N VAL D 279 38.53 -11.08 23.84
CA VAL D 279 38.08 -9.75 24.22
C VAL D 279 36.98 -9.85 25.26
N ILE D 280 36.05 -10.78 25.09
CA ILE D 280 34.97 -10.95 26.06
C ILE D 280 35.53 -11.35 27.41
N PHE D 281 36.49 -12.29 27.43
CA PHE D 281 37.09 -12.72 28.68
C PHE D 281 37.81 -11.57 29.37
N GLU D 282 38.57 -10.78 28.62
CA GLU D 282 39.26 -9.64 29.21
C GLU D 282 38.27 -8.64 29.79
N GLU D 283 37.19 -8.37 29.06
CA GLU D 283 36.21 -7.39 29.54
C GLU D 283 35.49 -7.88 30.79
N ALA D 284 35.16 -9.16 30.84
CA ALA D 284 34.35 -9.68 31.93
C ALA D 284 35.09 -9.74 33.26
N ASN D 285 36.42 -9.66 33.24
CA ASN D 285 37.25 -9.86 34.44
C ASN D 285 38.20 -8.70 34.63
N PRO D 286 37.71 -7.58 35.15
CA PRO D 286 38.61 -6.50 35.56
C PRO D 286 39.26 -6.82 36.90
N VAL D 287 40.33 -6.08 37.19
CA VAL D 287 41.00 -6.17 38.48
C VAL D 287 41.07 -4.84 39.20
N SER D 288 40.63 -3.74 38.58
CA SER D 288 40.71 -2.42 39.17
C SER D 288 39.53 -1.59 38.68
N GLU D 289 39.50 -0.33 39.10
CA GLU D 289 38.44 0.58 38.70
C GLU D 289 38.95 2.01 38.85
N VAL D 290 39.21 2.67 37.73
CA VAL D 290 39.61 4.07 37.74
C VAL D 290 38.50 4.89 37.11
N THR D 291 38.46 6.16 37.48
CA THR D 291 37.50 7.10 36.93
C THR D 291 38.24 8.19 36.16
N ILE D 292 37.81 8.43 34.93
CA ILE D 292 38.44 9.39 34.04
C ILE D 292 37.47 10.54 33.82
N GLY D 293 37.95 11.76 34.01
CA GLY D 293 37.15 12.92 33.73
C GLY D 293 37.39 13.44 32.33
N MET D 294 36.38 13.38 31.47
CA MET D 294 36.45 13.98 30.15
C MET D 294 35.71 15.31 30.20
N VAL D 295 36.42 16.38 29.87
CA VAL D 295 35.86 17.73 29.89
C VAL D 295 35.76 18.23 28.45
N GLY D 296 34.55 18.60 28.04
CA GLY D 296 34.33 19.07 26.68
C GLY D 296 33.05 19.86 26.58
N LYS D 297 32.77 20.32 25.37
CA LYS D 297 31.66 21.22 25.13
C LYS D 297 30.41 20.54 24.59
N TYR D 298 30.52 19.35 24.01
CA TYR D 298 29.37 18.65 23.45
C TYR D 298 28.89 17.54 24.38
N ILE D 299 28.92 17.79 25.70
CA ILE D 299 28.60 16.77 26.68
C ILE D 299 27.15 16.32 26.57
N GLU D 300 26.27 17.17 26.04
CA GLU D 300 24.85 16.85 26.00
C GLU D 300 24.59 15.59 25.18
N LEU D 301 25.25 15.46 24.02
CA LEU D 301 25.09 14.28 23.19
C LEU D 301 26.32 13.40 23.34
N PRO D 302 26.22 12.25 23.99
CA PRO D 302 27.41 11.39 24.18
C PRO D 302 27.99 10.86 22.89
N ASP D 303 27.22 10.80 21.80
CA ASP D 303 27.74 10.31 20.53
C ASP D 303 28.76 11.26 19.93
N ALA D 304 28.91 12.47 20.47
CA ALA D 304 29.97 13.36 20.03
C ALA D 304 31.36 12.87 20.42
N TYR D 305 31.46 11.88 21.30
CA TYR D 305 32.74 11.34 21.75
C TYR D 305 32.75 9.83 21.75
N LYS D 306 32.05 9.22 20.79
CA LYS D 306 31.91 7.76 20.77
C LYS D 306 33.25 7.07 20.58
N SER D 307 34.05 7.55 19.62
CA SER D 307 35.35 6.94 19.38
C SER D 307 36.28 7.10 20.57
N VAL D 308 36.29 8.27 21.21
CA VAL D 308 37.16 8.51 22.35
C VAL D 308 36.76 7.62 23.52
N ILE D 309 35.45 7.50 23.78
CA ILE D 309 34.97 6.63 24.85
C ILE D 309 35.38 5.19 24.59
N GLU D 310 35.20 4.72 23.35
CA GLU D 310 35.56 3.34 23.04
C GLU D 310 37.05 3.13 23.13
N ALA D 311 37.86 4.13 22.77
CA ALA D 311 39.31 3.99 22.88
C ALA D 311 39.76 3.91 24.33
N LEU D 312 39.13 4.70 25.21
CA LEU D 312 39.41 4.58 26.63
C LEU D 312 39.05 3.18 27.14
N LYS D 313 37.90 2.67 26.70
CA LYS D 313 37.51 1.31 27.09
C LYS D 313 38.51 0.28 26.58
N HIS D 314 39.00 0.44 25.36
CA HIS D 314 39.98 -0.50 24.81
C HIS D 314 41.27 -0.47 25.61
N GLY D 315 41.74 0.72 25.97
CA GLY D 315 42.92 0.82 26.81
C GLY D 315 42.71 0.15 28.15
N GLY D 316 41.53 0.32 28.74
CA GLY D 316 41.21 -0.38 29.97
C GLY D 316 41.24 -1.89 29.79
N LEU D 317 40.72 -2.37 28.67
CA LEU D 317 40.74 -3.81 28.40
C LEU D 317 42.17 -4.33 28.32
N LYS D 318 43.06 -3.57 27.67
CA LYS D 318 44.46 -3.98 27.61
C LYS D 318 45.11 -3.95 28.99
N ASN D 319 44.71 -3.02 29.84
CA ASN D 319 45.26 -2.90 31.19
C ASN D 319 44.44 -3.66 32.23
N ARG D 320 43.41 -4.39 31.82
CA ARG D 320 42.57 -5.18 32.73
C ARG D 320 41.97 -4.32 33.83
N VAL D 321 41.59 -3.10 33.47
CA VAL D 321 41.05 -2.12 34.41
C VAL D 321 39.70 -1.66 33.90
N SER D 322 38.69 -1.67 34.77
CA SER D 322 37.42 -1.07 34.43
C SER D 322 37.54 0.46 34.44
N VAL D 323 37.01 1.08 33.39
CA VAL D 323 37.12 2.53 33.20
C VAL D 323 35.74 3.14 33.33
N ASN D 324 35.61 4.15 34.19
CA ASN D 324 34.34 4.83 34.45
C ASN D 324 34.47 6.26 33.95
N ILE D 325 33.79 6.57 32.85
CA ILE D 325 33.88 7.88 32.22
C ILE D 325 32.84 8.80 32.83
N LYS D 326 33.29 9.91 33.39
CA LYS D 326 32.41 10.96 33.87
C LYS D 326 32.53 12.16 32.94
N LEU D 327 31.40 12.70 32.51
CA LEU D 327 31.37 13.81 31.57
C LEU D 327 31.21 15.10 32.34
N ILE D 328 32.13 16.04 32.12
CA ILE D 328 32.13 17.32 32.80
C ILE D 328 31.98 18.42 31.76
N ASP D 329 31.00 19.30 31.96
CA ASP D 329 30.79 20.41 31.05
C ASP D 329 31.80 21.50 31.31
N SER D 330 32.33 22.08 30.22
CA SER D 330 33.39 23.07 30.35
C SER D 330 32.86 24.36 30.97
N GLN D 331 31.66 24.80 30.60
CA GLN D 331 31.10 26.00 31.20
C GLN D 331 30.85 25.82 32.69
N ASP D 332 30.59 24.59 33.12
CA ASP D 332 30.48 24.33 34.56
C ASP D 332 31.79 24.66 35.26
N VAL D 333 32.92 24.22 34.70
CA VAL D 333 34.21 24.57 35.28
C VAL D 333 34.44 26.08 35.18
N GLU D 334 33.96 26.70 34.11
CA GLU D 334 34.14 28.14 33.95
C GLU D 334 33.42 28.91 35.04
N THR D 335 32.20 28.50 35.38
CA THR D 335 31.40 29.22 36.37
C THR D 335 31.55 28.62 37.77
N ARG D 336 31.22 27.35 37.93
CA ARG D 336 31.23 26.74 39.25
C ARG D 336 32.64 26.67 39.82
N GLY D 337 33.63 26.34 38.98
CA GLY D 337 35.01 26.36 39.40
C GLY D 337 35.66 25.00 39.25
N VAL D 338 36.70 24.77 40.07
CA VAL D 338 37.48 23.55 40.01
C VAL D 338 36.93 22.50 40.96
N GLU D 339 35.74 22.71 41.52
CA GLU D 339 35.15 21.77 42.47
C GLU D 339 34.76 20.47 41.78
N ILE D 340 34.28 20.55 40.55
CA ILE D 340 33.78 19.37 39.86
C ILE D 340 34.93 18.40 39.56
N LEU D 341 36.11 18.93 39.26
CA LEU D 341 37.24 18.10 38.87
C LEU D 341 37.85 17.31 40.02
N LYS D 342 37.24 17.26 41.20
CA LYS D 342 37.78 16.54 42.34
C LYS D 342 37.27 15.11 42.35
N GLY D 343 38.15 14.17 42.66
CA GLY D 343 37.78 12.77 42.70
C GLY D 343 37.94 12.11 41.35
N LEU D 344 38.99 12.48 40.64
CA LEU D 344 39.26 11.97 39.30
C LEU D 344 40.68 11.46 39.23
N ASP D 345 40.85 10.23 38.76
CA ASP D 345 42.17 9.65 38.63
C ASP D 345 42.90 10.14 37.38
N ALA D 346 42.18 10.64 36.39
CA ALA D 346 42.80 11.17 35.17
C ALA D 346 41.81 12.09 34.48
N ILE D 347 42.34 12.94 33.61
CA ILE D 347 41.54 13.95 32.92
C ILE D 347 41.86 13.89 31.43
N LEU D 348 40.82 13.89 30.60
CA LEU D 348 40.97 13.89 29.15
C LEU D 348 40.23 15.08 28.57
N VAL D 349 40.88 15.80 27.66
CA VAL D 349 40.25 16.91 26.96
C VAL D 349 40.21 16.58 25.47
N PRO D 350 39.07 16.24 24.92
CA PRO D 350 38.98 15.94 23.49
C PRO D 350 38.84 17.21 22.65
N GLY D 351 38.75 17.02 21.34
CA GLY D 351 38.72 18.14 20.42
C GLY D 351 37.37 18.82 20.30
N GLY D 352 37.37 19.94 19.59
CA GLY D 352 36.14 20.68 19.37
C GLY D 352 36.43 21.94 18.58
N PHE D 353 35.35 22.65 18.25
CA PHE D 353 35.44 23.91 17.52
C PHE D 353 34.65 24.98 18.27
N GLY D 354 35.14 26.20 18.23
CA GLY D 354 34.49 27.33 18.86
C GLY D 354 35.22 27.76 20.14
N TYR D 355 34.80 28.91 20.64
CA TYR D 355 35.39 29.47 21.84
C TYR D 355 34.59 29.17 23.10
N ARG D 356 33.34 28.73 22.95
CA ARG D 356 32.48 28.46 24.10
C ARG D 356 33.04 27.27 24.87
N GLY D 357 33.41 27.51 26.13
CA GLY D 357 33.96 26.48 26.98
C GLY D 357 35.46 26.33 26.94
N VAL D 358 36.15 27.10 26.10
CA VAL D 358 37.60 26.96 25.99
C VAL D 358 38.28 27.42 27.27
N GLU D 359 37.73 28.45 27.92
CA GLU D 359 38.32 28.91 29.18
C GLU D 359 38.23 27.83 30.25
N GLY D 360 37.11 27.11 30.30
CA GLY D 360 37.01 25.99 31.22
C GLY D 360 38.04 24.91 30.94
N MET D 361 38.32 24.66 29.65
CA MET D 361 39.35 23.70 29.29
C MET D 361 40.73 24.18 29.74
N ILE D 362 40.99 25.47 29.63
CA ILE D 362 42.26 26.03 30.10
C ILE D 362 42.38 25.87 31.61
N THR D 363 41.28 26.11 32.32
CA THR D 363 41.26 25.89 33.77
C THR D 363 41.54 24.42 34.10
N THR D 364 40.94 23.50 33.34
CA THR D 364 41.12 22.08 33.59
C THR D 364 42.55 21.65 33.34
N ALA D 365 43.16 22.14 32.26
CA ALA D 365 44.56 21.82 31.99
C ALA D 365 45.45 22.38 33.09
N ARG D 366 45.17 23.61 33.53
CA ARG D 366 45.92 24.18 34.64
C ARG D 366 45.83 23.30 35.89
N PHE D 367 44.62 22.88 36.23
CA PHE D 367 44.42 22.07 37.43
C PHE D 367 45.16 20.74 37.34
N ALA D 368 45.04 20.07 36.19
CA ALA D 368 45.73 18.79 36.00
C ALA D 368 47.24 18.96 36.08
N ARG D 369 47.77 20.02 35.47
CA ARG D 369 49.22 20.20 35.44
C ARG D 369 49.75 20.55 36.82
N GLU D 370 49.01 21.34 37.58
CA GLU D 370 49.47 21.76 38.89
C GLU D 370 49.16 20.75 39.98
N ASN D 371 48.32 19.76 39.72
CA ASN D 371 47.99 18.75 40.71
C ASN D 371 48.56 17.37 40.39
N ASN D 372 49.34 17.26 39.32
CA ASN D 372 49.98 15.99 38.94
C ASN D 372 48.93 14.89 38.72
N ILE D 373 47.79 15.28 38.16
CA ILE D 373 46.76 14.32 37.75
C ILE D 373 47.04 13.98 36.29
N PRO D 374 47.02 12.70 35.91
CA PRO D 374 47.31 12.33 34.52
C PRO D 374 46.37 13.03 33.56
N TYR D 375 46.95 13.49 32.44
CA TYR D 375 46.26 14.34 31.50
C TYR D 375 46.52 13.86 30.08
N LEU D 376 45.46 13.81 29.27
CA LEU D 376 45.58 13.50 27.86
C LEU D 376 44.86 14.60 27.08
N GLY D 377 45.54 15.14 26.08
CA GLY D 377 44.96 16.21 25.28
C GLY D 377 44.96 15.89 23.81
N ILE D 378 43.81 16.07 23.17
CA ILE D 378 43.62 15.67 21.78
C ILE D 378 43.14 16.88 20.99
N CYS D 379 43.93 17.29 19.99
CA CYS D 379 43.60 18.40 19.11
C CYS D 379 43.38 19.70 19.88
N LEU D 380 42.11 20.02 20.18
CA LEU D 380 41.82 21.24 20.92
C LEU D 380 42.40 21.19 22.32
N GLY D 381 42.40 20.01 22.93
CA GLY D 381 43.02 19.87 24.25
C GLY D 381 44.50 20.19 24.24
N MET D 382 45.20 19.78 23.18
CA MET D 382 46.61 20.12 23.07
C MET D 382 46.80 21.63 23.00
N GLN D 383 45.94 22.31 22.23
CA GLN D 383 46.04 23.76 22.11
C GLN D 383 45.79 24.43 23.44
N VAL D 384 44.75 24.01 24.18
CA VAL D 384 44.47 24.67 25.45
C VAL D 384 45.57 24.36 26.46
N ALA D 385 46.16 23.18 26.40
CA ALA D 385 47.29 22.88 27.28
C ALA D 385 48.47 23.80 26.99
N LEU D 386 48.78 24.01 25.71
CA LEU D 386 49.88 24.92 25.37
C LEU D 386 49.56 26.35 25.79
N ILE D 387 48.32 26.77 25.60
CA ILE D 387 47.92 28.12 26.01
C ILE D 387 48.08 28.30 27.51
N ASP D 388 47.62 27.31 28.28
CA ASP D 388 47.76 27.39 29.73
C ASP D 388 49.21 27.41 30.15
N TYR D 389 50.05 26.58 29.53
CA TYR D 389 51.46 26.55 29.89
C TYR D 389 52.15 27.86 29.57
N ALA D 390 51.83 28.44 28.40
CA ALA D 390 52.45 29.71 28.02
C ALA D 390 51.99 30.83 28.93
N ARG D 391 50.72 30.84 29.31
CA ARG D 391 50.19 31.95 30.09
C ARG D 391 50.61 31.87 31.55
N HIS D 392 50.38 30.73 32.19
CA HIS D 392 50.52 30.63 33.64
C HIS D 392 51.86 30.04 34.07
N VAL D 393 52.75 29.72 33.13
CA VAL D 393 54.07 29.24 33.51
C VAL D 393 55.15 30.08 32.81
N ALA D 394 54.82 30.62 31.65
CA ALA D 394 55.75 31.46 30.90
C ALA D 394 55.34 32.94 30.89
N ASN D 395 54.19 33.27 31.47
CA ASN D 395 53.76 34.66 31.66
C ASN D 395 53.65 35.38 30.31
N MET D 396 52.75 34.88 29.47
CA MET D 396 52.51 35.46 28.15
C MET D 396 51.36 36.46 28.16
N GLU D 397 50.72 36.69 29.31
CA GLU D 397 49.72 37.75 29.48
C GLU D 397 48.59 37.61 28.46
N ASN D 398 47.79 36.56 28.69
CA ASN D 398 46.56 36.30 27.94
C ASN D 398 46.84 35.88 26.49
N ALA D 399 47.83 35.02 26.31
CA ALA D 399 48.06 34.43 24.99
C ALA D 399 46.90 33.51 24.62
N ASN D 400 46.53 33.51 23.34
CA ASN D 400 45.37 32.74 22.92
C ASN D 400 45.61 32.25 21.50
N SER D 401 44.53 31.77 20.87
CA SER D 401 44.55 31.37 19.47
C SER D 401 43.87 32.45 18.63
N THR D 402 44.42 32.67 17.43
CA THR D 402 43.79 33.57 16.48
C THR D 402 42.43 33.05 16.02
N GLU D 403 42.12 31.79 16.31
CA GLU D 403 40.78 31.28 16.07
C GLU D 403 39.74 32.03 16.88
N PHE D 404 40.05 32.30 18.15
CA PHE D 404 39.07 32.87 19.07
C PHE D 404 39.14 34.39 19.09
N VAL D 405 40.28 34.94 19.46
CA VAL D 405 40.53 36.38 19.40
C VAL D 405 41.48 36.64 18.22
N PRO D 406 41.01 37.31 17.17
CA PRO D 406 41.89 37.52 16.00
C PRO D 406 43.16 38.27 16.32
N ASP D 407 43.13 39.20 17.27
CA ASP D 407 44.29 40.01 17.63
C ASP D 407 44.45 40.02 19.14
N CYS D 408 45.44 39.26 19.64
CA CYS D 408 45.72 39.20 21.06
C CYS D 408 47.17 39.51 21.41
N LYS D 409 48.01 39.84 20.42
CA LYS D 409 49.41 40.20 20.54
C LYS D 409 50.30 39.02 20.87
N TYR D 410 49.74 37.85 21.16
CA TYR D 410 50.54 36.65 21.45
C TYR D 410 49.82 35.44 20.87
N PRO D 411 49.92 35.26 19.55
CA PRO D 411 49.23 34.14 18.87
C PRO D 411 50.01 32.82 18.96
N VAL D 412 49.89 32.16 20.12
CA VAL D 412 50.56 30.89 20.30
C VAL D 412 49.99 29.85 19.35
N VAL D 413 48.69 29.92 19.06
CA VAL D 413 48.04 29.06 18.08
C VAL D 413 47.50 29.95 16.97
N ALA D 414 47.86 29.63 15.73
CA ALA D 414 47.47 30.46 14.60
C ALA D 414 47.54 29.62 13.33
N LEU D 415 46.94 30.15 12.27
CA LEU D 415 47.12 29.56 10.96
C LEU D 415 48.57 29.69 10.53
N ILE D 416 49.01 28.77 9.68
CA ILE D 416 50.40 28.77 9.23
C ILE D 416 50.73 30.05 8.49
N THR D 417 49.73 30.73 7.92
CA THR D 417 49.96 32.02 7.28
C THR D 417 50.19 33.11 8.32
N GLU D 418 49.46 33.05 9.44
CA GLU D 418 49.42 34.13 10.41
C GLU D 418 50.59 34.09 11.40
N TRP D 419 51.67 33.40 11.07
CA TRP D 419 52.80 33.28 11.99
C TRP D 419 53.53 34.61 12.10
N ARG D 420 53.41 35.26 13.24
CA ARG D 420 54.04 36.56 13.46
C ARG D 420 55.02 36.50 14.63
N THR D 438 42.23 26.31 4.95
CA THR D 438 42.37 24.91 4.57
C THR D 438 42.62 24.03 5.79
N MET D 439 41.96 22.89 5.83
CA MET D 439 42.02 21.97 6.95
C MET D 439 42.89 20.77 6.61
N ARG D 440 43.80 20.41 7.51
CA ARG D 440 44.58 19.20 7.34
C ARG D 440 43.70 17.99 7.58
N LEU D 441 43.65 17.08 6.61
CA LEU D 441 42.81 15.91 6.66
C LEU D 441 43.59 14.68 6.24
N GLY D 442 43.36 13.58 6.92
CA GLY D 442 43.93 12.30 6.54
C GLY D 442 45.09 11.90 7.43
N ALA D 443 45.71 10.79 7.02
CA ALA D 443 46.86 10.25 7.73
C ALA D 443 48.13 10.93 7.29
N GLN D 444 48.94 11.37 8.25
CA GLN D 444 50.24 11.96 8.00
C GLN D 444 51.28 11.23 8.83
N GLN D 445 52.53 11.33 8.40
CA GLN D 445 53.63 10.72 9.12
C GLN D 445 54.25 11.72 10.09
N CYS D 446 54.67 11.22 11.25
CA CYS D 446 55.24 12.05 12.30
C CYS D 446 56.49 11.36 12.85
N GLN D 447 57.46 12.18 13.27
CA GLN D 447 58.73 11.70 13.78
C GLN D 447 58.78 11.89 15.29
N LEU D 448 59.13 10.82 16.01
CA LEU D 448 59.16 10.85 17.47
C LEU D 448 60.58 11.09 17.96
N VAL D 449 60.69 11.93 18.98
CA VAL D 449 61.97 12.23 19.60
C VAL D 449 62.34 11.10 20.55
N ASP D 450 63.64 10.77 20.59
CA ASP D 450 64.09 9.54 21.25
C ASP D 450 64.03 9.62 22.77
N ASP D 451 64.00 10.81 23.35
CA ASP D 451 64.08 10.96 24.79
C ASP D 451 62.71 11.11 25.46
N SER D 452 61.62 10.97 24.71
CA SER D 452 60.31 11.31 25.22
C SER D 452 59.50 10.07 25.58
N LEU D 453 58.37 10.32 26.24
CA LEU D 453 57.49 9.23 26.67
C LEU D 453 56.89 8.50 25.48
N VAL D 454 56.46 9.25 24.47
CA VAL D 454 55.74 8.64 23.35
C VAL D 454 56.64 7.70 22.56
N ARG D 455 57.95 7.93 22.59
CA ARG D 455 58.86 7.02 21.91
C ARG D 455 58.83 5.64 22.56
N GLN D 456 58.88 5.59 23.89
CA GLN D 456 58.78 4.31 24.57
C GLN D 456 57.38 3.74 24.53
N LEU D 457 56.36 4.59 24.34
CA LEU D 457 55.01 4.07 24.22
C LEU D 457 54.79 3.39 22.87
N TYR D 458 55.05 4.11 21.78
CA TYR D 458 54.88 3.53 20.46
C TYR D 458 55.93 2.49 20.14
N ASN D 459 57.14 2.65 20.68
CA ASN D 459 58.25 1.75 20.39
C ASN D 459 58.52 1.67 18.89
N ALA D 460 58.62 2.85 18.26
CA ALA D 460 58.88 2.96 16.83
C ALA D 460 59.48 4.33 16.57
N PRO D 461 60.39 4.46 15.60
CA PRO D 461 60.92 5.79 15.29
C PRO D 461 59.87 6.76 14.78
N THR D 462 58.86 6.28 14.05
CA THR D 462 57.87 7.13 13.44
C THR D 462 56.49 6.49 13.53
N ILE D 463 55.46 7.33 13.50
CA ILE D 463 54.07 6.90 13.60
C ILE D 463 53.25 7.60 12.52
N VAL D 464 52.07 7.05 12.26
CA VAL D 464 51.14 7.60 11.28
C VAL D 464 49.77 7.75 11.95
N GLU D 465 49.22 8.97 11.90
CA GLU D 465 47.95 9.26 12.54
C GLU D 465 47.16 10.23 11.66
N ARG D 466 45.92 10.49 12.05
CA ARG D 466 44.98 11.25 11.23
C ARG D 466 44.65 12.60 11.85
N HIS D 467 44.48 13.61 11.00
CA HIS D 467 44.29 14.99 11.40
C HIS D 467 42.96 15.53 10.90
N ARG D 468 42.33 16.41 11.69
CA ARG D 468 41.15 17.14 11.26
C ARG D 468 41.17 18.56 11.81
N HIS D 469 42.29 19.26 11.69
CA HIS D 469 42.44 20.56 12.29
C HIS D 469 42.82 21.61 11.25
N ARG D 470 42.65 22.87 11.62
CA ARG D 470 43.07 24.00 10.81
C ARG D 470 44.24 24.76 11.43
N TYR D 471 44.11 25.18 12.68
CA TYR D 471 45.13 25.99 13.32
C TYR D 471 46.26 25.13 13.86
N GLU D 472 47.48 25.65 13.77
CA GLU D 472 48.68 24.95 14.19
C GLU D 472 49.37 25.73 15.31
N VAL D 473 50.49 25.19 15.78
CA VAL D 473 51.29 25.84 16.82
C VAL D 473 52.30 26.75 16.15
N ASN D 474 52.37 27.99 16.62
CA ASN D 474 53.26 28.99 16.05
C ASN D 474 54.71 28.64 16.35
N ASN D 475 55.51 28.44 15.29
CA ASN D 475 56.91 28.11 15.49
C ASN D 475 57.72 29.32 15.93
N MET D 476 57.30 30.52 15.57
CA MET D 476 58.02 31.72 15.96
C MET D 476 58.05 31.88 17.48
N LEU D 477 56.93 31.63 18.13
CA LEU D 477 56.83 31.73 19.58
C LEU D 477 57.15 30.42 20.28
N LEU D 478 57.54 29.37 19.54
CA LEU D 478 57.74 28.07 20.14
C LEU D 478 59.05 28.00 20.94
N LYS D 479 60.08 28.72 20.49
CA LYS D 479 61.38 28.63 21.16
C LYS D 479 61.30 29.11 22.60
N GLN D 480 60.55 30.19 22.85
CA GLN D 480 60.43 30.70 24.21
C GLN D 480 59.73 29.69 25.12
N ILE D 481 58.66 29.07 24.64
CA ILE D 481 57.93 28.09 25.45
C ILE D 481 58.79 26.85 25.68
N GLU D 482 59.58 26.46 24.68
CA GLU D 482 60.51 25.35 24.84
C GLU D 482 61.55 25.66 25.91
N ASP D 483 62.07 26.90 25.90
CA ASP D 483 62.99 27.33 26.95
C ASP D 483 62.33 27.31 28.31
N ALA D 484 61.04 27.65 28.38
CA ALA D 484 60.32 27.65 29.64
C ALA D 484 60.21 26.25 30.25
N GLY D 485 60.35 25.20 29.43
CA GLY D 485 60.38 23.85 29.96
C GLY D 485 59.61 22.84 29.15
N LEU D 486 58.62 23.30 28.39
CA LEU D 486 57.81 22.39 27.59
C LEU D 486 58.65 21.76 26.48
N ARG D 487 58.54 20.45 26.35
CA ARG D 487 59.25 19.70 25.33
C ARG D 487 58.31 19.36 24.17
N VAL D 488 58.89 19.19 22.99
CA VAL D 488 58.18 18.79 21.78
C VAL D 488 58.56 17.35 21.47
N ALA D 489 57.55 16.49 21.31
CA ALA D 489 57.79 15.07 21.14
C ALA D 489 57.58 14.57 19.72
N GLY D 490 56.98 15.37 18.86
CA GLY D 490 56.76 14.94 17.49
C GLY D 490 56.66 16.14 16.57
N ARG D 491 57.05 15.92 15.31
CA ARG D 491 57.03 16.98 14.32
C ARG D 491 56.62 16.40 12.97
N SER D 492 56.21 17.29 12.08
CA SER D 492 55.74 16.90 10.75
C SER D 492 56.94 16.55 9.87
N GLY D 493 56.71 16.47 8.56
CA GLY D 493 57.76 16.06 7.65
C GLY D 493 58.47 17.19 6.93
N ASP D 494 57.74 18.23 6.54
CA ASP D 494 58.29 19.28 5.70
C ASP D 494 58.54 20.57 6.48
N ASP D 495 57.52 21.09 7.16
CA ASP D 495 57.63 22.35 7.88
C ASP D 495 57.90 22.16 9.37
N GLN D 496 58.11 20.92 9.80
CA GLN D 496 58.38 20.61 11.21
C GLN D 496 57.30 21.20 12.12
N LEU D 497 56.05 21.05 11.70
CA LEU D 497 54.93 21.44 12.54
C LEU D 497 54.89 20.58 13.79
N VAL D 498 54.61 21.20 14.93
CA VAL D 498 54.57 20.48 16.20
C VAL D 498 53.33 19.60 16.24
N GLU D 499 53.52 18.33 16.56
CA GLU D 499 52.42 17.38 16.67
C GLU D 499 52.20 16.87 18.08
N ILE D 500 53.27 16.63 18.84
CA ILE D 500 53.17 16.10 20.20
C ILE D 500 54.00 16.97 21.13
N ILE D 501 53.42 17.29 22.28
CA ILE D 501 54.14 18.00 23.35
C ILE D 501 54.02 17.19 24.63
N GLU D 502 54.85 17.54 25.60
CA GLU D 502 54.91 16.82 26.86
C GLU D 502 55.43 17.75 27.95
N VAL D 503 54.91 17.58 29.15
CA VAL D 503 55.41 18.25 30.34
C VAL D 503 56.40 17.31 31.02
N PRO D 504 57.65 17.72 31.24
CA PRO D 504 58.63 16.78 31.83
C PRO D 504 58.39 16.51 33.30
N ASN D 505 58.11 17.54 34.10
CA ASN D 505 57.95 17.39 35.55
C ASN D 505 56.53 16.97 35.91
N HIS D 506 56.06 15.89 35.30
CA HIS D 506 54.72 15.38 35.50
C HIS D 506 54.76 13.87 35.42
N PRO D 507 53.93 13.17 36.19
CA PRO D 507 53.86 11.71 36.03
C PRO D 507 53.42 11.28 34.65
N TRP D 508 52.41 11.93 34.08
CA TRP D 508 51.95 11.60 32.73
C TRP D 508 51.19 12.80 32.19
N PHE D 509 51.75 13.47 31.18
CA PHE D 509 51.14 14.68 30.61
C PHE D 509 51.50 14.72 29.13
N VAL D 510 50.61 14.18 28.30
CA VAL D 510 50.83 14.05 26.87
C VAL D 510 49.67 14.74 26.15
N ALA D 511 50.01 15.56 25.16
CA ALA D 511 49.04 16.20 24.29
C ALA D 511 49.46 15.99 22.85
N CYS D 512 48.47 15.72 21.99
CA CYS D 512 48.72 15.41 20.59
C CYS D 512 47.82 16.26 19.70
N GLN D 513 48.33 16.59 18.52
CA GLN D 513 47.58 17.38 17.57
C GLN D 513 46.62 16.53 16.72
N PHE D 514 46.88 15.23 16.60
CA PHE D 514 46.09 14.36 15.75
C PHE D 514 44.99 13.66 16.56
N HIS D 515 44.33 12.69 15.93
CA HIS D 515 43.25 11.92 16.57
C HIS D 515 43.67 10.47 16.71
N PRO D 516 44.10 10.03 17.90
CA PRO D 516 44.46 8.62 18.07
C PRO D 516 43.26 7.69 18.26
N GLU D 517 42.07 8.23 18.52
CA GLU D 517 40.91 7.38 18.75
C GLU D 517 40.38 6.77 17.46
N PHE D 518 40.78 7.28 16.31
CA PHE D 518 40.35 6.72 15.03
C PHE D 518 41.19 5.53 14.59
N THR D 519 42.00 4.97 15.50
CA THR D 519 42.82 3.81 15.15
C THR D 519 42.87 2.76 16.24
N SER D 520 42.09 2.89 17.31
CA SER D 520 42.08 1.90 18.38
C SER D 520 41.05 0.83 18.09
N THR D 521 41.41 -0.43 18.31
CA THR D 521 40.51 -1.55 18.11
C THR D 521 40.53 -2.46 19.33
N PRO D 522 39.40 -3.11 19.63
CA PRO D 522 39.35 -3.97 20.82
C PRO D 522 40.29 -5.17 20.75
N ARG D 523 40.76 -5.55 19.58
CA ARG D 523 41.65 -6.68 19.45
C ARG D 523 43.12 -6.29 19.42
N ASP D 524 43.43 -5.03 19.13
CA ASP D 524 44.80 -4.54 19.11
C ASP D 524 45.06 -3.42 20.09
N GLY D 525 44.09 -2.57 20.36
CA GLY D 525 44.27 -1.48 21.29
C GLY D 525 45.01 -0.30 20.67
N HIS D 526 45.64 0.47 21.53
CA HIS D 526 46.41 1.64 21.15
C HIS D 526 47.39 1.97 22.26
N PRO D 527 48.67 2.16 21.93
CA PRO D 527 49.67 2.39 23.00
C PRO D 527 49.40 3.62 23.84
N LEU D 528 48.91 4.69 23.22
CA LEU D 528 48.72 5.95 23.94
C LEU D 528 47.65 5.83 25.01
N PHE D 529 46.50 5.27 24.66
CA PHE D 529 45.42 5.13 25.63
C PHE D 529 45.73 4.07 26.67
N ALA D 530 46.46 3.02 26.29
CA ALA D 530 46.88 2.04 27.28
C ALA D 530 47.79 2.66 28.32
N GLY D 531 48.76 3.47 27.88
CA GLY D 531 49.62 4.16 28.82
C GLY D 531 48.87 5.15 29.68
N PHE D 532 47.92 5.87 29.08
CA PHE D 532 47.11 6.82 29.84
C PHE D 532 46.31 6.12 30.93
N VAL D 533 45.67 4.99 30.62
CA VAL D 533 44.88 4.28 31.61
C VAL D 533 45.79 3.66 32.68
N LYS D 534 46.96 3.17 32.28
CA LYS D 534 47.91 2.65 33.27
C LYS D 534 48.36 3.75 34.23
N ALA D 535 48.61 4.95 33.70
CA ALA D 535 48.96 6.08 34.55
C ALA D 535 47.82 6.41 35.51
N ALA D 536 46.58 6.35 35.04
CA ALA D 536 45.44 6.59 35.92
C ALA D 536 45.41 5.57 37.05
N SER D 537 45.64 4.30 36.73
CA SER D 537 45.64 3.26 37.77
C SER D 537 46.75 3.51 38.79
N GLU D 538 47.94 3.85 38.31
CA GLU D 538 49.04 4.13 39.23
C GLU D 538 48.76 5.33 40.11
N PHE D 539 48.14 6.36 39.54
CA PHE D 539 47.78 7.54 40.33
C PHE D 539 46.77 7.19 41.41
N GLN D 540 45.77 6.37 41.09
CA GLN D 540 44.80 5.99 42.12
C GLN D 540 45.46 5.14 43.20
N LYS D 541 46.35 4.22 42.81
CA LYS D 541 47.06 3.44 43.82
C LYS D 541 47.89 4.33 44.73
N ARG D 542 48.56 5.33 44.16
CA ARG D 542 49.28 6.29 44.99
C ARG D 542 48.31 7.10 45.85
N GLN D 543 47.21 7.57 45.27
CA GLN D 543 46.22 8.38 45.99
C GLN D 543 45.15 7.43 46.53
N ALA D 544 45.48 6.80 47.65
CA ALA D 544 44.60 5.79 48.25
C ALA D 544 44.11 6.26 49.61
N9 ADE E . -10.51 -13.35 -24.57
C8 ADE E . -9.37 -13.77 -23.95
N7 ADE E . -8.27 -13.52 -24.62
C5 ADE E . -8.72 -12.89 -25.76
C6 ADE E . -8.05 -12.37 -26.89
N6 ADE E . -6.72 -12.42 -27.03
N1 ADE E . -8.80 -11.81 -27.86
C2 ADE E . -10.12 -11.77 -27.71
N3 ADE E . -10.87 -12.23 -26.70
C4 ADE E . -10.09 -12.78 -25.75
N ONL F . -39.06 -25.05 -16.41
CA ONL F . -38.97 -26.22 -17.25
C ONL F . -38.70 -27.50 -16.47
O ONL F . -38.87 -28.66 -16.82
OXT ONL F . -38.21 -27.30 -15.21
CB ONL F . -37.87 -26.07 -18.32
CG ONL F . -36.53 -25.82 -17.68
CD ONL F . -35.39 -25.89 -18.66
OD ONL F . -35.12 -24.98 -19.44
CE ONL F . -34.60 -27.16 -18.59
N1 CTP G . 9.20 6.79 -12.43
C2 CTP G . 9.02 6.79 -11.08
N3 CTP G . 8.76 5.64 -10.39
C4 CTP G . 8.78 4.43 -11.06
C5 CTP G . 8.95 4.42 -12.43
C6 CTP G . 9.00 5.63 -13.13
O2 CTP G . 9.08 7.85 -10.46
N4 CTP G . 8.64 3.30 -10.38
C1' CTP G . 9.24 8.07 -13.14
C2' CTP G . 10.48 8.19 -14.00
O2' CTP G . 11.52 8.81 -13.29
C3' CTP G . 10.03 9.05 -15.15
C4' CTP G . 8.51 8.94 -15.16
O4' CTP G . 8.14 8.21 -14.02
O3' CTP G . 10.39 10.39 -14.92
C5' CTP G . 8.06 8.22 -16.42
O5' CTP G . 6.83 8.72 -16.86
PA CTP G . 5.73 7.68 -17.36
O1A CTP G . 5.60 7.75 -18.85
O2A CTP G . 4.40 7.88 -16.69
O3A CTP G . 6.42 6.28 -16.96
PB CTP G . 6.45 5.03 -17.96
O1B CTP G . 7.33 3.96 -17.36
O2B CTP G . 6.94 5.43 -19.34
O3B CTP G . 4.91 4.59 -17.97
PG CTP G . 4.07 4.34 -19.31
O1G CTP G . 4.26 5.49 -20.25
O2G CTP G . 4.49 3.07 -19.99
O3G CTP G . 2.62 4.26 -18.94
MG MG H . 6.67 6.92 -20.73
N1 CTP I . -15.29 -5.49 -4.61
C2 CTP I . -14.30 -5.68 -3.69
N3 CTP I . -13.61 -4.60 -3.17
C4 CTP I . -14.00 -3.33 -3.51
C5 CTP I . -14.98 -3.15 -4.46
C6 CTP I . -15.51 -4.25 -5.12
O2 CTP I . -14.01 -6.81 -3.34
N4 CTP I . -13.40 -2.30 -2.93
C1' CTP I . -15.83 -6.68 -5.30
C2' CTP I . -17.34 -6.74 -5.20
O2' CTP I . -17.73 -7.50 -4.07
C3' CTP I . -17.76 -7.41 -6.48
C4' CTP I . -16.58 -7.23 -7.42
O4' CTP I . -15.54 -6.64 -6.68
O3' CTP I . -17.96 -8.79 -6.26
C5' CTP I . -16.99 -6.33 -8.57
O5' CTP I . -16.34 -6.71 -9.76
PA CTP I . -15.75 -5.55 -10.69
O1A CTP I . -16.60 -5.43 -11.92
O2A CTP I . -14.31 -5.77 -11.04
O3A CTP I . -15.97 -4.27 -9.76
PB CTP I . -16.57 -2.90 -10.33
O1B CTP I . -16.80 -1.96 -9.19
O2B CTP I . -17.82 -3.13 -11.14
O3B CTP I . -15.35 -2.38 -11.25
PG CTP I . -15.53 -1.91 -12.78
O1G CTP I . -16.33 -2.94 -13.53
O2G CTP I . -16.23 -0.58 -12.86
O3G CTP I . -14.17 -1.81 -13.40
MG MG J . -18.57 -4.40 -12.58
N9 ADE K . -6.71 17.00 -23.63
C8 ADE K . -7.18 17.28 -22.38
N7 ADE K . -8.47 17.06 -22.24
C5 ADE K . -8.87 16.62 -23.48
C6 ADE K . -10.13 16.22 -23.98
N6 ADE K . -11.24 16.22 -23.26
N1 ADE K . -10.18 15.83 -25.27
C2 ADE K . -9.06 15.83 -26.00
N3 ADE K . -7.82 16.19 -25.64
C4 ADE K . -7.80 16.57 -24.35
N ONL L . 21.11 28.85 -33.83
CA ONL L . 20.57 30.12 -34.26
C ONL L . 20.91 31.27 -33.32
O ONL L . 20.88 32.47 -33.53
OXT ONL L . 21.32 30.87 -32.09
CB ONL L . 19.04 30.06 -34.40
CG ONL L . 18.39 29.66 -33.10
CD ONL L . 16.89 29.81 -33.12
OD ONL L . 16.15 29.00 -33.67
CE ONL L . 16.38 31.02 -32.41
N9 ADE M . -5.75 -0.95 29.30
C8 ADE M . -6.26 0.03 28.49
N7 ADE M . -5.73 1.21 28.69
C5 ADE M . -4.81 1.00 29.70
C6 ADE M . -3.91 1.85 30.37
N6 ADE M . -3.80 3.16 30.09
N1 ADE M . -3.13 1.32 31.33
C2 ADE M . -3.25 0.01 31.60
N3 ADE M . -4.06 -0.89 31.04
C4 ADE M . -4.81 -0.33 30.09
N ONL N . -21.57 -28.26 34.03
CA ONL N . -22.41 -27.75 35.10
C ONL N . -23.84 -27.49 34.65
O ONL N . -24.85 -27.36 35.34
OXT ONL N . -24.01 -27.41 33.31
CB ONL N . -21.85 -26.44 35.68
CG ONL N . -21.71 -25.39 34.61
CD ONL N . -21.39 -24.04 35.16
OD ONL N . -20.26 -23.71 35.54
CE ONL N . -22.55 -23.09 35.20
N1 CTP O . 11.02 10.99 6.55
C2 CTP O . 10.59 10.44 5.37
N3 CTP O . 9.25 10.22 5.15
C4 CTP O . 8.34 10.62 6.09
C5 CTP O . 8.76 11.15 7.28
C6 CTP O . 10.12 11.18 7.57
O2 CTP O . 11.41 10.16 4.51
N4 CTP O . 7.04 10.49 5.82
C1' CTP O . 12.46 11.01 6.84
C2' CTP O . 12.94 12.40 7.20
O2' CTP O . 13.38 13.09 6.06
C3' CTP O . 14.08 12.15 8.15
C4' CTP O . 13.86 10.73 8.66
O4' CTP O . 12.78 10.19 7.94
O3' CTP O . 15.31 12.20 7.45
C5' CTP O . 13.54 10.77 10.14
O5' CTP O . 14.06 9.65 10.79
PA CTP O . 13.14 8.92 11.87
O1A CTP O . 13.66 9.19 13.25
O2A CTP O . 13.02 7.44 11.63
O3A CTP O . 11.75 9.69 11.68
PB CTP O . 10.88 10.21 12.92
O1B CTP O . 9.75 11.04 12.40
O2B CTP O . 11.72 10.98 13.90
O3B CTP O . 10.34 8.83 13.53
PG CTP O . 10.46 8.44 15.08
O1G CTP O . 11.86 8.69 15.56
O2G CTP O . 9.50 9.24 15.91
O3G CTP O . 10.16 6.98 15.22
MG MG P . 13.55 10.85 14.85
N1 CTP Q . -4.93 -12.28 10.49
C2 CTP Q . -5.32 -11.57 9.39
N3 CTP Q . -4.41 -11.24 8.41
C4 CTP Q . -3.13 -11.72 8.49
C5 CTP Q . -2.73 -12.43 9.61
C6 CTP Q . -3.61 -12.57 10.67
O2 CTP Q . -6.48 -11.20 9.28
N4 CTP Q . -2.29 -11.49 7.49
C1' CTP Q . -5.87 -12.41 11.61
C2' CTP Q . -6.09 -13.85 11.99
O2' CTP Q . -7.18 -14.41 11.31
C3' CTP Q . -6.35 -13.78 13.49
C4' CTP Q . -5.80 -12.44 13.92
O4' CTP Q . -5.39 -11.76 12.77
O3' CTP Q . -7.73 -13.81 13.73
C5' CTP Q . -4.61 -12.66 14.85
O5' CTP Q . -4.55 -11.66 15.83
PA CTP Q . -3.12 -11.04 16.17
O1A CTP Q . -2.68 -11.53 17.52
O2A CTP Q . -3.11 -9.54 16.10
O3A CTP Q . -2.20 -11.71 15.04
PB CTP Q . -0.78 -12.36 15.37
O1B CTP Q . -0.26 -13.05 14.15
O2B CTP Q . -0.85 -13.28 16.56
O3B CTP Q . 0.10 -11.04 15.69
PG CTP Q . 1.00 -10.86 17.00
O1G CTP Q . 0.20 -11.24 18.22
O2G CTP Q . 2.23 -11.73 16.93
O3G CTP Q . 1.39 -9.43 17.11
MG MG R . -1.65 -13.37 18.45
N9 ADE S . 22.97 -2.70 18.91
C8 ADE S . 22.81 -3.53 17.84
N7 ADE S . 22.46 -4.76 18.17
C5 ADE S . 22.40 -4.73 19.54
C6 ADE S . 22.09 -5.70 20.50
N6 ADE S . 21.77 -6.96 20.20
N1 ADE S . 22.12 -5.33 21.80
C2 ADE S . 22.44 -4.08 22.11
N3 ADE S . 22.76 -3.07 21.31
C4 ADE S . 22.72 -3.47 20.02
N ONL T . 39.52 24.46 16.19
CA ONL T . 40.81 23.85 16.41
C ONL T . 41.63 23.72 15.14
O ONL T . 42.84 23.55 15.01
OXT ONL T . 40.91 23.83 14.00
CB ONL T . 40.68 22.45 17.04
CG ONL T . 39.85 21.55 16.17
CD ONL T . 39.89 20.12 16.61
OD ONL T . 39.23 19.69 17.57
CE ONL T . 40.76 19.23 15.79
#